data_8RD9
#
_entry.id   8RD9
#
loop_
_entity.id
_entity.type
_entity.pdbx_description
1 polymer 'Transient receptor potential cation channel subfamily M member 4'
2 non-polymer '4-chloranyl-2-(2-naphthalen-1-yloxyethanoylamino)benzoic acid'
3 non-polymer CHOLESTEROL
#
_entity_poly.entity_id   1
_entity_poly.type   'polypeptide(L)'
_entity_poly.pdbx_seq_one_letter_code
;WRSFHLEASLMDALLNDRPEFVRLLISHGLSLGHFLTPMRLAQLYSAAPSNSLIRNLLDQASHSAGTKAPALKGGAAELR
PPDVGHVLRMLLGKMCAPRYPSGGAWDPHPGQGFGESMYLLSDKATSPLSLDAGLGQAPWSDLLLWALLLNRAQMAMYFW
EMGSNAVSSALGACLLLRVMARLEPDAEEAARRKDLAFKFEGMGVDLFGECYRSSEVRAARLLLRRCPLWGDATCLQLAM
QADARAFFAQDGVQSLLTQKWWGDMASTTPIWALVLAFFCPPLIYTRLITFRKSEEEPTREELEFDMDSVINGEGPVGTA
DPAEKTPLGVPRQSGRPGCCGGRCGGRRCLRRWFHFWGAPVTIFMGNVVSYLLFLLLFSRVLLVDFQPAPPGSLELLLYF
WAFTLLCEELRQGLSGGGGSLASGGPGPGHASLSQRLRLYLADSWNQCDLVALTCFLLGVGCRLTPGLYHLGRTVLCIDF
MVFTVRLLHIFTVNKQLGPKIVIVSKMMKDVFFFLFFLGVWLVAYGVATEGLLRPRDSDFPSILRRVFYRPYLQIFGQIP
QEDMDVALMEHSNCSSEPGFWAHPPGAQAGTCVSQYANWLVVLLLVIFLLVANILLVNLLIAMFSYTFGKVQGNSDLYWK
AQRYRLIREFHSRPALAPPFIVISHLRLLLRQLCRRPRSPQPSSPALEHFRVYLSKEAERKLLTWESVHKENFLLARARD
KRESDSERLKRTSQKVDLALKQLGHIREY
;
_entity_poly.pdbx_strand_id   A,E,C,D
#
# COMPACT_ATOMS: atom_id res chain seq x y z
N TRP A 1 8.50 40.14 -52.92
CA TRP A 1 9.72 40.21 -52.14
C TRP A 1 10.89 39.53 -52.85
N ARG A 2 12.08 40.07 -52.68
CA ARG A 2 13.26 39.57 -53.38
C ARG A 2 14.11 38.69 -52.46
N SER A 3 15.10 38.03 -53.08
CA SER A 3 15.93 37.08 -52.36
C SER A 3 16.72 37.75 -51.25
N PHE A 4 17.34 38.90 -51.56
CA PHE A 4 18.13 39.60 -50.54
C PHE A 4 17.24 40.12 -49.42
N HIS A 5 16.06 40.62 -49.74
CA HIS A 5 15.14 41.10 -48.70
C HIS A 5 14.72 39.96 -47.78
N LEU A 6 14.39 38.80 -48.34
CA LEU A 6 14.05 37.66 -47.51
C LEU A 6 15.24 37.17 -46.69
N GLU A 7 16.45 37.20 -47.27
CA GLU A 7 17.64 36.80 -46.54
C GLU A 7 17.91 37.72 -45.36
N ALA A 8 17.72 39.03 -45.56
CA ALA A 8 17.90 39.99 -44.47
C ALA A 8 16.83 39.80 -43.39
N SER A 9 15.59 39.54 -43.81
CA SER A 9 14.53 39.26 -42.84
C SER A 9 14.87 38.03 -42.01
N LEU A 10 15.38 36.97 -42.65
CA LEU A 10 15.77 35.77 -41.91
C LEU A 10 16.98 36.04 -41.03
N MET A 11 17.89 36.91 -41.47
CA MET A 11 19.03 37.33 -40.65
C MET A 11 18.55 37.96 -39.34
N ASP A 12 17.61 38.91 -39.46
CA ASP A 12 17.08 39.55 -38.25
C ASP A 12 16.28 38.56 -37.41
N ALA A 13 15.54 37.67 -38.06
CA ALA A 13 14.76 36.65 -37.36
C ALA A 13 15.61 35.60 -36.67
N LEU A 14 16.87 35.45 -37.07
CA LEU A 14 17.80 34.60 -36.34
C LEU A 14 18.54 35.35 -35.25
N LEU A 15 18.87 36.63 -35.49
CA LEU A 15 19.51 37.41 -34.44
C LEU A 15 18.58 37.60 -33.24
N ASN A 16 17.30 37.90 -33.50
CA ASN A 16 16.31 37.99 -32.45
C ASN A 16 15.42 36.75 -32.46
N ASP A 17 14.71 36.54 -31.35
CA ASP A 17 13.92 35.33 -31.21
C ASP A 17 12.79 35.25 -32.25
N ARG A 18 11.77 36.11 -32.08
CA ARG A 18 10.57 36.27 -32.91
C ARG A 18 10.18 34.96 -33.61
N PRO A 19 9.79 33.95 -32.83
CA PRO A 19 9.53 32.62 -33.41
C PRO A 19 8.43 32.61 -34.45
N GLU A 20 7.41 33.46 -34.30
CA GLU A 20 6.34 33.52 -35.30
C GLU A 20 6.88 34.03 -36.64
N PHE A 21 7.73 35.06 -36.59
CA PHE A 21 8.36 35.55 -37.82
C PHE A 21 9.25 34.47 -38.43
N VAL A 22 9.99 33.74 -37.60
CA VAL A 22 10.81 32.64 -38.12
C VAL A 22 9.93 31.60 -38.81
N ARG A 23 8.83 31.22 -38.15
CA ARG A 23 7.93 30.23 -38.69
C ARG A 23 7.38 30.66 -40.04
N LEU A 24 6.90 31.91 -40.13
CA LEU A 24 6.34 32.37 -41.40
C LEU A 24 7.41 32.45 -42.48
N LEU A 25 8.63 32.87 -42.12
CA LEU A 25 9.68 32.99 -43.12
C LEU A 25 10.03 31.64 -43.73
N ILE A 26 10.32 30.63 -42.89
CA ILE A 26 10.64 29.32 -43.48
C ILE A 26 9.41 28.68 -44.11
N SER A 27 8.20 28.95 -43.61
CA SER A 27 7.01 28.39 -44.25
C SER A 27 6.85 28.94 -45.68
N HIS A 28 7.11 30.23 -45.86
CA HIS A 28 7.01 30.82 -47.19
C HIS A 28 8.13 30.38 -48.12
N GLY A 29 9.24 29.87 -47.59
CA GLY A 29 10.29 29.32 -48.40
C GLY A 29 11.49 30.22 -48.59
N LEU A 30 12.68 29.70 -48.24
CA LEU A 30 13.93 30.41 -48.43
C LEU A 30 14.90 29.61 -49.29
N SER A 31 16.13 30.10 -49.43
CA SER A 31 17.13 29.41 -50.25
C SER A 31 17.76 28.24 -49.50
N LEU A 32 18.33 28.52 -48.32
CA LEU A 32 18.96 27.52 -47.46
C LEU A 32 20.19 26.93 -48.13
N GLY A 33 20.52 27.40 -49.33
CA GLY A 33 21.72 26.94 -50.02
C GLY A 33 22.72 28.06 -50.17
N HIS A 34 22.24 29.30 -50.22
CA HIS A 34 23.09 30.48 -50.24
C HIS A 34 22.99 31.29 -48.96
N PHE A 35 22.13 30.88 -48.02
CA PHE A 35 21.97 31.55 -46.74
C PHE A 35 23.01 31.10 -45.72
N LEU A 36 23.77 30.05 -46.01
CA LEU A 36 24.66 29.43 -45.04
C LEU A 36 26.14 29.62 -45.42
N THR A 37 26.49 30.82 -45.90
CA THR A 37 27.88 31.10 -46.20
C THR A 37 28.67 31.20 -44.91
N PRO A 38 30.00 30.95 -44.96
CA PRO A 38 30.80 31.03 -43.73
C PRO A 38 30.75 32.40 -43.05
N MET A 39 30.66 33.49 -43.81
CA MET A 39 30.55 34.81 -43.19
C MET A 39 29.26 34.94 -42.41
N ARG A 40 28.15 34.45 -42.97
CA ARG A 40 26.89 34.46 -42.23
C ARG A 40 26.98 33.57 -40.99
N LEU A 41 27.56 32.38 -41.13
CA LEU A 41 27.77 31.55 -39.95
C LEU A 41 28.59 32.29 -38.90
N ALA A 42 29.53 33.12 -39.35
CA ALA A 42 30.36 33.89 -38.43
C ALA A 42 29.53 34.88 -37.63
N GLN A 43 28.66 35.66 -38.30
CA GLN A 43 27.91 36.63 -37.50
C GLN A 43 26.83 35.93 -36.67
N LEU A 44 26.34 34.78 -37.12
CA LEU A 44 25.44 34.00 -36.27
C LEU A 44 26.15 33.54 -34.99
N TYR A 45 27.39 33.08 -35.11
CA TYR A 45 28.13 32.65 -33.93
C TYR A 45 28.52 33.83 -33.05
N SER A 46 28.74 35.00 -33.65
CA SER A 46 29.11 36.19 -32.89
C SER A 46 27.96 36.77 -32.07
N ALA A 47 26.73 36.28 -32.26
CA ALA A 47 25.58 36.82 -31.58
C ALA A 47 25.47 36.37 -30.13
N ALA A 48 26.36 35.49 -29.67
CA ALA A 48 26.28 34.99 -28.31
C ALA A 48 26.51 36.14 -27.31
N PRO A 49 25.79 36.15 -26.19
CA PRO A 49 26.01 37.20 -25.19
C PRO A 49 27.41 37.13 -24.59
N SER A 50 27.93 38.31 -24.25
CA SER A 50 29.27 38.37 -23.65
C SER A 50 29.28 37.71 -22.28
N ASN A 51 28.29 37.98 -21.44
CA ASN A 51 28.20 37.39 -20.11
C ASN A 51 27.39 36.09 -20.13
N SER A 52 27.82 35.15 -20.98
CA SER A 52 27.13 33.87 -21.10
C SER A 52 28.15 32.72 -21.00
N LEU A 53 27.68 31.50 -21.24
CA LEU A 53 28.54 30.31 -21.19
C LEU A 53 28.99 29.86 -22.57
N ILE A 54 28.80 30.69 -23.58
CA ILE A 54 29.14 30.35 -24.96
C ILE A 54 30.32 31.16 -25.48
N ARG A 55 30.32 32.47 -25.21
CA ARG A 55 31.41 33.32 -25.69
C ARG A 55 32.73 32.94 -25.04
N ASN A 56 32.73 32.67 -23.73
CA ASN A 56 33.95 32.27 -23.05
C ASN A 56 34.47 30.95 -23.59
N LEU A 57 33.57 29.98 -23.82
CA LEU A 57 34.00 28.70 -24.37
C LEU A 57 34.55 28.86 -25.79
N LEU A 58 33.92 29.74 -26.59
CA LEU A 58 34.42 29.99 -27.94
C LEU A 58 35.81 30.61 -27.90
N ASP A 59 36.03 31.56 -27.00
CA ASP A 59 37.35 32.16 -26.87
C ASP A 59 38.37 31.14 -26.40
N GLN A 60 37.99 30.27 -25.47
CA GLN A 60 38.90 29.22 -25.01
C GLN A 60 39.25 28.27 -26.14
N ALA A 61 38.27 27.88 -26.95
CA ALA A 61 38.54 27.02 -28.10
C ALA A 61 39.45 27.70 -29.12
N SER A 62 39.22 28.99 -29.36
CA SER A 62 40.07 29.73 -30.29
C SER A 62 41.50 29.81 -29.78
N HIS A 63 41.68 30.05 -28.49
CA HIS A 63 43.01 30.14 -27.90
C HIS A 63 43.68 28.78 -27.76
N SER A 64 42.90 27.69 -27.78
CA SER A 64 43.46 26.35 -27.68
C SER A 64 44.21 25.97 -28.94
N VAL A 84 32.55 15.05 -26.76
CA VAL A 84 32.10 16.43 -26.66
C VAL A 84 33.23 17.39 -27.01
N GLY A 85 34.42 17.11 -26.48
CA GLY A 85 35.56 17.97 -26.75
C GLY A 85 35.90 18.03 -28.23
N HIS A 86 35.81 16.89 -28.92
CA HIS A 86 36.05 16.88 -30.35
C HIS A 86 35.05 17.77 -31.09
N VAL A 87 33.81 17.82 -30.62
CA VAL A 87 32.82 18.72 -31.22
C VAL A 87 33.27 20.18 -31.06
N LEU A 88 33.76 20.53 -29.87
CA LEU A 88 34.24 21.89 -29.64
C LEU A 88 35.43 22.21 -30.53
N ARG A 89 36.34 21.25 -30.71
CA ARG A 89 37.46 21.48 -31.61
C ARG A 89 36.98 21.68 -33.04
N MET A 90 36.02 20.87 -33.50
CA MET A 90 35.53 20.99 -34.87
C MET A 90 34.84 22.33 -35.10
N LEU A 91 34.00 22.76 -34.14
CA LEU A 91 33.26 24.00 -34.33
C LEU A 91 34.18 25.20 -34.17
N LEU A 92 34.00 26.18 -35.05
CA LEU A 92 34.78 27.42 -35.02
C LEU A 92 33.86 28.60 -35.26
N GLY A 93 34.27 29.77 -34.78
CA GLY A 93 33.49 30.97 -34.93
C GLY A 93 33.36 31.45 -36.37
N PRO A 139 22.48 21.13 -43.77
CA PRO A 139 22.13 22.55 -43.81
C PRO A 139 21.30 22.99 -42.60
N TRP A 140 20.40 22.13 -42.15
CA TRP A 140 19.69 22.39 -40.90
C TRP A 140 20.54 22.09 -39.67
N SER A 141 21.58 21.28 -39.82
CA SER A 141 22.35 20.82 -38.66
C SER A 141 23.09 21.98 -37.99
N ASP A 142 23.68 22.87 -38.78
CA ASP A 142 24.43 23.98 -38.20
C ASP A 142 23.51 24.92 -37.42
N LEU A 143 22.34 25.23 -37.99
CA LEU A 143 21.37 26.04 -37.28
C LEU A 143 20.89 25.34 -36.01
N LEU A 144 20.67 24.03 -36.10
CA LEU A 144 20.25 23.26 -34.93
C LEU A 144 21.28 23.37 -33.82
N LEU A 145 22.55 23.09 -34.13
CA LEU A 145 23.58 23.14 -33.10
C LEU A 145 23.78 24.56 -32.57
N TRP A 146 23.63 25.57 -33.44
CA TRP A 146 23.70 26.95 -32.97
C TRP A 146 22.60 27.25 -31.98
N ALA A 147 21.38 26.78 -32.25
CA ALA A 147 20.27 26.99 -31.32
C ALA A 147 20.53 26.26 -30.00
N LEU A 148 21.02 25.03 -30.07
CA LEU A 148 21.28 24.26 -28.85
C LEU A 148 22.36 24.93 -28.00
N LEU A 149 23.45 25.37 -28.61
CA LEU A 149 24.47 26.07 -27.83
C LEU A 149 23.93 27.38 -27.28
N LEU A 150 23.14 28.10 -28.08
CA LEU A 150 22.51 29.33 -27.62
C LEU A 150 21.31 29.07 -26.71
N ASN A 151 20.94 27.80 -26.52
CA ASN A 151 19.82 27.41 -25.65
C ASN A 151 18.50 27.99 -26.15
N ARG A 152 18.34 28.09 -27.46
CA ARG A 152 17.11 28.60 -28.07
C ARG A 152 16.17 27.43 -28.34
N ALA A 153 15.18 27.26 -27.45
CA ALA A 153 14.35 26.06 -27.49
C ALA A 153 13.47 26.01 -28.73
N GLN A 154 12.78 27.10 -29.03
CA GLN A 154 11.84 27.11 -30.15
C GLN A 154 12.56 26.88 -31.47
N MET A 155 13.63 27.62 -31.72
CA MET A 155 14.39 27.43 -32.95
C MET A 155 15.05 26.06 -32.98
N ALA A 156 15.47 25.54 -31.83
CA ALA A 156 16.02 24.18 -31.79
C ALA A 156 15.00 23.17 -32.27
N MET A 157 13.78 23.24 -31.73
CA MET A 157 12.73 22.31 -32.15
C MET A 157 12.37 22.51 -33.62
N TYR A 158 12.32 23.76 -34.07
CA TYR A 158 11.99 24.02 -35.46
C TYR A 158 13.04 23.45 -36.41
N PHE A 159 14.31 23.65 -36.07
CA PHE A 159 15.38 23.10 -36.90
C PHE A 159 15.37 21.58 -36.86
N TRP A 160 15.02 21.01 -35.69
CA TRP A 160 14.83 19.57 -35.60
C TRP A 160 13.83 19.10 -36.65
N GLU A 161 12.64 19.68 -36.61
CA GLU A 161 11.53 19.20 -37.42
C GLU A 161 11.68 19.55 -38.89
N MET A 162 12.49 20.55 -39.22
CA MET A 162 12.77 20.87 -40.61
C MET A 162 13.98 20.14 -41.16
N GLY A 163 14.83 19.57 -40.29
CA GLY A 163 16.03 18.92 -40.74
C GLY A 163 15.85 17.42 -41.00
N SER A 164 16.93 16.80 -41.43
CA SER A 164 16.97 15.37 -41.72
C SER A 164 17.62 14.62 -40.57
N ASN A 165 17.70 13.30 -40.72
CA ASN A 165 18.22 12.38 -39.69
C ASN A 165 17.75 12.80 -38.30
N ALA A 166 16.43 12.88 -38.17
CA ALA A 166 15.83 13.53 -37.01
C ALA A 166 16.18 12.82 -35.70
N VAL A 167 16.12 11.49 -35.69
CA VAL A 167 16.38 10.74 -34.46
C VAL A 167 17.83 10.96 -34.02
N SER A 168 18.77 10.85 -34.94
CA SER A 168 20.18 11.04 -34.59
C SER A 168 20.44 12.47 -34.14
N SER A 169 19.83 13.45 -34.82
CA SER A 169 20.01 14.84 -34.44
C SER A 169 19.46 15.09 -33.04
N ALA A 170 18.29 14.52 -32.74
CA ALA A 170 17.72 14.68 -31.41
C ALA A 170 18.61 14.03 -30.34
N LEU A 171 19.14 12.84 -30.62
CA LEU A 171 20.03 12.20 -29.66
C LEU A 171 21.29 13.02 -29.43
N GLY A 172 21.88 13.55 -30.50
CA GLY A 172 23.06 14.38 -30.33
C GLY A 172 22.76 15.65 -29.56
N ALA A 173 21.62 16.28 -29.83
CA ALA A 173 21.22 17.46 -29.09
C ALA A 173 21.03 17.15 -27.62
N CYS A 174 20.40 16.01 -27.32
CA CYS A 174 20.22 15.62 -25.92
C CYS A 174 21.55 15.39 -25.23
N LEU A 175 22.49 14.74 -25.92
CA LEU A 175 23.81 14.50 -25.33
C LEU A 175 24.53 15.82 -25.06
N LEU A 176 24.48 16.75 -26.03
CA LEU A 176 25.12 18.03 -25.84
C LEU A 176 24.47 18.81 -24.70
N LEU A 177 23.15 18.72 -24.57
CA LEU A 177 22.49 19.39 -23.45
C LEU A 177 22.88 18.76 -22.12
N ARG A 178 22.99 17.43 -22.08
CA ARG A 178 23.52 16.77 -20.88
C ARG A 178 24.88 17.35 -20.48
N VAL A 179 25.82 17.39 -21.43
CA VAL A 179 27.18 17.79 -21.06
C VAL A 179 27.22 19.28 -20.71
N MET A 180 26.50 20.11 -21.45
CA MET A 180 26.50 21.54 -21.16
C MET A 180 25.82 21.84 -19.83
N ALA A 181 24.72 21.15 -19.52
CA ALA A 181 24.06 21.35 -18.23
C ALA A 181 24.93 20.87 -17.09
N ARG A 182 25.67 19.77 -17.29
CA ARG A 182 26.60 19.32 -16.27
C ARG A 182 27.72 20.34 -16.07
N LEU A 183 28.14 21.01 -17.14
CA LEU A 183 29.16 22.04 -17.04
C LEU A 183 28.61 23.40 -16.61
N GLU A 184 27.29 23.55 -16.53
CA GLU A 184 26.71 24.84 -16.19
C GLU A 184 27.00 25.21 -14.74
N PRO A 185 27.46 26.43 -14.48
CA PRO A 185 27.72 26.86 -13.10
C PRO A 185 26.47 27.36 -12.40
N ASP A 186 25.47 27.78 -13.16
CA ASP A 186 24.27 28.41 -12.62
C ASP A 186 23.05 27.48 -12.69
N ALA A 187 22.32 27.42 -11.58
CA ALA A 187 21.24 26.44 -11.43
C ALA A 187 20.09 26.72 -12.37
N GLU A 188 19.74 27.99 -12.59
CA GLU A 188 18.60 28.31 -13.45
C GLU A 188 18.87 27.89 -14.89
N GLU A 189 20.06 28.20 -15.41
CA GLU A 189 20.41 27.77 -16.75
C GLU A 189 20.50 26.26 -16.83
N ALA A 190 21.07 25.62 -15.81
CA ALA A 190 21.13 24.16 -15.81
C ALA A 190 19.73 23.55 -15.87
N ALA A 191 18.79 24.11 -15.08
CA ALA A 191 17.44 23.57 -15.04
C ALA A 191 16.71 23.80 -16.35
N ARG A 192 16.81 25.00 -16.94
CA ARG A 192 16.15 25.22 -18.21
C ARG A 192 16.72 24.32 -19.30
N ARG A 193 18.06 24.20 -19.35
CA ARG A 193 18.68 23.33 -20.35
C ARG A 193 18.23 21.89 -20.17
N LYS A 194 18.17 21.41 -18.92
CA LYS A 194 17.81 20.02 -18.68
C LYS A 194 16.33 19.75 -18.98
N ASP A 195 15.44 20.69 -18.66
CA ASP A 195 14.02 20.46 -18.97
C ASP A 195 13.76 20.48 -20.46
N LEU A 196 14.40 21.41 -21.19
CA LEU A 196 14.38 21.31 -22.64
C LEU A 196 14.86 19.94 -23.08
N ALA A 197 15.97 19.47 -22.52
CA ALA A 197 16.54 18.20 -22.93
C ALA A 197 15.57 17.05 -22.68
N PHE A 198 14.88 17.04 -21.53
CA PHE A 198 13.91 15.97 -21.29
C PHE A 198 12.76 16.03 -22.29
N LYS A 199 12.29 17.23 -22.63
CA LYS A 199 11.22 17.22 -23.63
C LYS A 199 11.75 16.72 -24.97
N PHE A 200 13.03 16.98 -25.25
CA PHE A 200 13.64 16.41 -26.47
C PHE A 200 13.73 14.88 -26.41
N GLU A 201 14.09 14.30 -25.27
CA GLU A 201 14.07 12.84 -25.23
C GLU A 201 12.65 12.31 -25.43
N GLY A 202 11.66 13.00 -24.87
CA GLY A 202 10.28 12.56 -25.04
C GLY A 202 9.86 12.58 -26.50
N MET A 203 10.10 13.71 -27.18
CA MET A 203 9.73 13.82 -28.59
C MET A 203 10.53 12.86 -29.47
N GLY A 204 11.81 12.66 -29.16
CA GLY A 204 12.61 11.73 -29.95
C GLY A 204 12.14 10.30 -29.81
N VAL A 205 11.78 9.89 -28.60
CA VAL A 205 11.29 8.52 -28.45
C VAL A 205 9.90 8.39 -29.07
N ASP A 206 9.10 9.45 -29.05
CA ASP A 206 7.82 9.39 -29.76
C ASP A 206 8.03 9.20 -31.25
N LEU A 207 8.99 9.94 -31.82
CA LEU A 207 9.32 9.77 -33.24
C LEU A 207 9.80 8.37 -33.53
N PHE A 208 10.68 7.83 -32.68
CA PHE A 208 11.18 6.49 -32.90
C PHE A 208 10.06 5.46 -32.82
N GLY A 209 9.14 5.64 -31.87
CA GLY A 209 8.03 4.69 -31.76
C GLY A 209 7.12 4.72 -32.97
N GLU A 210 6.82 5.93 -33.47
CA GLU A 210 5.94 6.00 -34.63
C GLU A 210 6.63 5.45 -35.87
N CYS A 211 7.96 5.58 -35.95
CA CYS A 211 8.69 4.87 -37.00
C CYS A 211 8.62 3.36 -36.81
N TYR A 212 8.73 2.92 -35.55
CA TYR A 212 8.78 1.49 -35.25
C TYR A 212 7.48 0.78 -35.59
N ARG A 213 6.32 1.38 -35.27
CA ARG A 213 5.08 0.65 -35.46
C ARG A 213 4.76 0.38 -36.92
N SER A 214 5.46 1.00 -37.87
CA SER A 214 5.19 0.83 -39.29
C SER A 214 6.09 -0.20 -39.95
N SER A 215 7.41 0.02 -39.90
CA SER A 215 8.36 -0.84 -40.60
C SER A 215 9.37 -1.38 -39.58
N GLU A 216 9.20 -2.66 -39.23
CA GLU A 216 10.08 -3.29 -38.24
C GLU A 216 11.52 -3.31 -38.74
N VAL A 217 11.75 -3.83 -39.94
CA VAL A 217 13.11 -3.99 -40.44
C VAL A 217 13.76 -2.65 -40.73
N ARG A 218 12.99 -1.70 -41.28
CA ARG A 218 13.54 -0.38 -41.56
C ARG A 218 13.91 0.33 -40.26
N ALA A 219 13.03 0.27 -39.25
CA ALA A 219 13.35 0.85 -37.95
C ALA A 219 14.59 0.19 -37.36
N ALA A 220 14.71 -1.13 -37.54
CA ALA A 220 15.90 -1.83 -37.05
C ALA A 220 17.17 -1.31 -37.72
N ARG A 221 17.13 -1.15 -39.04
CA ARG A 221 18.32 -0.72 -39.76
C ARG A 221 18.62 0.76 -39.58
N LEU A 222 17.65 1.54 -39.07
CA LEU A 222 17.92 2.95 -38.78
C LEU A 222 19.01 3.11 -37.71
N LEU A 223 18.98 2.27 -36.67
CA LEU A 223 19.87 2.48 -35.53
C LEU A 223 21.33 2.33 -35.92
N LEU A 224 21.70 1.17 -36.46
CA LEU A 224 23.09 0.86 -36.76
C LEU A 224 23.64 1.70 -37.90
N ARG A 225 22.80 2.49 -38.56
CA ARG A 225 23.29 3.45 -39.54
C ARG A 225 24.29 4.41 -38.87
N ARG A 226 25.43 4.61 -39.52
CA ARG A 226 26.50 5.45 -38.99
C ARG A 226 26.27 6.87 -39.51
N CYS A 227 25.74 7.72 -38.64
CA CYS A 227 25.42 9.10 -39.05
C CYS A 227 26.68 9.95 -39.02
N PRO A 228 26.99 10.68 -40.10
CA PRO A 228 28.22 11.47 -40.13
C PRO A 228 28.29 12.53 -39.05
N LEU A 229 27.15 13.09 -38.65
CA LEU A 229 27.13 14.12 -37.63
C LEU A 229 27.40 13.51 -36.25
N TRP A 230 27.67 14.40 -35.29
CA TRP A 230 27.91 14.01 -33.90
C TRP A 230 29.08 13.03 -33.78
N GLY A 231 30.13 13.27 -34.55
CA GLY A 231 31.35 12.49 -34.43
C GLY A 231 31.24 11.05 -34.82
N ASP A 232 30.49 10.74 -35.88
CA ASP A 232 30.39 9.38 -36.42
C ASP A 232 29.94 8.39 -35.35
N ALA A 233 28.95 8.79 -34.55
CA ALA A 233 28.49 8.00 -33.42
C ALA A 233 27.18 7.30 -33.75
N THR A 234 27.09 6.03 -33.36
CA THR A 234 25.85 5.28 -33.53
C THR A 234 24.78 5.84 -32.60
N CYS A 235 23.52 5.67 -33.00
CA CYS A 235 22.40 6.17 -32.21
C CYS A 235 22.45 5.63 -30.78
N LEU A 236 22.82 4.36 -30.62
CA LEU A 236 22.88 3.77 -29.29
C LEU A 236 23.95 4.43 -28.43
N GLN A 237 25.10 4.74 -29.03
CA GLN A 237 26.17 5.39 -28.27
C GLN A 237 25.75 6.78 -27.79
N LEU A 238 25.04 7.52 -28.64
CA LEU A 238 24.52 8.82 -28.23
C LEU A 238 23.58 8.66 -27.05
N ALA A 239 22.72 7.64 -27.08
CA ALA A 239 21.79 7.42 -25.98
C ALA A 239 22.53 7.06 -24.69
N MET A 240 23.52 6.17 -24.76
CA MET A 240 24.20 5.76 -23.54
C MET A 240 24.99 6.92 -22.95
N GLN A 241 25.66 7.72 -23.79
CA GLN A 241 26.43 8.85 -23.26
C GLN A 241 25.51 9.94 -22.75
N ALA A 242 24.32 10.08 -23.35
CA ALA A 242 23.30 10.99 -22.84
C ALA A 242 22.48 10.37 -21.72
N ASP A 243 22.74 9.10 -21.38
CA ASP A 243 22.00 8.39 -20.34
C ASP A 243 20.50 8.43 -20.64
N ALA A 244 20.15 8.15 -21.89
CA ALA A 244 18.76 8.19 -22.32
C ALA A 244 18.02 6.94 -21.88
N ARG A 245 17.79 6.80 -20.58
CA ARG A 245 17.09 5.63 -20.07
C ARG A 245 15.67 5.56 -20.61
N ALA A 246 15.04 6.71 -20.81
CA ALA A 246 13.71 6.71 -21.42
C ALA A 246 13.75 6.14 -22.83
N PHE A 247 14.78 6.49 -23.60
CA PHE A 247 14.93 5.93 -24.93
C PHE A 247 15.21 4.43 -24.87
N PHE A 248 16.07 4.00 -23.94
CA PHE A 248 16.42 2.59 -23.84
C PHE A 248 15.23 1.74 -23.42
N ALA A 249 14.35 2.28 -22.58
CA ALA A 249 13.20 1.52 -22.11
C ALA A 249 12.15 1.31 -23.19
N GLN A 250 12.29 1.95 -24.35
CA GLN A 250 11.30 1.82 -25.41
C GLN A 250 11.24 0.37 -25.88
N ASP A 251 10.02 -0.08 -26.21
CA ASP A 251 9.81 -1.49 -26.54
C ASP A 251 10.57 -1.89 -27.79
N GLY A 252 10.64 -1.00 -28.78
CA GLY A 252 11.33 -1.34 -30.02
C GLY A 252 12.81 -1.58 -29.81
N VAL A 253 13.48 -0.68 -29.08
CA VAL A 253 14.89 -0.89 -28.80
C VAL A 253 15.09 -2.08 -27.89
N GLN A 254 14.17 -2.31 -26.95
CA GLN A 254 14.27 -3.50 -26.11
C GLN A 254 14.24 -4.77 -26.95
N SER A 255 13.30 -4.85 -27.89
CA SER A 255 13.20 -6.02 -28.75
C SER A 255 14.42 -6.17 -29.65
N LEU A 256 14.91 -5.06 -30.21
CA LEU A 256 16.06 -5.13 -31.09
C LEU A 256 17.31 -5.58 -30.33
N LEU A 257 17.50 -5.08 -29.11
CA LEU A 257 18.66 -5.52 -28.34
C LEU A 257 18.49 -6.94 -27.84
N THR A 258 17.24 -7.37 -27.62
CA THR A 258 17.00 -8.78 -27.35
C THR A 258 17.42 -9.64 -28.54
N GLN A 259 17.09 -9.18 -29.75
CA GLN A 259 17.53 -9.88 -30.96
C GLN A 259 19.05 -9.89 -31.06
N LYS A 260 19.70 -8.78 -30.71
CA LYS A 260 21.16 -8.73 -30.73
C LYS A 260 21.77 -9.73 -29.76
N TRP A 261 21.25 -9.79 -28.54
CA TRP A 261 21.71 -10.76 -27.57
C TRP A 261 21.44 -12.18 -28.03
N TRP A 262 20.37 -12.38 -28.80
CA TRP A 262 20.04 -13.68 -29.37
C TRP A 262 20.36 -13.71 -30.86
N GLY A 263 21.43 -13.03 -31.27
CA GLY A 263 21.75 -12.87 -32.67
C GLY A 263 21.88 -14.18 -33.43
N ASP A 264 21.15 -14.28 -34.54
CA ASP A 264 21.20 -15.46 -35.40
C ASP A 264 20.90 -16.74 -34.63
N MET A 265 19.92 -16.65 -33.71
CA MET A 265 19.54 -17.82 -32.93
C MET A 265 18.02 -18.01 -32.92
N ALA A 266 17.28 -17.22 -33.70
CA ALA A 266 15.81 -17.31 -33.73
C ALA A 266 15.23 -16.98 -32.35
N SER A 267 15.27 -15.68 -32.03
CA SER A 267 15.00 -15.17 -30.68
C SER A 267 13.72 -15.71 -30.06
N THR A 268 12.83 -16.32 -30.85
CA THR A 268 11.64 -16.96 -30.29
C THR A 268 11.92 -18.34 -29.74
N THR A 269 13.16 -18.83 -29.84
CA THR A 269 13.47 -20.17 -29.38
C THR A 269 13.40 -20.25 -27.86
N PRO A 270 12.97 -21.38 -27.30
CA PRO A 270 12.91 -21.51 -25.84
C PRO A 270 14.29 -21.68 -25.22
N ILE A 271 14.35 -21.42 -23.91
CA ILE A 271 15.61 -21.48 -23.19
C ILE A 271 16.11 -22.91 -23.04
N TRP A 272 15.19 -23.83 -22.72
CA TRP A 272 15.61 -25.21 -22.50
C TRP A 272 16.17 -25.83 -23.77
N ALA A 273 15.60 -25.50 -24.93
CA ALA A 273 16.17 -25.95 -26.19
C ALA A 273 17.59 -25.44 -26.36
N LEU A 274 17.82 -24.17 -26.02
CA LEU A 274 19.14 -23.60 -26.14
C LEU A 274 20.14 -24.30 -25.22
N VAL A 275 19.75 -24.56 -23.97
CA VAL A 275 20.69 -25.17 -23.04
C VAL A 275 20.99 -26.62 -23.43
N LEU A 276 19.98 -27.35 -23.91
CA LEU A 276 20.23 -28.71 -24.35
C LEU A 276 21.10 -28.74 -25.60
N ALA A 277 20.90 -27.77 -26.51
CA ALA A 277 21.78 -27.67 -27.67
C ALA A 277 23.21 -27.32 -27.27
N PHE A 278 23.37 -26.47 -26.26
CA PHE A 278 24.70 -26.15 -25.76
C PHE A 278 25.38 -27.38 -25.18
N PHE A 279 24.62 -28.17 -24.41
CA PHE A 279 25.22 -29.36 -23.80
C PHE A 279 25.52 -30.43 -24.85
N CYS A 280 24.71 -30.51 -25.91
CA CYS A 280 24.90 -31.49 -26.98
C CYS A 280 25.16 -30.74 -28.28
N PRO A 281 26.42 -30.49 -28.62
CA PRO A 281 26.74 -29.75 -29.84
C PRO A 281 26.19 -30.39 -31.11
N PRO A 282 26.16 -31.74 -31.22
CA PRO A 282 25.62 -32.31 -32.48
C PRO A 282 24.18 -31.94 -32.77
N LEU A 283 23.38 -31.61 -31.74
CA LEU A 283 21.97 -31.29 -31.98
C LEU A 283 21.76 -29.93 -32.64
N ILE A 284 22.81 -29.22 -33.04
CA ILE A 284 22.63 -27.93 -33.71
C ILE A 284 21.94 -28.12 -35.05
N TYR A 285 22.26 -29.20 -35.76
CA TYR A 285 21.75 -29.43 -37.10
C TYR A 285 20.52 -30.34 -37.05
N THR A 286 19.48 -29.81 -36.41
CA THR A 286 18.22 -30.50 -36.22
C THR A 286 17.07 -29.57 -36.64
N ARG A 287 15.86 -30.11 -36.61
CA ARG A 287 14.69 -29.28 -36.89
C ARG A 287 14.55 -28.17 -35.85
N LEU A 288 14.89 -28.46 -34.60
CA LEU A 288 14.92 -27.45 -33.55
C LEU A 288 16.16 -26.57 -33.71
N ILE A 289 16.14 -25.43 -33.03
CA ILE A 289 17.23 -24.46 -33.03
C ILE A 289 17.45 -23.95 -34.46
N THR A 290 16.58 -23.05 -34.90
CA THR A 290 16.72 -22.44 -36.21
C THR A 290 17.54 -21.15 -36.12
N PHE A 291 17.78 -20.54 -37.27
CA PHE A 291 18.61 -19.34 -37.37
C PHE A 291 18.06 -18.46 -38.49
N ARG A 292 18.81 -17.40 -38.81
CA ARG A 292 18.44 -16.48 -39.88
C ARG A 292 19.02 -16.96 -41.21
N ARG A 347 31.23 -22.02 -46.46
CA ARG A 347 30.86 -23.26 -45.78
C ARG A 347 29.70 -23.04 -44.82
N ARG A 348 28.58 -23.72 -45.09
CA ARG A 348 27.42 -23.58 -44.22
C ARG A 348 27.69 -24.13 -42.83
N CYS A 349 28.40 -25.25 -42.74
CA CYS A 349 28.71 -25.84 -41.43
C CYS A 349 29.60 -24.91 -40.61
N LEU A 350 30.66 -24.39 -41.23
CA LEU A 350 31.58 -23.49 -40.53
C LEU A 350 30.88 -22.21 -40.10
N ARG A 351 30.09 -21.61 -41.00
CA ARG A 351 29.40 -20.37 -40.66
C ARG A 351 28.39 -20.59 -39.55
N ARG A 352 27.66 -21.71 -39.58
CA ARG A 352 26.70 -21.99 -38.51
C ARG A 352 27.40 -22.21 -37.18
N TRP A 353 28.51 -22.97 -37.19
CA TRP A 353 29.27 -23.19 -35.97
C TRP A 353 29.75 -21.87 -35.38
N PHE A 354 30.35 -21.02 -36.21
CA PHE A 354 30.87 -19.76 -35.71
C PHE A 354 29.76 -18.85 -35.21
N HIS A 355 28.62 -18.79 -35.93
CA HIS A 355 27.52 -17.95 -35.46
C HIS A 355 26.97 -18.44 -34.14
N PHE A 356 26.77 -19.75 -33.98
CA PHE A 356 26.24 -20.27 -32.74
C PHE A 356 27.21 -20.03 -31.58
N TRP A 357 28.51 -20.24 -31.81
CA TRP A 357 29.47 -20.07 -30.73
C TRP A 357 29.90 -18.64 -30.51
N GLY A 358 29.50 -17.71 -31.38
CA GLY A 358 29.69 -16.30 -31.16
C GLY A 358 28.45 -15.56 -30.73
N ALA A 359 27.30 -16.23 -30.71
CA ALA A 359 26.10 -15.60 -30.19
C ALA A 359 26.32 -15.15 -28.75
N PRO A 360 25.96 -13.91 -28.41
CA PRO A 360 26.22 -13.43 -27.04
C PRO A 360 25.54 -14.25 -25.97
N VAL A 361 24.34 -14.78 -26.25
CA VAL A 361 23.66 -15.61 -25.27
C VAL A 361 24.43 -16.91 -25.04
N THR A 362 24.99 -17.49 -26.11
CA THR A 362 25.81 -18.68 -25.95
C THR A 362 27.08 -18.36 -25.17
N ILE A 363 27.67 -17.18 -25.41
CA ILE A 363 28.84 -16.77 -24.66
C ILE A 363 28.51 -16.66 -23.18
N PHE A 364 27.38 -16.04 -22.86
CA PHE A 364 26.96 -15.92 -21.48
C PHE A 364 26.72 -17.30 -20.85
N MET A 365 26.08 -18.20 -21.59
CA MET A 365 25.83 -19.52 -21.04
C MET A 365 27.13 -20.26 -20.74
N GLY A 366 28.09 -20.20 -21.68
CA GLY A 366 29.38 -20.81 -21.43
C GLY A 366 30.10 -20.18 -20.25
N ASN A 367 30.01 -18.85 -20.13
CA ASN A 367 30.64 -18.17 -19.00
C ASN A 367 30.02 -18.60 -17.68
N VAL A 368 28.69 -18.75 -17.65
CA VAL A 368 28.03 -19.19 -16.42
C VAL A 368 28.43 -20.61 -16.06
N VAL A 369 28.49 -21.48 -17.07
CA VAL A 369 28.92 -22.86 -16.81
C VAL A 369 30.34 -22.87 -16.26
N SER A 370 31.23 -22.08 -16.86
CA SER A 370 32.61 -22.01 -16.39
C SER A 370 32.69 -21.49 -14.96
N TYR A 371 31.93 -20.45 -14.64
CA TYR A 371 31.95 -19.90 -13.29
C TYR A 371 31.42 -20.91 -12.27
N LEU A 372 30.35 -21.62 -12.61
CA LEU A 372 29.85 -22.66 -11.71
C LEU A 372 30.87 -23.76 -11.50
N LEU A 373 31.54 -24.18 -12.58
CA LEU A 373 32.58 -25.20 -12.45
C LEU A 373 33.72 -24.71 -11.57
N PHE A 374 34.11 -23.44 -11.72
CA PHE A 374 35.13 -22.87 -10.87
C PHE A 374 34.68 -22.86 -9.42
N LEU A 375 33.43 -22.51 -9.17
CA LEU A 375 32.91 -22.53 -7.80
C LEU A 375 33.02 -23.93 -7.20
N LEU A 376 32.57 -24.95 -7.93
CA LEU A 376 32.62 -26.30 -7.40
C LEU A 376 34.05 -26.76 -7.15
N LEU A 377 34.94 -26.55 -8.11
CA LEU A 377 36.33 -26.98 -7.93
C LEU A 377 37.01 -26.25 -6.79
N PHE A 378 36.75 -24.94 -6.65
CA PHE A 378 37.43 -24.19 -5.60
C PHE A 378 36.88 -24.55 -4.24
N SER A 379 35.57 -24.83 -4.14
CA SER A 379 35.00 -25.32 -2.90
C SER A 379 35.60 -26.68 -2.54
N ARG A 380 35.74 -27.57 -3.52
CA ARG A 380 36.34 -28.88 -3.26
C ARG A 380 37.77 -28.74 -2.76
N VAL A 381 38.56 -27.88 -3.41
CA VAL A 381 39.94 -27.67 -3.00
C VAL A 381 40.01 -27.11 -1.59
N LEU A 382 39.15 -26.13 -1.29
CA LEU A 382 39.16 -25.54 0.05
C LEU A 382 38.76 -26.56 1.10
N LEU A 383 37.75 -27.37 0.84
CA LEU A 383 37.23 -28.27 1.86
C LEU A 383 38.13 -29.48 2.07
N VAL A 384 38.68 -30.06 1.00
CA VAL A 384 39.39 -31.33 1.07
C VAL A 384 40.90 -31.15 0.85
N ASP A 385 41.30 -30.69 -0.34
CA ASP A 385 42.70 -30.68 -0.72
C ASP A 385 43.34 -29.33 -0.41
N PHE A 386 43.52 -29.06 0.87
CA PHE A 386 44.26 -27.89 1.31
C PHE A 386 45.17 -28.28 2.48
N GLN A 387 45.92 -29.35 2.31
CA GLN A 387 46.86 -29.77 3.32
C GLN A 387 48.10 -28.86 3.32
N PRO A 388 48.83 -28.79 4.43
CA PRO A 388 50.07 -28.00 4.45
C PRO A 388 51.12 -28.47 3.46
N ALA A 389 50.93 -29.63 2.83
CA ALA A 389 51.84 -30.10 1.81
C ALA A 389 51.78 -29.18 0.60
N PRO A 390 52.81 -29.19 -0.24
CA PRO A 390 52.80 -28.31 -1.42
C PRO A 390 51.61 -28.61 -2.30
N PRO A 391 51.11 -27.60 -3.02
CA PRO A 391 49.84 -27.75 -3.74
C PRO A 391 49.88 -28.89 -4.76
N GLY A 392 48.75 -29.59 -4.87
CA GLY A 392 48.61 -30.67 -5.80
C GLY A 392 48.10 -30.21 -7.16
N SER A 393 47.70 -31.20 -7.97
CA SER A 393 47.24 -30.90 -9.32
C SER A 393 46.00 -30.02 -9.32
N LEU A 394 45.04 -30.32 -8.44
CA LEU A 394 43.82 -29.53 -8.39
C LEU A 394 44.12 -28.07 -8.04
N GLU A 395 44.99 -27.85 -7.05
CA GLU A 395 45.33 -26.49 -6.65
C GLU A 395 46.11 -25.78 -7.75
N LEU A 396 46.99 -26.50 -8.45
CA LEU A 396 47.73 -25.88 -9.54
C LEU A 396 46.80 -25.46 -10.68
N LEU A 397 45.86 -26.31 -11.05
CA LEU A 397 44.90 -25.94 -12.08
C LEU A 397 44.00 -24.81 -11.62
N LEU A 398 43.69 -24.76 -10.32
CA LEU A 398 42.95 -23.62 -9.79
C LEU A 398 43.75 -22.33 -9.94
N TYR A 399 45.06 -22.38 -9.66
CA TYR A 399 45.91 -21.22 -9.84
C TYR A 399 45.93 -20.78 -11.30
N PHE A 400 46.02 -21.75 -12.22
CA PHE A 400 46.00 -21.41 -13.64
C PHE A 400 44.66 -20.78 -14.03
N TRP A 401 43.56 -21.31 -13.50
CA TRP A 401 42.25 -20.75 -13.77
C TRP A 401 42.18 -19.30 -13.33
N ALA A 402 42.64 -19.03 -12.11
CA ALA A 402 42.60 -17.66 -11.60
C ALA A 402 43.55 -16.75 -12.35
N PHE A 403 44.69 -17.26 -12.80
CA PHE A 403 45.58 -16.45 -13.64
C PHE A 403 44.89 -16.07 -14.94
N THR A 404 44.20 -17.02 -15.56
CA THR A 404 43.45 -16.70 -16.78
C THR A 404 42.36 -15.68 -16.50
N LEU A 405 41.67 -15.82 -15.36
CA LEU A 405 40.63 -14.86 -15.00
C LEU A 405 41.20 -13.46 -14.79
N LEU A 406 42.35 -13.37 -14.13
CA LEU A 406 43.00 -12.08 -13.93
C LEU A 406 43.44 -11.47 -15.25
N CYS A 407 43.99 -12.29 -16.16
CA CYS A 407 44.36 -11.78 -17.47
C CYS A 407 43.14 -11.27 -18.22
N GLU A 408 42.03 -11.99 -18.14
CA GLU A 408 40.79 -11.55 -18.77
C GLU A 408 40.32 -10.22 -18.19
N GLU A 409 40.37 -10.09 -16.86
CA GLU A 409 39.89 -8.86 -16.23
C GLU A 409 40.76 -7.68 -16.60
N LEU A 410 42.08 -7.84 -16.59
CA LEU A 410 42.95 -6.74 -16.99
C LEU A 410 42.76 -6.40 -18.46
N ARG A 411 42.52 -7.41 -19.30
CA ARG A 411 42.28 -7.15 -20.71
C ARG A 411 41.00 -6.34 -20.92
N GLN A 412 39.92 -6.72 -20.25
CA GLN A 412 38.68 -5.95 -20.42
C GLN A 412 38.82 -4.56 -19.84
N GLY A 413 39.58 -4.42 -18.74
CA GLY A 413 39.82 -3.11 -18.16
C GLY A 413 40.59 -2.20 -19.10
N LEU A 414 41.61 -2.73 -19.76
CA LEU A 414 42.39 -1.92 -20.69
C LEU A 414 41.63 -1.66 -21.98
N SER A 415 40.74 -2.57 -22.37
CA SER A 415 39.96 -2.39 -23.60
C SER A 415 38.85 -1.36 -23.40
N GLY A 416 37.94 -1.63 -22.47
CA GLY A 416 36.83 -0.71 -22.22
C GLY A 416 37.26 0.55 -21.50
N SER A 432 45.71 7.18 -23.01
CA SER A 432 44.57 7.24 -22.11
C SER A 432 44.58 6.07 -21.12
N LEU A 433 45.78 5.57 -20.82
CA LEU A 433 45.90 4.44 -19.90
C LEU A 433 45.45 4.83 -18.50
N SER A 434 45.78 6.04 -18.05
CA SER A 434 45.35 6.49 -16.73
C SER A 434 43.88 6.88 -16.72
N GLN A 435 43.40 7.51 -17.80
CA GLN A 435 41.99 7.88 -17.87
C GLN A 435 41.11 6.64 -17.90
N ARG A 436 41.50 5.62 -18.67
CA ARG A 436 40.75 4.37 -18.68
C ARG A 436 40.80 3.68 -17.31
N LEU A 437 41.94 3.76 -16.61
CA LEU A 437 42.02 3.20 -15.27
C LEU A 437 41.07 3.91 -14.32
N ARG A 438 41.01 5.25 -14.40
CA ARG A 438 40.10 6.00 -13.55
C ARG A 438 38.64 5.68 -13.87
N LEU A 439 38.34 5.51 -15.16
CA LEU A 439 36.99 5.10 -15.55
C LEU A 439 36.67 3.72 -14.99
N TYR A 440 37.64 2.80 -15.04
CA TYR A 440 37.42 1.45 -14.53
C TYR A 440 37.35 1.43 -13.00
N LEU A 441 37.86 2.47 -12.33
CA LEU A 441 37.71 2.55 -10.88
C LEU A 441 36.25 2.61 -10.46
N ALA A 442 35.38 3.11 -11.35
CA ALA A 442 33.95 3.11 -11.12
C ALA A 442 33.40 1.72 -11.42
N ASP A 443 32.07 1.61 -11.56
CA ASP A 443 31.41 0.34 -11.84
C ASP A 443 31.69 -0.68 -10.74
N SER A 444 31.13 -0.36 -9.57
CA SER A 444 31.50 -0.99 -8.30
C SER A 444 31.62 -2.51 -8.35
N TRP A 445 30.89 -3.19 -9.23
CA TRP A 445 31.06 -4.64 -9.33
C TRP A 445 32.41 -5.01 -9.93
N ASN A 446 32.93 -4.21 -10.85
CA ASN A 446 34.32 -4.38 -11.25
C ASN A 446 35.25 -4.18 -10.06
N GLN A 447 34.93 -3.22 -9.20
CA GLN A 447 35.75 -2.99 -8.01
C GLN A 447 35.74 -4.21 -7.09
N CYS A 448 34.59 -4.84 -6.91
CA CYS A 448 34.54 -6.03 -6.06
C CYS A 448 35.24 -7.21 -6.72
N ASP A 449 35.19 -7.31 -8.05
CA ASP A 449 35.98 -8.34 -8.73
C ASP A 449 37.48 -8.14 -8.50
N LEU A 450 37.94 -6.90 -8.63
CA LEU A 450 39.37 -6.63 -8.41
C LEU A 450 39.77 -6.89 -6.97
N VAL A 451 38.93 -6.50 -6.00
CA VAL A 451 39.31 -6.79 -4.61
C VAL A 451 39.26 -8.29 -4.37
N ALA A 452 38.38 -9.02 -5.06
CA ALA A 452 38.34 -10.47 -4.94
C ALA A 452 39.64 -11.09 -5.44
N LEU A 453 40.12 -10.64 -6.61
CA LEU A 453 41.33 -11.23 -7.17
C LEU A 453 42.55 -10.83 -6.35
N THR A 454 42.58 -9.62 -5.80
CA THR A 454 43.67 -9.24 -4.91
C THR A 454 43.65 -10.10 -3.65
N CYS A 455 42.46 -10.38 -3.11
CA CYS A 455 42.36 -11.28 -1.97
C CYS A 455 42.87 -12.66 -2.34
N PHE A 456 42.59 -13.12 -3.56
CA PHE A 456 43.10 -14.43 -3.98
C PHE A 456 44.61 -14.42 -4.03
N LEU A 457 45.20 -13.36 -4.58
CA LEU A 457 46.66 -13.28 -4.64
C LEU A 457 47.27 -13.28 -3.24
N LEU A 458 46.68 -12.50 -2.33
CA LEU A 458 47.17 -12.48 -0.95
C LEU A 458 47.05 -13.87 -0.32
N GLY A 459 45.93 -14.56 -0.56
CA GLY A 459 45.76 -15.89 -0.01
C GLY A 459 46.76 -16.89 -0.57
N VAL A 460 47.03 -16.81 -1.86
CA VAL A 460 48.02 -17.70 -2.47
C VAL A 460 49.40 -17.43 -1.90
N GLY A 461 49.75 -16.15 -1.72
CA GLY A 461 51.03 -15.84 -1.10
C GLY A 461 51.13 -16.38 0.31
N CYS A 462 50.06 -16.21 1.10
CA CYS A 462 50.06 -16.72 2.47
C CYS A 462 50.14 -18.24 2.50
N ARG A 463 49.48 -18.90 1.55
CA ARG A 463 49.57 -20.35 1.44
C ARG A 463 50.99 -20.79 1.09
N LEU A 464 51.63 -20.08 0.16
CA LEU A 464 52.98 -20.45 -0.25
C LEU A 464 53.98 -20.27 0.89
N THR A 465 53.88 -19.17 1.62
CA THR A 465 54.77 -18.98 2.76
C THR A 465 54.34 -19.90 3.90
N PRO A 466 55.26 -20.60 4.56
CA PRO A 466 54.86 -21.54 5.62
C PRO A 466 54.15 -20.87 6.78
N GLY A 467 54.52 -19.65 7.14
CA GLY A 467 54.01 -19.05 8.35
C GLY A 467 52.52 -18.72 8.29
N LEU A 468 52.07 -18.18 7.17
CA LEU A 468 50.72 -17.62 7.06
C LEU A 468 49.74 -18.60 6.41
N TYR A 469 49.89 -19.89 6.69
CA TYR A 469 49.06 -20.90 6.06
C TYR A 469 47.60 -20.78 6.50
N HIS A 470 47.38 -20.58 7.80
CA HIS A 470 46.03 -20.43 8.32
C HIS A 470 45.41 -19.11 7.86
N LEU A 471 46.21 -18.03 7.85
CA LEU A 471 45.72 -16.77 7.31
C LEU A 471 45.29 -16.94 5.86
N GLY A 472 46.08 -17.70 5.09
CA GLY A 472 45.71 -17.98 3.72
C GLY A 472 44.39 -18.72 3.60
N ARG A 473 44.18 -19.73 4.45
CA ARG A 473 42.91 -20.46 4.38
C ARG A 473 41.74 -19.53 4.70
N THR A 474 41.88 -18.69 5.72
CA THR A 474 40.78 -17.80 6.08
C THR A 474 40.47 -16.82 4.95
N VAL A 475 41.50 -16.18 4.40
CA VAL A 475 41.26 -15.18 3.37
C VAL A 475 40.71 -15.86 2.11
N LEU A 476 41.12 -17.10 1.83
CA LEU A 476 40.50 -17.83 0.73
C LEU A 476 39.03 -18.11 1.00
N CYS A 477 38.69 -18.35 2.27
CA CYS A 477 37.30 -18.60 2.61
C CYS A 477 36.43 -17.37 2.35
N ILE A 478 36.89 -16.19 2.79
CA ILE A 478 36.12 -14.97 2.47
C ILE A 478 36.19 -14.67 0.96
N ASP A 479 37.27 -15.10 0.31
CA ASP A 479 37.34 -14.94 -1.14
C ASP A 479 36.25 -15.75 -1.83
N PHE A 480 35.95 -16.94 -1.32
CA PHE A 480 34.79 -17.68 -1.78
C PHE A 480 33.53 -16.81 -1.68
N MET A 481 33.40 -16.05 -0.59
CA MET A 481 32.22 -15.21 -0.42
C MET A 481 32.14 -14.16 -1.51
N VAL A 482 33.27 -13.52 -1.81
CA VAL A 482 33.22 -12.45 -2.81
C VAL A 482 32.97 -13.03 -4.20
N PHE A 483 33.51 -14.21 -4.51
CA PHE A 483 33.12 -14.84 -5.78
C PHE A 483 31.62 -15.12 -5.82
N THR A 484 31.06 -15.64 -4.73
CA THR A 484 29.63 -15.96 -4.73
C THR A 484 28.78 -14.71 -4.94
N VAL A 485 29.12 -13.62 -4.26
CA VAL A 485 28.32 -12.41 -4.41
C VAL A 485 28.52 -11.82 -5.81
N ARG A 486 29.68 -12.05 -6.43
CA ARG A 486 29.88 -11.60 -7.80
C ARG A 486 29.03 -12.40 -8.79
N LEU A 487 28.90 -13.71 -8.58
CA LEU A 487 28.09 -14.53 -9.46
C LEU A 487 26.66 -14.00 -9.56
N LEU A 488 26.14 -13.45 -8.46
CA LEU A 488 24.82 -12.85 -8.48
C LEU A 488 24.72 -11.73 -9.50
N HIS A 489 25.65 -10.76 -9.43
CA HIS A 489 25.65 -9.67 -10.41
C HIS A 489 25.85 -10.18 -11.82
N ILE A 490 26.66 -11.24 -11.97
CA ILE A 490 26.85 -11.85 -13.28
C ILE A 490 25.52 -12.43 -13.79
N PHE A 491 24.66 -12.86 -12.87
CA PHE A 491 23.46 -13.62 -13.19
C PHE A 491 22.24 -12.70 -13.41
N THR A 492 22.44 -11.39 -13.43
CA THR A 492 21.34 -10.44 -13.46
C THR A 492 20.70 -10.26 -14.84
N VAL A 493 21.12 -11.03 -15.84
CA VAL A 493 20.58 -10.85 -17.19
C VAL A 493 19.09 -11.14 -17.29
N ASN A 494 18.56 -11.97 -16.39
CA ASN A 494 17.22 -12.50 -16.58
C ASN A 494 16.16 -11.41 -16.43
N LYS A 495 15.12 -11.52 -17.26
CA LYS A 495 14.04 -10.54 -17.27
C LYS A 495 13.11 -10.68 -16.07
N GLN A 496 13.23 -11.75 -15.30
CA GLN A 496 12.49 -11.91 -14.05
C GLN A 496 13.35 -11.73 -12.82
N LEU A 497 14.65 -11.49 -12.98
CA LEU A 497 15.58 -11.37 -11.86
C LEU A 497 16.16 -9.97 -11.72
N GLY A 498 16.50 -9.34 -12.84
CA GLY A 498 17.21 -8.08 -12.85
C GLY A 498 16.55 -6.94 -12.10
N PRO A 499 15.24 -6.72 -12.32
CA PRO A 499 14.58 -5.65 -11.56
C PRO A 499 14.69 -5.81 -10.06
N LYS A 500 14.50 -7.02 -9.54
CA LYS A 500 14.57 -7.22 -8.09
C LYS A 500 16.01 -7.17 -7.60
N ILE A 501 16.96 -7.62 -8.40
CA ILE A 501 18.36 -7.47 -8.02
C ILE A 501 18.74 -6.00 -7.94
N VAL A 502 18.21 -5.18 -8.85
CA VAL A 502 18.40 -3.74 -8.74
C VAL A 502 17.70 -3.21 -7.48
N ILE A 503 16.55 -3.79 -7.14
CA ILE A 503 15.81 -3.37 -5.95
C ILE A 503 16.66 -3.54 -4.70
N VAL A 504 17.26 -4.72 -4.54
CA VAL A 504 17.93 -5.03 -3.27
C VAL A 504 19.07 -4.06 -2.99
N SER A 505 19.64 -3.45 -4.03
CA SER A 505 20.69 -2.45 -3.82
C SER A 505 20.15 -1.20 -3.16
N LYS A 506 18.86 -0.90 -3.32
CA LYS A 506 18.25 0.28 -2.72
C LYS A 506 17.75 0.03 -1.30
N MET A 507 17.84 -1.18 -0.79
CA MET A 507 17.45 -1.47 0.58
C MET A 507 18.60 -1.27 1.56
N MET A 508 19.75 -0.81 1.06
CA MET A 508 20.97 -0.85 1.86
C MET A 508 20.95 0.24 2.92
N LYS A 509 20.43 1.43 2.57
CA LYS A 509 20.23 2.47 3.58
C LYS A 509 19.21 2.02 4.62
N ASP A 510 18.20 1.25 4.19
CA ASP A 510 17.21 0.72 5.11
C ASP A 510 17.87 -0.19 6.15
N VAL A 511 18.70 -1.12 5.69
CA VAL A 511 19.36 -2.00 6.63
C VAL A 511 20.38 -1.22 7.46
N PHE A 512 20.95 -0.14 6.92
CA PHE A 512 21.79 0.73 7.74
C PHE A 512 21.02 1.31 8.92
N PHE A 513 19.84 1.89 8.66
CA PHE A 513 19.04 2.43 9.75
C PHE A 513 18.71 1.36 10.77
N PHE A 514 18.27 0.19 10.29
CA PHE A 514 17.89 -0.87 11.21
C PHE A 514 19.07 -1.32 12.04
N LEU A 515 20.24 -1.54 11.42
CA LEU A 515 21.38 -2.02 12.18
C LEU A 515 21.84 -0.98 13.19
N PHE A 516 21.82 0.30 12.81
CA PHE A 516 22.21 1.33 13.75
C PHE A 516 21.33 1.32 14.98
N PHE A 517 20.01 1.39 14.79
CA PHE A 517 19.15 1.56 15.97
C PHE A 517 19.09 0.26 16.76
N LEU A 518 19.13 -0.88 16.06
CA LEU A 518 19.21 -2.17 16.74
C LEU A 518 20.47 -2.29 17.57
N GLY A 519 21.62 -1.88 17.04
CA GLY A 519 22.85 -1.95 17.81
C GLY A 519 22.82 -1.04 19.02
N VAL A 520 22.20 0.13 18.88
CA VAL A 520 22.08 1.03 20.02
C VAL A 520 21.23 0.39 21.12
N TRP A 521 20.05 -0.11 20.75
CA TRP A 521 19.21 -0.78 21.74
C TRP A 521 19.89 -2.01 22.32
N LEU A 522 20.65 -2.72 21.48
CA LEU A 522 21.32 -3.94 21.93
C LEU A 522 22.41 -3.62 22.95
N VAL A 523 23.24 -2.61 22.69
CA VAL A 523 24.28 -2.26 23.64
C VAL A 523 23.65 -1.74 24.94
N ALA A 524 22.56 -0.99 24.83
CA ALA A 524 21.85 -0.54 26.02
C ALA A 524 21.41 -1.72 26.86
N TYR A 525 20.67 -2.65 26.25
CA TYR A 525 20.14 -3.79 26.99
C TYR A 525 21.26 -4.65 27.55
N GLY A 526 22.30 -4.90 26.75
CA GLY A 526 23.43 -5.68 27.24
C GLY A 526 24.07 -5.05 28.45
N VAL A 527 24.66 -3.86 28.28
CA VAL A 527 25.33 -3.20 29.40
C VAL A 527 24.43 -3.17 30.63
N ALA A 528 23.12 -3.01 30.43
CA ALA A 528 22.21 -3.09 31.56
C ALA A 528 22.23 -4.47 32.20
N THR A 529 22.17 -5.53 31.38
CA THR A 529 22.12 -6.88 31.94
C THR A 529 23.38 -7.23 32.70
N GLU A 530 24.55 -6.99 32.08
CA GLU A 530 25.80 -7.29 32.77
C GLU A 530 26.14 -6.24 33.83
N GLY A 531 25.36 -5.18 33.96
CA GLY A 531 25.46 -4.34 35.14
C GLY A 531 24.65 -4.89 36.29
N LEU A 532 23.42 -5.32 36.00
CA LEU A 532 22.58 -5.90 37.05
C LEU A 532 23.17 -7.20 37.58
N LEU A 533 23.50 -8.14 36.69
CA LEU A 533 24.12 -9.39 37.08
C LEU A 533 25.61 -9.29 36.84
N ARG A 534 26.40 -9.80 37.78
CA ARG A 534 27.85 -9.62 37.80
C ARG A 534 28.53 -10.98 37.74
N PRO A 535 28.83 -11.47 36.53
CA PRO A 535 29.63 -12.69 36.42
C PRO A 535 31.04 -12.45 36.95
N ARG A 536 31.62 -13.48 37.55
CA ARG A 536 33.01 -13.40 37.97
C ARG A 536 33.96 -13.50 36.79
N ASP A 537 33.49 -14.03 35.65
CA ASP A 537 34.30 -14.10 34.44
C ASP A 537 34.25 -12.74 33.76
N SER A 538 35.04 -11.80 34.29
CA SER A 538 35.07 -10.43 33.80
C SER A 538 36.12 -10.22 32.73
N ASP A 539 36.47 -11.28 31.98
CA ASP A 539 37.44 -11.14 30.90
C ASP A 539 36.87 -10.23 29.81
N PHE A 540 37.78 -9.55 29.10
CA PHE A 540 37.36 -8.65 28.03
C PHE A 540 36.61 -9.38 26.93
N PRO A 541 37.11 -10.47 26.33
CA PRO A 541 36.30 -11.17 25.31
C PRO A 541 34.98 -11.71 25.83
N SER A 542 34.97 -12.20 27.07
CA SER A 542 33.72 -12.72 27.64
C SER A 542 32.69 -11.61 27.81
N ILE A 543 33.12 -10.45 28.30
CA ILE A 543 32.22 -9.31 28.44
C ILE A 543 31.72 -8.86 27.07
N LEU A 544 32.62 -8.80 26.09
CA LEU A 544 32.21 -8.46 24.72
C LEU A 544 31.14 -9.41 24.20
N ARG A 545 31.38 -10.71 24.34
CA ARG A 545 30.41 -11.71 23.90
C ARG A 545 29.08 -11.51 24.59
N ARG A 546 29.09 -11.44 25.93
CA ARG A 546 27.84 -11.34 26.67
C ARG A 546 27.09 -10.06 26.34
N VAL A 547 27.77 -8.95 26.11
CA VAL A 547 27.08 -7.70 25.79
C VAL A 547 26.48 -7.73 24.40
N PHE A 548 27.19 -8.20 23.37
CA PHE A 548 26.66 -8.10 22.02
C PHE A 548 26.20 -9.43 21.41
N TYR A 549 27.05 -10.47 21.42
CA TYR A 549 26.73 -11.68 20.67
C TYR A 549 25.46 -12.35 21.21
N ARG A 550 25.42 -12.60 22.51
CA ARG A 550 24.29 -13.29 23.11
C ARG A 550 22.97 -12.54 22.96
N PRO A 551 22.86 -11.25 23.30
CA PRO A 551 21.59 -10.55 23.06
C PRO A 551 21.23 -10.47 21.60
N TYR A 552 22.21 -10.60 20.70
CA TYR A 552 21.92 -10.63 19.27
C TYR A 552 21.25 -11.95 18.90
N LEU A 553 21.72 -13.06 19.48
CA LEU A 553 21.03 -14.34 19.32
C LEU A 553 19.68 -14.33 20.02
N GLN A 554 19.46 -13.43 20.97
CA GLN A 554 18.14 -13.31 21.59
C GLN A 554 17.06 -13.00 20.56
N ILE A 555 17.38 -12.29 19.48
CA ILE A 555 16.40 -11.99 18.45
C ILE A 555 15.92 -13.25 17.76
N PHE A 556 16.83 -14.16 17.42
CA PHE A 556 16.53 -15.29 16.54
C PHE A 556 16.20 -16.56 17.31
N GLY A 557 15.57 -16.42 18.49
CA GLY A 557 15.08 -17.56 19.23
C GLY A 557 16.06 -18.20 20.17
N GLN A 558 17.33 -17.80 20.14
CA GLN A 558 18.33 -18.34 21.06
C GLN A 558 18.26 -17.49 22.33
N ILE A 559 17.45 -17.94 23.28
CA ILE A 559 17.14 -17.21 24.50
C ILE A 559 17.68 -18.01 25.68
N PRO A 560 18.80 -17.60 26.28
CA PRO A 560 19.37 -18.33 27.45
C PRO A 560 18.59 -18.05 28.73
N GLN A 561 17.33 -18.51 28.74
CA GLN A 561 16.48 -18.32 29.91
C GLN A 561 17.04 -19.01 31.14
N GLU A 562 17.51 -20.24 30.97
CA GLU A 562 18.08 -20.98 32.08
C GLU A 562 19.38 -20.35 32.58
N ASP A 563 20.05 -19.56 31.73
CA ASP A 563 21.25 -18.83 32.14
C ASP A 563 20.92 -17.49 32.78
N MET A 564 19.74 -16.94 32.50
CA MET A 564 19.43 -15.58 32.90
C MET A 564 18.46 -15.46 34.07
N ASP A 565 17.61 -16.44 34.29
CA ASP A 565 16.58 -16.34 35.32
C ASP A 565 17.00 -17.10 36.58
N VAL A 566 16.76 -16.47 37.74
CA VAL A 566 17.18 -17.06 38.99
C VAL A 566 16.42 -18.35 39.27
N ALA A 567 15.15 -18.41 38.87
CA ALA A 567 14.33 -19.58 39.16
C ALA A 567 14.88 -20.84 38.49
N LEU A 568 15.57 -20.70 37.36
CA LEU A 568 16.06 -21.85 36.62
C LEU A 568 17.50 -22.23 36.96
N MET A 569 18.15 -21.51 37.87
CA MET A 569 19.52 -21.82 38.23
C MET A 569 19.62 -22.14 39.72
N GLU A 570 20.51 -23.08 40.04
CA GLU A 570 20.64 -23.63 41.37
C GLU A 570 21.45 -22.70 42.26
N HIS A 571 20.98 -22.51 43.49
CA HIS A 571 21.62 -21.57 44.41
C HIS A 571 22.87 -22.18 45.02
N SER A 572 23.93 -21.39 45.07
CA SER A 572 25.19 -21.80 45.67
C SER A 572 26.00 -20.58 46.04
N ASN A 573 26.95 -20.76 46.97
CA ASN A 573 27.84 -19.68 47.39
C ASN A 573 29.13 -19.71 46.58
N CYS A 574 29.01 -19.34 45.31
CA CYS A 574 30.11 -19.35 44.37
C CYS A 574 30.97 -18.09 44.42
N SER A 575 30.62 -17.11 45.24
CA SER A 575 31.43 -15.92 45.41
C SER A 575 31.52 -15.55 46.88
N SER A 576 32.61 -14.87 47.25
CA SER A 576 32.83 -14.45 48.62
C SER A 576 32.14 -13.14 48.96
N GLU A 577 31.66 -12.41 47.97
CA GLU A 577 30.95 -11.17 48.24
C GLU A 577 29.64 -11.48 48.97
N PRO A 578 29.25 -10.68 49.95
CA PRO A 578 28.03 -10.99 50.71
C PRO A 578 26.76 -10.78 49.90
N GLY A 579 26.44 -11.77 49.08
CA GLY A 579 25.22 -11.72 48.28
C GLY A 579 24.82 -13.12 47.87
N PHE A 580 23.69 -13.18 47.15
CA PHE A 580 23.15 -14.44 46.65
C PHE A 580 23.49 -14.54 45.17
N TRP A 581 24.08 -15.67 44.77
CA TRP A 581 24.69 -15.78 43.45
C TRP A 581 24.03 -16.83 42.56
N ALA A 582 23.95 -18.09 43.02
CA ALA A 582 23.32 -19.17 42.26
C ALA A 582 24.01 -19.37 40.91
N HIS A 583 25.24 -19.88 40.98
CA HIS A 583 26.09 -20.18 39.83
C HIS A 583 25.30 -20.84 38.70
N PRO A 584 25.29 -20.25 37.51
CA PRO A 584 24.49 -20.82 36.41
C PRO A 584 25.25 -21.92 35.71
N PRO A 585 24.56 -22.78 34.96
CA PRO A 585 25.22 -23.89 34.26
C PRO A 585 25.79 -23.53 32.89
N GLY A 586 25.62 -22.30 32.42
CA GLY A 586 26.11 -21.95 31.10
C GLY A 586 27.63 -21.95 31.03
N ALA A 587 28.14 -22.26 29.84
CA ALA A 587 29.59 -22.32 29.65
C ALA A 587 30.21 -20.93 29.61
N GLN A 588 29.59 -20.00 28.90
CA GLN A 588 30.10 -18.63 28.79
C GLN A 588 29.10 -17.62 29.35
N ALA A 589 28.21 -18.07 30.22
CA ALA A 589 27.27 -17.20 30.90
C ALA A 589 27.83 -16.63 32.19
N GLY A 590 29.09 -16.93 32.50
CA GLY A 590 29.69 -16.52 33.74
C GLY A 590 29.67 -17.63 34.77
N THR A 591 30.81 -17.86 35.44
CA THR A 591 30.88 -18.93 36.42
C THR A 591 30.10 -18.60 37.69
N CYS A 592 29.84 -17.32 37.96
CA CYS A 592 29.17 -16.93 39.20
C CYS A 592 28.51 -15.57 38.97
N VAL A 593 27.20 -15.58 38.75
CA VAL A 593 26.44 -14.36 38.49
C VAL A 593 25.65 -13.96 39.73
N SER A 594 25.14 -12.74 39.73
CA SER A 594 24.37 -12.21 40.84
C SER A 594 22.87 -12.34 40.59
N GLN A 595 22.08 -12.16 41.65
CA GLN A 595 20.64 -12.32 41.55
C GLN A 595 19.85 -11.29 42.35
N TYR A 596 20.47 -10.19 42.79
CA TYR A 596 19.79 -9.25 43.67
C TYR A 596 18.55 -8.65 43.01
N ALA A 597 18.69 -8.20 41.77
CA ALA A 597 17.59 -7.63 41.01
C ALA A 597 17.33 -8.42 39.74
N ASN A 598 17.42 -9.75 39.84
CA ASN A 598 17.21 -10.58 38.67
C ASN A 598 15.76 -10.51 38.21
N TRP A 599 14.84 -10.13 39.09
CA TRP A 599 13.48 -9.82 38.64
C TRP A 599 13.50 -8.64 37.66
N LEU A 600 14.30 -7.61 37.98
CA LEU A 600 14.46 -6.50 37.06
C LEU A 600 15.14 -6.94 35.77
N VAL A 601 16.07 -7.90 35.86
CA VAL A 601 16.68 -8.45 34.66
C VAL A 601 15.62 -9.13 33.80
N VAL A 602 14.71 -9.87 34.44
CA VAL A 602 13.62 -10.54 33.72
C VAL A 602 12.74 -9.51 33.02
N LEU A 603 12.37 -8.44 33.74
CA LEU A 603 11.54 -7.40 33.14
C LEU A 603 12.26 -6.72 31.98
N LEU A 604 13.58 -6.53 32.12
CA LEU A 604 14.37 -5.95 31.04
C LEU A 604 14.41 -6.86 29.82
N LEU A 605 14.51 -8.17 30.04
CA LEU A 605 14.43 -9.11 28.92
C LEU A 605 13.07 -9.02 28.25
N VAL A 606 12.01 -8.88 29.04
CA VAL A 606 10.68 -8.68 28.45
C VAL A 606 10.67 -7.45 27.55
N ILE A 607 11.22 -6.34 28.06
CA ILE A 607 11.23 -5.09 27.30
C ILE A 607 12.05 -5.25 26.02
N PHE A 608 13.21 -5.90 26.11
CA PHE A 608 14.06 -6.09 24.94
C PHE A 608 13.37 -6.94 23.89
N LEU A 609 12.74 -8.04 24.30
CA LEU A 609 12.04 -8.88 23.34
C LEU A 609 10.87 -8.14 22.71
N LEU A 610 10.16 -7.32 23.49
CA LEU A 610 9.08 -6.52 22.95
C LEU A 610 9.60 -5.53 21.90
N VAL A 611 10.70 -4.84 22.20
CA VAL A 611 11.18 -3.79 21.32
C VAL A 611 11.78 -4.38 20.06
N ALA A 612 12.65 -5.37 20.20
CA ALA A 612 13.43 -5.87 19.07
C ALA A 612 12.59 -6.77 18.17
N ASN A 613 12.07 -7.87 18.73
CA ASN A 613 11.45 -8.91 17.91
C ASN A 613 10.06 -8.52 17.41
N ILE A 614 9.51 -7.38 17.85
CA ILE A 614 8.19 -6.97 17.41
C ILE A 614 8.27 -5.60 16.75
N LEU A 615 8.65 -4.59 17.52
CA LEU A 615 8.62 -3.22 17.01
C LEU A 615 9.60 -3.04 15.86
N LEU A 616 10.84 -3.47 16.04
CA LEU A 616 11.88 -3.18 15.05
C LEU A 616 11.64 -3.92 13.74
N VAL A 617 11.46 -5.24 13.83
CA VAL A 617 11.33 -6.03 12.60
C VAL A 617 10.11 -5.58 11.82
N ASN A 618 9.02 -5.21 12.51
CA ASN A 618 7.79 -4.91 11.80
C ASN A 618 7.78 -3.50 11.22
N LEU A 619 8.35 -2.52 11.93
CA LEU A 619 8.51 -1.22 11.29
C LEU A 619 9.43 -1.35 10.09
N LEU A 620 10.45 -2.21 10.21
CA LEU A 620 11.35 -2.46 9.09
C LEU A 620 10.59 -3.08 7.92
N ILE A 621 9.66 -4.01 8.22
CA ILE A 621 8.80 -4.59 7.18
C ILE A 621 8.05 -3.49 6.45
N ALA A 622 7.41 -2.60 7.23
CA ALA A 622 6.62 -1.54 6.62
C ALA A 622 7.50 -0.66 5.74
N MET A 623 8.73 -0.40 6.18
CA MET A 623 9.52 0.55 5.42
C MET A 623 10.16 -0.05 4.18
N PHE A 624 10.52 -1.36 4.16
CA PHE A 624 10.79 -1.94 2.84
C PHE A 624 9.56 -1.94 1.96
N SER A 625 8.38 -2.23 2.53
CA SER A 625 7.19 -2.24 1.69
C SER A 625 7.04 -0.89 0.98
N TYR A 626 7.14 0.19 1.75
CA TYR A 626 7.02 1.53 1.17
C TYR A 626 8.11 1.81 0.15
N THR A 627 9.37 1.54 0.51
CA THR A 627 10.47 1.86 -0.39
C THR A 627 10.38 1.05 -1.68
N PHE A 628 10.08 -0.24 -1.57
CA PHE A 628 9.92 -1.09 -2.75
C PHE A 628 8.82 -0.57 -3.67
N GLY A 629 7.66 -0.27 -3.08
CA GLY A 629 6.58 0.27 -3.89
C GLY A 629 6.96 1.58 -4.56
N LYS A 630 7.79 2.39 -3.91
CA LYS A 630 8.17 3.66 -4.48
C LYS A 630 9.21 3.50 -5.58
N VAL A 631 10.11 2.52 -5.46
CA VAL A 631 11.31 2.50 -6.30
C VAL A 631 11.29 1.42 -7.37
N GLN A 632 10.25 0.55 -7.40
CA GLN A 632 10.28 -0.55 -8.35
C GLN A 632 10.27 -0.06 -9.81
N GLY A 633 9.48 0.97 -10.12
CA GLY A 633 9.41 1.45 -11.49
C GLY A 633 10.72 2.05 -11.95
N ASN A 634 11.32 2.89 -11.10
CA ASN A 634 12.63 3.46 -11.42
C ASN A 634 13.67 2.36 -11.56
N SER A 635 13.57 1.30 -10.74
CA SER A 635 14.50 0.19 -10.86
C SER A 635 14.35 -0.51 -12.21
N ASP A 636 13.11 -0.71 -12.66
CA ASP A 636 12.91 -1.31 -13.98
C ASP A 636 13.47 -0.43 -15.09
N LEU A 637 13.21 0.88 -15.01
CA LEU A 637 13.75 1.80 -16.01
C LEU A 637 15.27 1.76 -16.04
N TYR A 638 15.90 1.72 -14.87
CA TYR A 638 17.35 1.60 -14.76
C TYR A 638 17.82 0.27 -15.35
N TRP A 639 17.10 -0.82 -15.03
CA TRP A 639 17.50 -2.15 -15.45
C TRP A 639 17.47 -2.28 -16.96
N LYS A 640 16.61 -1.55 -17.65
CA LYS A 640 16.67 -1.54 -19.11
C LYS A 640 18.05 -1.15 -19.59
N ALA A 641 18.56 -0.02 -19.10
CA ALA A 641 19.87 0.46 -19.52
C ALA A 641 20.99 -0.47 -19.04
N GLN A 642 20.88 -0.99 -17.82
CA GLN A 642 21.90 -1.91 -17.34
C GLN A 642 21.95 -3.18 -18.18
N ARG A 643 20.78 -3.70 -18.57
CA ARG A 643 20.75 -4.86 -19.44
C ARG A 643 21.39 -4.53 -20.79
N TYR A 644 21.12 -3.34 -21.33
CA TYR A 644 21.74 -2.96 -22.60
C TYR A 644 23.26 -2.93 -22.47
N ARG A 645 23.77 -2.31 -21.40
CA ARG A 645 25.21 -2.23 -21.20
C ARG A 645 25.81 -3.62 -21.04
N LEU A 646 25.13 -4.48 -20.29
CA LEU A 646 25.65 -5.82 -20.02
C LEU A 646 25.70 -6.65 -21.30
N ILE A 647 24.67 -6.57 -22.13
CA ILE A 647 24.69 -7.32 -23.38
C ILE A 647 25.68 -6.71 -24.35
N ARG A 648 25.90 -5.40 -24.28
CA ARG A 648 26.93 -4.77 -25.12
C ARG A 648 28.31 -5.31 -24.77
N GLU A 649 28.63 -5.36 -23.47
CA GLU A 649 29.95 -5.88 -23.10
C GLU A 649 30.05 -7.37 -23.35
N PHE A 650 28.93 -8.10 -23.24
CA PHE A 650 28.90 -9.50 -23.65
C PHE A 650 29.19 -9.67 -25.13
N HIS A 651 28.66 -8.78 -25.97
CA HIS A 651 29.01 -8.81 -27.39
C HIS A 651 30.49 -8.53 -27.56
N SER A 652 31.04 -7.61 -26.78
CA SER A 652 32.47 -7.32 -26.85
C SER A 652 33.33 -8.47 -26.30
N ARG A 653 32.73 -9.40 -25.57
CA ARG A 653 33.50 -10.50 -24.99
C ARG A 653 34.12 -11.38 -26.08
N PRO A 654 35.32 -11.91 -25.84
CA PRO A 654 35.85 -12.96 -26.72
C PRO A 654 35.05 -14.25 -26.57
N ALA A 655 35.10 -15.07 -27.61
CA ALA A 655 34.24 -16.25 -27.67
C ALA A 655 34.66 -17.29 -26.62
N LEU A 656 35.95 -17.46 -26.41
CA LEU A 656 36.45 -18.62 -25.67
C LEU A 656 36.11 -18.54 -24.18
N ALA A 657 35.91 -19.71 -23.58
CA ALA A 657 35.56 -19.80 -22.17
C ALA A 657 36.79 -19.57 -21.29
N PRO A 658 36.59 -19.19 -20.03
CA PRO A 658 37.71 -18.92 -19.13
C PRO A 658 38.69 -20.08 -19.03
N PRO A 659 38.24 -21.34 -19.01
CA PRO A 659 39.23 -22.43 -19.04
C PRO A 659 40.12 -22.41 -20.27
N PHE A 660 39.60 -21.95 -21.40
CA PHE A 660 40.34 -21.89 -22.64
C PHE A 660 40.60 -20.47 -23.12
N ILE A 661 40.28 -19.46 -22.31
CA ILE A 661 40.45 -18.08 -22.73
C ILE A 661 41.90 -17.71 -22.95
N VAL A 662 42.84 -18.54 -22.47
CA VAL A 662 44.26 -18.27 -22.71
C VAL A 662 44.57 -18.32 -24.20
N ILE A 663 43.86 -19.16 -24.96
CA ILE A 663 44.05 -19.18 -26.40
C ILE A 663 43.61 -17.85 -27.02
N SER A 664 42.48 -17.32 -26.57
CA SER A 664 42.04 -16.02 -27.05
C SER A 664 43.03 -14.92 -26.67
N HIS A 665 43.58 -15.00 -25.46
CA HIS A 665 44.57 -14.01 -25.02
C HIS A 665 45.82 -14.05 -25.89
N LEU A 666 46.30 -15.26 -26.20
CA LEU A 666 47.49 -15.36 -27.05
C LEU A 666 47.18 -14.93 -28.48
N ARG A 667 45.95 -15.17 -28.95
CA ARG A 667 45.55 -14.65 -30.24
C ARG A 667 45.58 -13.13 -30.26
N LEU A 668 45.06 -12.51 -29.21
CA LEU A 668 45.07 -11.04 -29.13
C LEU A 668 46.49 -10.51 -29.05
N LEU A 669 47.36 -11.19 -28.28
CA LEU A 669 48.76 -10.78 -28.20
C LEU A 669 49.44 -10.89 -29.55
N LEU A 670 49.16 -11.97 -30.29
CA LEU A 670 49.70 -12.11 -31.63
C LEU A 670 49.21 -11.00 -32.55
N ARG A 671 47.93 -10.63 -32.44
CA ARG A 671 47.41 -9.53 -33.25
C ARG A 671 48.13 -8.23 -32.94
N GLN A 672 48.40 -7.95 -31.66
CA GLN A 672 49.23 -6.81 -31.31
C GLN A 672 50.67 -7.00 -31.78
N LEU A 673 51.21 -8.22 -31.66
CA LEU A 673 52.57 -8.48 -32.09
C LEU A 673 52.72 -8.47 -33.60
N CYS A 674 51.76 -9.07 -34.32
CA CYS A 674 51.81 -9.08 -35.78
C CYS A 674 51.63 -7.71 -36.39
N ARG A 675 51.15 -6.73 -35.63
CA ARG A 675 51.03 -5.37 -36.13
C ARG A 675 52.38 -4.70 -36.30
N ARG A 676 53.38 -5.10 -35.50
CA ARG A 676 54.70 -4.48 -35.59
C ARG A 676 55.38 -4.71 -36.93
N PRO A 677 55.45 -5.94 -37.48
CA PRO A 677 56.06 -6.09 -38.81
C PRO A 677 55.26 -5.44 -39.92
N ARG A 678 53.98 -5.16 -39.71
CA ARG A 678 53.16 -4.53 -40.73
C ARG A 678 53.25 -3.01 -40.64
N HIS A 689 29.79 -0.80 -32.59
CA HIS A 689 30.25 -2.15 -32.26
C HIS A 689 29.63 -3.18 -33.20
N PHE A 690 28.30 -3.14 -33.34
CA PHE A 690 27.63 -4.03 -34.28
C PHE A 690 28.05 -3.70 -35.71
N ARG A 691 27.76 -2.48 -36.16
CA ARG A 691 28.21 -1.96 -37.44
C ARG A 691 27.76 -2.84 -38.60
N VAL A 692 26.44 -2.92 -38.76
CA VAL A 692 25.85 -3.61 -39.91
C VAL A 692 25.83 -2.65 -41.10
N TYR A 693 26.38 -3.09 -42.22
CA TYR A 693 26.51 -2.23 -43.39
C TYR A 693 25.16 -1.98 -44.05
N LEU A 694 24.95 -0.75 -44.50
CA LEU A 694 23.75 -0.35 -45.24
C LEU A 694 24.15 0.18 -46.60
N SER A 695 23.28 -0.03 -47.59
CA SER A 695 23.55 0.40 -48.95
C SER A 695 23.46 1.91 -49.10
N LYS A 696 24.17 2.43 -50.09
CA LYS A 696 24.16 3.88 -50.33
C LYS A 696 22.77 4.37 -50.71
N GLU A 697 22.14 3.71 -51.70
CA GLU A 697 20.79 4.09 -52.08
C GLU A 697 19.79 3.79 -50.97
N ALA A 698 20.03 2.72 -50.20
CA ALA A 698 19.17 2.44 -49.05
C ALA A 698 19.25 3.55 -48.02
N GLU A 699 20.39 4.23 -47.93
CA GLU A 699 20.50 5.38 -47.03
C GLU A 699 19.51 6.47 -47.43
N ARG A 700 19.47 6.82 -48.71
CA ARG A 700 18.52 7.82 -49.17
C ARG A 700 17.08 7.33 -49.03
N LYS A 701 16.85 6.04 -49.27
CA LYS A 701 15.50 5.49 -49.13
C LYS A 701 15.00 5.62 -47.69
N LEU A 702 15.84 5.24 -46.72
CA LEU A 702 15.45 5.35 -45.33
C LEU A 702 15.36 6.81 -44.89
N LEU A 703 16.18 7.69 -45.46
CA LEU A 703 16.06 9.11 -45.18
C LEU A 703 14.70 9.64 -45.60
N THR A 704 14.26 9.26 -46.81
CA THR A 704 12.94 9.67 -47.28
C THR A 704 11.84 9.06 -46.40
N TRP A 705 12.00 7.78 -46.03
CA TRP A 705 10.99 7.12 -45.20
C TRP A 705 10.86 7.82 -43.85
N GLU A 706 11.99 8.14 -43.21
CA GLU A 706 11.93 8.80 -41.92
C GLU A 706 11.45 10.23 -42.04
N SER A 707 11.75 10.91 -43.15
CA SER A 707 11.21 12.24 -43.36
C SER A 707 9.69 12.20 -43.47
N VAL A 708 9.17 11.25 -44.23
CA VAL A 708 7.71 11.11 -44.35
C VAL A 708 7.10 10.79 -42.98
N HIS A 709 7.72 9.87 -42.25
CA HIS A 709 7.15 9.50 -40.96
C HIS A 709 7.21 10.64 -39.96
N LYS A 710 8.28 11.42 -39.98
CA LYS A 710 8.37 12.55 -39.05
C LYS A 710 7.38 13.64 -39.41
N GLU A 711 7.16 13.90 -40.70
CA GLU A 711 6.16 14.90 -41.04
C GLU A 711 4.77 14.42 -40.65
N ASN A 712 4.49 13.12 -40.82
CA ASN A 712 3.22 12.59 -40.33
C ASN A 712 3.11 12.73 -38.81
N PHE A 713 4.18 12.47 -38.08
CA PHE A 713 4.12 12.58 -36.63
C PHE A 713 3.85 14.01 -36.17
N LEU A 714 4.58 14.98 -36.76
CA LEU A 714 4.37 16.38 -36.41
C LEU A 714 2.95 16.82 -36.75
N LEU A 715 2.42 16.38 -37.90
CA LEU A 715 1.09 16.77 -38.31
C LEU A 715 0.00 16.10 -37.45
N ALA A 716 0.26 14.88 -36.98
CA ALA A 716 -0.66 14.23 -36.04
C ALA A 716 -0.68 14.97 -34.72
N ARG A 717 0.51 15.33 -34.21
CA ARG A 717 0.54 16.21 -33.04
C ARG A 717 -0.14 17.55 -33.34
N ALA A 718 -0.08 18.01 -34.59
CA ALA A 718 -0.77 19.25 -34.95
C ALA A 718 -2.28 19.10 -34.78
N ARG A 719 -2.87 18.02 -35.29
CA ARG A 719 -4.31 17.84 -35.03
C ARG A 719 -4.60 17.65 -33.55
N ASP A 720 -3.70 16.97 -32.82
CA ASP A 720 -3.95 16.79 -31.39
C ASP A 720 -4.01 18.13 -30.66
N LYS A 721 -3.06 19.02 -30.96
CA LYS A 721 -3.07 20.33 -30.32
C LYS A 721 -4.04 21.29 -30.99
N ARG A 722 -4.65 20.88 -32.10
CA ARG A 722 -5.73 21.68 -32.67
C ARG A 722 -7.09 21.17 -32.23
N GLU A 723 -7.11 20.02 -31.55
CA GLU A 723 -8.34 19.54 -30.92
C GLU A 723 -8.30 19.66 -29.40
N SER A 724 -7.15 20.00 -28.82
CA SER A 724 -7.07 20.21 -27.38
C SER A 724 -8.08 21.25 -26.91
N ASP A 725 -8.73 20.95 -25.78
CA ASP A 725 -9.90 21.74 -25.35
C ASP A 725 -9.53 23.17 -25.02
N SER A 726 -8.38 23.39 -24.37
CA SER A 726 -8.01 24.74 -23.98
C SER A 726 -7.80 25.64 -25.20
N GLU A 727 -7.10 25.15 -26.20
CA GLU A 727 -6.90 25.95 -27.40
C GLU A 727 -8.17 26.05 -28.23
N ARG A 728 -9.08 25.07 -28.11
CA ARG A 728 -10.39 25.24 -28.71
C ARG A 728 -11.15 26.39 -28.05
N LEU A 729 -11.04 26.49 -26.73
CA LEU A 729 -11.61 27.64 -26.03
C LEU A 729 -10.96 28.93 -26.50
N LYS A 730 -9.65 28.91 -26.71
CA LYS A 730 -8.96 30.08 -27.26
C LYS A 730 -9.50 30.46 -28.63
N ARG A 731 -9.69 29.47 -29.51
CA ARG A 731 -10.21 29.73 -30.84
C ARG A 731 -11.62 30.31 -30.77
N THR A 732 -12.47 29.76 -29.91
CA THR A 732 -13.82 30.29 -29.75
C THR A 732 -13.79 31.72 -29.22
N SER A 733 -12.89 31.99 -28.26
CA SER A 733 -12.80 33.33 -27.69
C SER A 733 -12.35 34.34 -28.74
N GLN A 734 -11.38 33.98 -29.58
CA GLN A 734 -10.96 34.93 -30.60
C GLN A 734 -12.01 35.06 -31.70
N LYS A 735 -12.76 33.99 -32.00
CA LYS A 735 -13.89 34.13 -32.91
C LYS A 735 -14.90 35.13 -32.38
N VAL A 736 -15.28 35.00 -31.11
CA VAL A 736 -16.32 35.87 -30.56
C VAL A 736 -15.82 37.30 -30.44
N ASP A 737 -14.54 37.49 -30.09
CA ASP A 737 -14.09 38.88 -29.94
C ASP A 737 -13.85 39.55 -31.28
N LEU A 738 -13.45 38.80 -32.32
CA LEU A 738 -13.38 39.39 -33.65
C LEU A 738 -14.78 39.68 -34.18
N ALA A 739 -15.75 38.84 -33.83
CA ALA A 739 -17.14 39.14 -34.17
C ALA A 739 -17.60 40.41 -33.49
N LEU A 740 -17.22 40.60 -32.22
CA LEU A 740 -17.53 41.84 -31.53
C LEU A 740 -16.90 43.04 -32.21
N LYS A 741 -15.62 42.91 -32.60
CA LYS A 741 -14.93 44.01 -33.26
C LYS A 741 -15.58 44.37 -34.59
N GLN A 742 -15.96 43.35 -35.38
CA GLN A 742 -16.57 43.62 -36.67
C GLN A 742 -18.00 44.15 -36.51
N LEU A 743 -18.69 43.76 -35.43
CA LEU A 743 -20.01 44.33 -35.16
C LEU A 743 -19.89 45.79 -34.73
N GLY A 744 -18.81 46.14 -34.04
CA GLY A 744 -18.60 47.53 -33.65
C GLY A 744 -18.41 48.46 -34.83
N HIS A 745 -18.10 47.93 -36.00
CA HIS A 745 -17.91 48.72 -37.20
C HIS A 745 -19.23 49.15 -37.85
N ILE A 746 -20.34 48.53 -37.47
CA ILE A 746 -21.65 48.87 -38.03
C ILE A 746 -22.58 49.48 -36.99
N ARG A 747 -22.04 49.91 -35.84
CA ARG A 747 -22.86 50.53 -34.81
C ARG A 747 -23.43 51.88 -35.25
N GLU A 748 -22.76 52.57 -36.16
CA GLU A 748 -23.22 53.88 -36.60
C GLU A 748 -24.52 53.81 -37.40
N TYR A 749 -24.92 52.62 -37.85
CA TYR A 749 -26.15 52.46 -38.61
C TYR A 749 -27.37 52.77 -37.74
N ARG B 2 -11.58 67.24 -6.60
CA ARG B 2 -10.32 67.58 -5.94
C ARG B 2 -9.83 66.45 -5.05
N SER B 3 -8.80 66.72 -4.26
CA SER B 3 -8.21 65.70 -3.40
C SER B 3 -9.17 65.27 -2.31
N PHE B 4 -9.93 66.21 -1.74
CA PHE B 4 -10.80 65.89 -0.60
C PHE B 4 -11.93 64.95 -0.99
N HIS B 5 -12.46 65.08 -2.22
CA HIS B 5 -13.52 64.18 -2.65
C HIS B 5 -13.04 62.73 -2.69
N LEU B 6 -11.86 62.50 -3.28
CA LEU B 6 -11.30 61.16 -3.29
C LEU B 6 -10.89 60.70 -1.90
N GLU B 7 -10.46 61.62 -1.03
CA GLU B 7 -10.15 61.26 0.34
C GLU B 7 -11.39 60.77 1.07
N ALA B 8 -12.52 61.45 0.88
CA ALA B 8 -13.77 61.01 1.49
C ALA B 8 -14.26 59.70 0.89
N SER B 9 -14.09 59.53 -0.42
CA SER B 9 -14.45 58.28 -1.06
C SER B 9 -13.62 57.13 -0.50
N LEU B 10 -12.32 57.34 -0.29
CA LEU B 10 -11.48 56.33 0.32
C LEU B 10 -11.85 56.10 1.78
N MET B 11 -12.28 57.17 2.47
CA MET B 11 -12.76 57.02 3.84
C MET B 11 -13.94 56.07 3.90
N ASP B 12 -14.91 56.27 3.02
CA ASP B 12 -16.07 55.37 2.97
C ASP B 12 -15.67 53.97 2.55
N ALA B 13 -14.80 53.86 1.54
CA ALA B 13 -14.34 52.57 1.04
C ALA B 13 -13.49 51.81 2.05
N LEU B 14 -12.93 52.51 3.03
CA LEU B 14 -12.13 51.86 4.06
C LEU B 14 -12.96 51.56 5.30
N LEU B 15 -14.00 52.34 5.56
CA LEU B 15 -14.94 51.98 6.63
C LEU B 15 -15.77 50.76 6.23
N ASN B 16 -16.27 50.72 5.00
CA ASN B 16 -16.99 49.57 4.49
C ASN B 16 -16.04 48.70 3.67
N ASP B 17 -16.48 47.47 3.39
CA ASP B 17 -15.63 46.55 2.65
C ASP B 17 -15.35 47.04 1.23
N ARG B 18 -16.38 47.02 0.38
CA ARG B 18 -16.42 47.50 -1.01
C ARG B 18 -15.05 47.39 -1.70
N PRO B 19 -14.53 46.17 -1.84
CA PRO B 19 -13.17 45.99 -2.34
C PRO B 19 -12.95 46.50 -3.75
N GLU B 20 -13.95 46.40 -4.62
CA GLU B 20 -13.79 46.91 -5.98
C GLU B 20 -13.64 48.43 -5.97
N PHE B 21 -14.43 49.12 -5.14
CA PHE B 21 -14.27 50.56 -5.00
C PHE B 21 -12.89 50.90 -4.44
N VAL B 22 -12.42 50.13 -3.46
CA VAL B 22 -11.08 50.35 -2.93
C VAL B 22 -10.04 50.21 -4.04
N ARG B 23 -10.16 49.14 -4.82
CA ARG B 23 -9.21 48.86 -5.89
C ARG B 23 -9.19 50.01 -6.89
N LEU B 24 -10.36 50.47 -7.33
CA LEU B 24 -10.40 51.56 -8.30
C LEU B 24 -9.86 52.85 -7.71
N LEU B 25 -10.15 53.11 -6.43
CA LEU B 25 -9.68 54.36 -5.81
C LEU B 25 -8.16 54.41 -5.76
N ILE B 26 -7.52 53.37 -5.21
CA ILE B 26 -6.06 53.41 -5.17
C ILE B 26 -5.45 53.27 -6.56
N SER B 27 -6.11 52.59 -7.49
CA SER B 27 -5.58 52.54 -8.85
C SER B 27 -5.57 53.92 -9.50
N HIS B 28 -6.62 54.72 -9.25
CA HIS B 28 -6.66 56.07 -9.77
C HIS B 28 -5.61 56.98 -9.12
N GLY B 29 -5.14 56.62 -7.92
CA GLY B 29 -4.08 57.37 -7.28
C GLY B 29 -4.55 58.29 -6.18
N LEU B 30 -3.99 58.10 -4.98
CA LEU B 30 -4.29 58.96 -3.84
C LEU B 30 -3.01 59.55 -3.25
N SER B 31 -3.13 60.24 -2.12
CA SER B 31 -1.97 60.88 -1.50
C SER B 31 -1.13 59.87 -0.72
N LEU B 32 -1.76 59.16 0.22
CA LEU B 32 -1.10 58.17 1.06
C LEU B 32 -0.03 58.80 1.95
N GLY B 33 0.08 60.12 1.93
CA GLY B 33 1.02 60.82 2.79
C GLY B 33 0.30 61.74 3.75
N HIS B 34 -0.84 62.29 3.31
CA HIS B 34 -1.69 63.12 4.15
C HIS B 34 -2.98 62.40 4.54
N PHE B 35 -3.21 61.20 4.03
CA PHE B 35 -4.40 60.42 4.36
C PHE B 35 -4.26 59.67 5.68
N LEU B 36 -3.07 59.62 6.26
CA LEU B 36 -2.79 58.81 7.44
C LEU B 36 -2.59 59.67 8.69
N THR B 37 -3.38 60.73 8.83
CA THR B 37 -3.29 61.55 10.02
C THR B 37 -3.81 60.76 11.23
N PRO B 38 -3.30 61.07 12.43
CA PRO B 38 -3.74 60.34 13.62
C PRO B 38 -5.24 60.42 13.88
N MET B 39 -5.89 61.53 13.53
CA MET B 39 -7.33 61.63 13.69
C MET B 39 -8.04 60.61 12.82
N ARG B 40 -7.63 60.47 11.56
CA ARG B 40 -8.22 59.46 10.68
C ARG B 40 -7.88 58.05 11.17
N LEU B 41 -6.67 57.86 11.70
CA LEU B 41 -6.30 56.55 12.24
C LEU B 41 -7.21 56.16 13.39
N ALA B 42 -7.47 57.10 14.31
CA ALA B 42 -8.38 56.82 15.43
C ALA B 42 -9.80 56.59 14.94
N GLN B 43 -10.24 57.35 13.92
CA GLN B 43 -11.58 57.16 13.38
C GLN B 43 -11.74 55.77 12.77
N LEU B 44 -10.71 55.29 12.07
CA LEU B 44 -10.77 53.92 11.54
C LEU B 44 -10.69 52.88 12.66
N TYR B 45 -9.89 53.15 13.70
CA TYR B 45 -9.83 52.22 14.82
C TYR B 45 -11.17 52.11 15.53
N SER B 46 -11.94 53.19 15.55
CA SER B 46 -13.26 53.17 16.17
C SER B 46 -14.28 52.36 15.40
N ALA B 47 -13.96 51.94 14.17
CA ALA B 47 -14.90 51.21 13.33
C ALA B 47 -15.10 49.76 13.74
N ALA B 48 -14.33 49.27 14.72
CA ALA B 48 -14.46 47.88 15.13
C ALA B 48 -15.84 47.64 15.74
N PRO B 49 -16.44 46.49 15.49
CA PRO B 49 -17.76 46.20 16.07
C PRO B 49 -17.69 46.13 17.60
N SER B 50 -18.78 46.56 18.24
CA SER B 50 -18.85 46.52 19.70
C SER B 50 -18.83 45.09 20.21
N ASN B 51 -19.61 44.20 19.60
CA ASN B 51 -19.67 42.80 20.01
C ASN B 51 -18.67 41.96 19.23
N SER B 52 -17.40 42.38 19.25
CA SER B 52 -16.35 41.66 18.54
C SER B 52 -15.18 41.39 19.46
N LEU B 53 -14.08 40.87 18.91
CA LEU B 53 -12.87 40.58 19.66
C LEU B 53 -11.83 41.69 19.54
N ILE B 54 -12.21 42.83 18.98
CA ILE B 54 -11.30 43.96 18.78
C ILE B 54 -11.55 45.07 19.78
N ARG B 55 -12.82 45.48 19.93
CA ARG B 55 -13.14 46.60 20.81
C ARG B 55 -12.83 46.27 22.27
N ASN B 56 -13.14 45.05 22.71
CA ASN B 56 -12.85 44.66 24.09
C ASN B 56 -11.35 44.66 24.36
N LEU B 57 -10.56 44.14 23.42
CA LEU B 57 -9.11 44.15 23.59
C LEU B 57 -8.56 45.57 23.58
N LEU B 58 -9.12 46.44 22.73
CA LEU B 58 -8.68 47.83 22.71
C LEU B 58 -8.98 48.52 24.03
N ASP B 59 -10.17 48.28 24.59
CA ASP B 59 -10.50 48.86 25.89
C ASP B 59 -9.61 48.32 26.99
N GLN B 60 -9.30 47.01 26.95
CA GLN B 60 -8.40 46.43 27.93
C GLN B 60 -7.00 47.04 27.84
N ALA B 61 -6.50 47.23 26.61
CA ALA B 61 -5.20 47.86 26.44
C ALA B 61 -5.20 49.30 26.93
N SER B 62 -6.28 50.03 26.65
CA SER B 62 -6.39 51.41 27.13
C SER B 62 -6.41 51.48 28.65
N HIS B 63 -7.16 50.57 29.29
CA HIS B 63 -7.22 50.54 30.74
C HIS B 63 -5.95 50.02 31.38
N SER B 64 -5.14 49.26 30.64
CA SER B 64 -3.89 48.72 31.17
C SER B 64 -2.88 49.84 31.42
N VAL B 84 3.68 39.40 21.08
CA VAL B 84 2.33 39.84 20.73
C VAL B 84 1.88 40.92 21.70
N GLY B 85 2.18 40.73 22.98
CA GLY B 85 1.79 41.71 23.98
C GLY B 85 2.42 43.08 23.74
N HIS B 86 3.69 43.09 23.32
CA HIS B 86 4.34 44.35 22.99
C HIS B 86 3.65 45.04 21.82
N VAL B 87 3.15 44.28 20.85
CA VAL B 87 2.41 44.87 19.73
C VAL B 87 1.15 45.54 20.25
N LEU B 88 0.41 44.88 21.13
CA LEU B 88 -0.80 45.46 21.68
C LEU B 88 -0.50 46.71 22.50
N ARG B 89 0.58 46.69 23.27
CA ARG B 89 0.99 47.88 24.02
C ARG B 89 1.33 49.02 23.08
N MET B 90 2.03 48.73 21.98
CA MET B 90 2.41 49.77 21.04
C MET B 90 1.19 50.37 20.35
N LEU B 91 0.29 49.54 19.86
CA LEU B 91 -0.89 50.03 19.15
C LEU B 91 -1.84 50.74 20.09
N LEU B 92 -2.39 51.86 19.63
CA LEU B 92 -3.33 52.65 20.40
C LEU B 92 -4.47 53.11 19.50
N GLY B 93 -5.62 53.38 20.10
CA GLY B 93 -6.78 53.82 19.36
C GLY B 93 -6.64 55.23 18.80
N PRO B 139 3.56 53.24 5.58
CA PRO B 139 2.27 53.80 5.13
C PRO B 139 1.22 52.71 4.91
N TRP B 140 1.63 51.59 4.31
CA TRP B 140 0.72 50.47 4.15
C TRP B 140 0.68 49.60 5.39
N SER B 141 1.66 49.75 6.30
CA SER B 141 1.75 48.87 7.46
C SER B 141 0.57 49.06 8.40
N ASP B 142 0.20 50.32 8.69
CA ASP B 142 -0.93 50.56 9.57
C ASP B 142 -2.22 50.04 8.97
N LEU B 143 -2.42 50.25 7.67
CA LEU B 143 -3.63 49.75 7.02
C LEU B 143 -3.70 48.24 7.05
N LEU B 144 -2.58 47.56 6.77
CA LEU B 144 -2.60 46.11 6.77
C LEU B 144 -2.84 45.56 8.17
N LEU B 145 -2.19 46.16 9.18
CA LEU B 145 -2.42 45.66 10.54
C LEU B 145 -3.86 45.91 10.98
N TRP B 146 -4.45 47.04 10.57
CA TRP B 146 -5.85 47.27 10.88
C TRP B 146 -6.73 46.22 10.21
N ALA B 147 -6.41 45.87 8.96
CA ALA B 147 -7.18 44.84 8.27
C ALA B 147 -7.05 43.49 8.97
N LEU B 148 -5.83 43.13 9.38
CA LEU B 148 -5.63 41.85 10.06
C LEU B 148 -6.38 41.80 11.40
N LEU B 149 -6.27 42.87 12.20
CA LEU B 149 -6.98 42.87 13.48
C LEU B 149 -8.49 42.86 13.27
N LEU B 150 -8.96 43.54 12.22
CA LEU B 150 -10.37 43.52 11.88
C LEU B 150 -10.73 42.31 11.02
N ASN B 151 -9.75 41.47 10.69
CA ASN B 151 -9.95 40.23 9.94
C ASN B 151 -10.53 40.49 8.55
N ARG B 152 -10.07 41.56 7.90
CA ARG B 152 -10.52 41.90 6.54
C ARG B 152 -9.60 41.20 5.55
N ALA B 153 -10.11 40.17 4.89
CA ALA B 153 -9.27 39.31 4.05
C ALA B 153 -8.77 40.04 2.82
N GLN B 154 -9.70 40.56 2.00
CA GLN B 154 -9.29 41.20 0.75
C GLN B 154 -8.53 42.49 1.03
N MET B 155 -8.96 43.25 2.03
CA MET B 155 -8.21 44.43 2.45
C MET B 155 -6.78 44.05 2.83
N ALA B 156 -6.62 42.98 3.61
CA ALA B 156 -5.30 42.58 4.07
C ALA B 156 -4.41 42.17 2.90
N MET B 157 -4.94 41.35 1.98
CA MET B 157 -4.13 40.90 0.86
C MET B 157 -3.77 42.06 -0.06
N TYR B 158 -4.72 42.99 -0.27
CA TYR B 158 -4.45 44.16 -1.09
C TYR B 158 -3.36 45.02 -0.46
N PHE B 159 -3.45 45.26 0.85
CA PHE B 159 -2.44 46.06 1.52
C PHE B 159 -1.07 45.38 1.47
N TRP B 160 -1.05 44.05 1.62
CA TRP B 160 0.20 43.32 1.54
C TRP B 160 0.83 43.44 0.16
N GLU B 161 0.02 43.28 -0.89
CA GLU B 161 0.57 43.33 -2.24
C GLU B 161 0.92 44.75 -2.67
N MET B 162 0.34 45.77 -2.04
CA MET B 162 0.70 47.14 -2.36
C MET B 162 1.80 47.70 -1.46
N GLY B 163 2.10 47.04 -0.34
CA GLY B 163 3.10 47.55 0.58
C GLY B 163 4.50 47.02 0.30
N SER B 164 5.44 47.48 1.12
CA SER B 164 6.83 47.07 1.04
C SER B 164 7.11 45.97 2.05
N ASN B 165 8.36 45.49 2.06
CA ASN B 165 8.82 44.36 2.87
C ASN B 165 7.74 43.28 2.96
N ALA B 166 7.36 42.80 1.77
CA ALA B 166 6.17 41.96 1.65
C ALA B 166 6.32 40.64 2.39
N VAL B 167 7.48 40.00 2.31
CA VAL B 167 7.66 38.71 2.97
C VAL B 167 7.57 38.86 4.48
N SER B 168 8.26 39.88 5.02
CA SER B 168 8.20 40.11 6.46
C SER B 168 6.80 40.45 6.91
N SER B 169 6.10 41.29 6.14
CA SER B 169 4.73 41.65 6.50
C SER B 169 3.82 40.43 6.47
N ALA B 170 3.98 39.56 5.47
CA ALA B 170 3.14 38.37 5.37
C ALA B 170 3.38 37.43 6.55
N LEU B 171 4.65 37.20 6.90
CA LEU B 171 4.93 36.29 8.01
C LEU B 171 4.46 36.88 9.33
N GLY B 172 4.61 38.19 9.51
CA GLY B 172 4.08 38.83 10.70
C GLY B 172 2.57 38.72 10.79
N ALA B 173 1.89 38.91 9.66
CA ALA B 173 0.44 38.74 9.63
C ALA B 173 0.05 37.31 9.97
N CYS B 174 0.78 36.34 9.46
CA CYS B 174 0.50 34.94 9.78
C CYS B 174 0.65 34.70 11.28
N LEU B 175 1.71 35.23 11.89
CA LEU B 175 1.90 35.05 13.33
C LEU B 175 0.78 35.71 14.12
N LEU B 176 0.39 36.93 13.72
CA LEU B 176 -0.68 37.62 14.42
C LEU B 176 -2.00 36.87 14.30
N LEU B 177 -2.28 36.32 13.12
CA LEU B 177 -3.49 35.53 12.97
C LEU B 177 -3.42 34.25 13.78
N ARG B 178 -2.24 33.62 13.85
CA ARG B 178 -2.06 32.45 14.68
C ARG B 178 -2.46 32.75 16.13
N VAL B 179 -1.88 33.81 16.69
CA VAL B 179 -2.11 34.10 18.11
C VAL B 179 -3.53 34.58 18.33
N MET B 180 -4.07 35.41 17.43
CA MET B 180 -5.43 35.91 17.60
C MET B 180 -6.45 34.79 17.52
N ALA B 181 -6.27 33.86 16.58
CA ALA B 181 -7.21 32.75 16.45
C ALA B 181 -7.05 31.76 17.59
N ARG B 182 -5.82 31.61 18.12
CA ARG B 182 -5.66 30.83 19.34
C ARG B 182 -6.42 31.46 20.50
N LEU B 183 -6.45 32.80 20.57
CA LEU B 183 -7.22 33.51 21.58
C LEU B 183 -8.70 33.60 21.24
N GLU B 184 -9.11 33.21 20.04
CA GLU B 184 -10.49 33.37 19.63
C GLU B 184 -11.40 32.42 20.41
N PRO B 185 -12.54 32.92 20.90
CA PRO B 185 -13.47 32.03 21.62
C PRO B 185 -14.46 31.32 20.70
N ASP B 186 -14.66 31.84 19.50
CA ASP B 186 -15.69 31.33 18.58
C ASP B 186 -15.03 30.55 17.45
N ALA B 187 -15.58 29.37 17.17
CA ALA B 187 -14.97 28.45 16.23
C ALA B 187 -14.98 28.99 14.80
N GLU B 188 -16.06 29.66 14.40
CA GLU B 188 -16.13 30.18 13.04
C GLU B 188 -15.09 31.26 12.80
N GLU B 189 -14.95 32.20 13.74
CA GLU B 189 -13.93 33.24 13.61
C GLU B 189 -12.53 32.63 13.65
N ALA B 190 -12.31 31.65 14.54
CA ALA B 190 -11.01 30.99 14.59
C ALA B 190 -10.69 30.31 13.27
N ALA B 191 -11.66 29.62 12.68
CA ALA B 191 -11.43 28.91 11.43
C ALA B 191 -11.14 29.87 10.28
N ARG B 192 -11.92 30.95 10.17
CA ARG B 192 -11.66 31.90 9.10
C ARG B 192 -10.30 32.55 9.27
N ARG B 193 -9.93 32.87 10.51
CA ARG B 193 -8.63 33.49 10.77
C ARG B 193 -7.49 32.54 10.41
N LYS B 194 -7.62 31.26 10.79
CA LYS B 194 -6.58 30.28 10.45
C LYS B 194 -6.47 30.07 8.94
N ASP B 195 -7.58 30.00 8.21
CA ASP B 195 -7.46 29.80 6.77
C ASP B 195 -6.91 31.03 6.06
N LEU B 196 -7.25 32.23 6.54
CA LEU B 196 -6.61 33.42 6.01
C LEU B 196 -5.11 33.40 6.26
N ALA B 197 -4.71 32.95 7.46
CA ALA B 197 -3.28 32.82 7.73
C ALA B 197 -2.63 31.79 6.82
N PHE B 198 -3.34 30.71 6.52
CA PHE B 198 -2.79 29.68 5.63
C PHE B 198 -2.56 30.22 4.23
N LYS B 199 -3.54 30.93 3.68
CA LYS B 199 -3.32 31.48 2.34
C LYS B 199 -2.28 32.60 2.36
N PHE B 200 -2.20 33.35 3.46
CA PHE B 200 -1.15 34.37 3.57
C PHE B 200 0.23 33.73 3.58
N GLU B 201 0.41 32.65 4.34
CA GLU B 201 1.69 31.97 4.37
C GLU B 201 1.99 31.32 3.03
N GLY B 202 0.95 30.85 2.33
CA GLY B 202 1.15 30.30 1.01
C GLY B 202 1.68 31.34 0.02
N MET B 203 1.05 32.52 0.00
CA MET B 203 1.54 33.54 -0.92
C MET B 203 2.92 34.03 -0.49
N GLY B 204 3.19 34.07 0.82
CA GLY B 204 4.51 34.48 1.27
C GLY B 204 5.60 33.51 0.85
N VAL B 205 5.35 32.21 1.00
CA VAL B 205 6.36 31.24 0.60
C VAL B 205 6.52 31.23 -0.90
N ASP B 206 5.43 31.44 -1.66
CA ASP B 206 5.57 31.56 -3.11
C ASP B 206 6.41 32.77 -3.48
N LEU B 207 6.18 33.90 -2.80
CA LEU B 207 6.94 35.11 -3.07
C LEU B 207 8.42 34.90 -2.78
N PHE B 208 8.74 34.28 -1.64
CA PHE B 208 10.14 34.05 -1.34
C PHE B 208 10.76 33.05 -2.30
N GLY B 209 10.00 32.04 -2.73
CA GLY B 209 10.55 31.11 -3.70
C GLY B 209 10.90 31.77 -5.01
N GLU B 210 10.00 32.64 -5.50
CA GLU B 210 10.27 33.30 -6.77
C GLU B 210 11.41 34.31 -6.62
N CYS B 211 11.54 34.94 -5.45
CA CYS B 211 12.73 35.74 -5.20
C CYS B 211 13.99 34.88 -5.20
N TYR B 212 13.90 33.69 -4.62
CA TYR B 212 15.04 32.80 -4.53
C TYR B 212 15.53 32.34 -5.88
N ARG B 213 14.61 32.08 -6.83
CA ARG B 213 15.06 31.53 -8.11
C ARG B 213 16.00 32.48 -8.85
N SER B 214 15.99 33.77 -8.50
CA SER B 214 16.76 34.77 -9.24
C SER B 214 18.10 35.06 -8.59
N SER B 215 18.11 35.52 -7.35
CA SER B 215 19.33 35.99 -6.69
C SER B 215 19.56 35.20 -5.40
N GLU B 216 20.52 34.28 -5.45
CA GLU B 216 20.84 33.45 -4.29
C GLU B 216 21.30 34.30 -3.12
N VAL B 217 22.28 35.17 -3.36
CA VAL B 217 22.86 35.96 -2.26
C VAL B 217 21.86 36.97 -1.72
N ARG B 218 21.07 37.58 -2.61
CA ARG B 218 20.08 38.55 -2.15
C ARG B 218 18.99 37.86 -1.33
N ALA B 219 18.52 36.70 -1.78
CA ALA B 219 17.54 35.95 -1.00
C ALA B 219 18.14 35.51 0.34
N ALA B 220 19.44 35.20 0.35
CA ALA B 220 20.10 34.87 1.61
C ALA B 220 20.10 36.05 2.56
N ARG B 221 20.42 37.24 2.06
CA ARG B 221 20.52 38.40 2.93
C ARG B 221 19.17 39.00 3.30
N LEU B 222 18.08 38.60 2.62
CA LEU B 222 16.76 39.11 2.99
C LEU B 222 16.35 38.66 4.39
N LEU B 223 16.54 37.38 4.71
CA LEU B 223 16.02 36.85 5.97
C LEU B 223 16.72 37.48 7.16
N LEU B 224 18.05 37.47 7.14
CA LEU B 224 18.86 37.98 8.22
C LEU B 224 18.85 39.51 8.31
N ARG B 225 18.22 40.18 7.35
CA ARG B 225 17.99 41.62 7.47
C ARG B 225 17.15 41.92 8.71
N ARG B 226 17.63 42.86 9.51
CA ARG B 226 16.90 43.38 10.66
C ARG B 226 15.72 44.23 10.19
N CYS B 227 14.51 43.70 10.37
CA CYS B 227 13.30 44.42 9.97
C CYS B 227 12.76 45.24 11.14
N PRO B 228 12.60 46.56 10.97
CA PRO B 228 12.12 47.39 12.09
C PRO B 228 10.71 47.05 12.55
N LEU B 229 9.84 46.59 11.65
CA LEU B 229 8.46 46.35 12.03
C LEU B 229 8.32 44.99 12.73
N TRP B 230 7.09 44.73 13.18
CA TRP B 230 6.74 43.48 13.86
C TRP B 230 7.60 43.24 15.11
N GLY B 231 7.78 44.29 15.91
CA GLY B 231 8.41 44.15 17.20
C GLY B 231 9.90 43.88 17.18
N ASP B 232 10.59 44.24 16.09
CA ASP B 232 12.04 44.04 15.98
C ASP B 232 12.43 42.58 16.22
N ALA B 233 11.70 41.67 15.58
CA ALA B 233 12.04 40.24 15.61
C ALA B 233 12.33 39.75 14.20
N THR B 234 13.37 38.94 14.09
CA THR B 234 13.85 38.50 12.78
C THR B 234 12.85 37.55 12.13
N CYS B 235 12.87 37.51 10.79
CA CYS B 235 11.92 36.69 10.05
C CYS B 235 11.95 35.24 10.52
N LEU B 236 13.16 34.69 10.75
CA LEU B 236 13.27 33.31 11.21
C LEU B 236 12.61 33.12 12.56
N GLN B 237 12.86 34.04 13.50
CA GLN B 237 12.24 33.94 14.81
C GLN B 237 10.72 34.09 14.72
N LEU B 238 10.25 35.05 13.92
CA LEU B 238 8.82 35.17 13.71
C LEU B 238 8.25 33.95 13.00
N ALA B 239 9.04 33.33 12.12
CA ALA B 239 8.59 32.12 11.45
C ALA B 239 8.40 30.97 12.43
N MET B 240 9.37 30.76 13.33
CA MET B 240 9.22 29.67 14.29
C MET B 240 8.12 29.97 15.30
N GLN B 241 7.96 31.24 15.69
CA GLN B 241 6.89 31.59 16.62
C GLN B 241 5.53 31.40 15.96
N ALA B 242 5.41 31.67 14.67
CA ALA B 242 4.18 31.45 13.92
C ALA B 242 3.97 29.99 13.55
N ASP B 243 4.95 29.13 13.82
CA ASP B 243 4.91 27.74 13.38
C ASP B 243 4.69 27.68 11.86
N ALA B 244 5.61 28.28 11.12
CA ALA B 244 5.52 28.29 9.66
C ALA B 244 6.27 27.10 9.09
N ARG B 245 5.76 25.90 9.33
CA ARG B 245 6.42 24.69 8.83
C ARG B 245 6.46 24.68 7.31
N ALA B 246 5.41 25.19 6.67
CA ALA B 246 5.42 25.29 5.22
C ALA B 246 6.55 26.20 4.73
N PHE B 247 6.75 27.33 5.43
CA PHE B 247 7.85 28.21 5.07
C PHE B 247 9.20 27.55 5.30
N PHE B 248 9.35 26.86 6.42
CA PHE B 248 10.63 26.22 6.73
C PHE B 248 10.94 25.09 5.76
N ALA B 249 9.91 24.44 5.23
CA ALA B 249 10.13 23.35 4.28
C ALA B 249 10.61 23.84 2.92
N GLN B 250 10.60 25.15 2.68
CA GLN B 250 11.02 25.66 1.39
C GLN B 250 12.48 25.33 1.13
N ASP B 251 12.80 25.01 -0.13
CA ASP B 251 14.14 24.58 -0.47
C ASP B 251 15.18 25.67 -0.24
N GLY B 252 14.82 26.93 -0.52
CA GLY B 252 15.76 28.01 -0.31
C GLY B 252 16.16 28.17 1.15
N VAL B 253 15.17 28.18 2.05
CA VAL B 253 15.49 28.30 3.46
C VAL B 253 16.20 27.05 3.96
N GLN B 254 15.85 25.87 3.42
CA GLN B 254 16.56 24.67 3.79
C GLN B 254 18.04 24.80 3.43
N SER B 255 18.33 25.28 2.22
CA SER B 255 19.71 25.46 1.79
C SER B 255 20.42 26.49 2.66
N LEU B 256 19.75 27.60 2.96
CA LEU B 256 20.38 28.65 3.76
C LEU B 256 20.70 28.15 5.16
N LEU B 257 19.79 27.40 5.78
CA LEU B 257 20.04 26.92 7.13
C LEU B 257 21.06 25.79 7.14
N THR B 258 21.12 24.99 6.06
CA THR B 258 22.22 24.04 5.95
C THR B 258 23.56 24.79 5.88
N GLN B 259 23.59 25.89 5.14
CA GLN B 259 24.81 26.69 5.07
C GLN B 259 25.15 27.28 6.43
N LYS B 260 24.15 27.70 7.20
CA LYS B 260 24.43 28.24 8.52
C LYS B 260 24.96 27.18 9.47
N TRP B 261 24.36 25.98 9.47
CA TRP B 261 24.88 24.88 10.26
C TRP B 261 26.27 24.47 9.80
N TRP B 262 26.56 24.68 8.52
CA TRP B 262 27.89 24.46 7.94
C TRP B 262 28.58 25.78 7.66
N GLY B 263 28.40 26.77 8.54
CA GLY B 263 28.93 28.10 8.33
C GLY B 263 30.42 28.13 8.12
N ASP B 264 30.85 28.79 7.05
CA ASP B 264 32.27 29.00 6.75
C ASP B 264 33.04 27.69 6.70
N MET B 265 32.46 26.69 6.01
CA MET B 265 33.19 25.46 5.75
C MET B 265 33.05 25.04 4.29
N ALA B 266 32.36 25.82 3.45
CA ALA B 266 32.11 25.45 2.06
C ALA B 266 31.31 24.14 1.99
N SER B 267 30.05 24.27 2.37
CA SER B 267 29.13 23.17 2.70
C SER B 267 29.24 21.96 1.80
N THR B 268 29.64 22.15 0.54
CA THR B 268 29.80 21.02 -0.38
C THR B 268 30.88 20.04 0.04
N THR B 269 31.58 20.28 1.15
CA THR B 269 32.62 19.38 1.60
C THR B 269 32.01 18.06 2.09
N PRO B 270 32.68 16.94 1.88
CA PRO B 270 32.14 15.65 2.32
C PRO B 270 32.29 15.45 3.82
N ILE B 271 31.54 14.47 4.33
CA ILE B 271 31.51 14.20 5.76
C ILE B 271 32.82 13.58 6.23
N TRP B 272 33.37 12.64 5.46
CA TRP B 272 34.59 11.96 5.88
C TRP B 272 35.76 12.93 5.94
N ALA B 273 35.82 13.89 5.01
CA ALA B 273 36.84 14.92 5.09
C ALA B 273 36.69 15.73 6.37
N LEU B 274 35.45 16.05 6.74
CA LEU B 274 35.22 16.81 7.96
C LEU B 274 35.68 16.03 9.19
N VAL B 275 35.36 14.72 9.24
CA VAL B 275 35.71 13.96 10.43
C VAL B 275 37.22 13.75 10.53
N LEU B 276 37.90 13.54 9.40
CA LEU B 276 39.35 13.41 9.46
C LEU B 276 40.00 14.74 9.84
N ALA B 277 39.45 15.85 9.35
CA ALA B 277 39.97 17.16 9.75
C ALA B 277 39.77 17.41 11.24
N PHE B 278 38.62 17.00 11.78
CA PHE B 278 38.38 17.13 13.21
C PHE B 278 39.36 16.27 14.00
N PHE B 279 39.60 15.04 13.55
CA PHE B 279 40.50 14.17 14.30
C PHE B 279 41.94 14.65 14.22
N CYS B 280 42.37 15.21 13.09
CA CYS B 280 43.72 15.75 12.92
C CYS B 280 43.62 17.25 12.68
N PRO B 281 43.77 18.06 13.72
CA PRO B 281 43.68 19.52 13.56
C PRO B 281 44.66 20.09 12.54
N PRO B 282 45.89 19.58 12.44
CA PRO B 282 46.81 20.16 11.45
C PRO B 282 46.33 20.09 10.01
N LEU B 283 45.41 19.19 9.68
CA LEU B 283 44.92 19.10 8.30
C LEU B 283 44.03 20.27 7.91
N ILE B 284 43.84 21.26 8.78
CA ILE B 284 43.06 22.44 8.42
C ILE B 284 43.76 23.23 7.33
N TYR B 285 45.10 23.26 7.36
CA TYR B 285 45.87 24.04 6.39
C TYR B 285 46.30 23.12 5.25
N THR B 286 45.30 22.61 4.54
CA THR B 286 45.50 21.69 3.44
C THR B 286 44.65 22.13 2.25
N ARG B 287 44.92 21.52 1.09
CA ARG B 287 44.10 21.78 -0.09
C ARG B 287 42.66 21.35 0.15
N LEU B 288 42.46 20.27 0.91
CA LEU B 288 41.12 19.85 1.30
C LEU B 288 40.58 20.77 2.40
N ILE B 289 39.27 20.70 2.61
CA ILE B 289 38.57 21.52 3.60
C ILE B 289 38.73 22.98 3.23
N THR B 290 38.03 23.42 2.19
CA THR B 290 38.02 24.82 1.81
C THR B 290 36.99 25.58 2.64
N PHE B 291 37.23 26.89 2.78
CA PHE B 291 36.35 27.75 3.56
C PHE B 291 35.79 28.85 2.65
N ARG B 292 35.09 29.80 3.26
CA ARG B 292 34.55 30.94 2.54
C ARG B 292 35.64 31.98 2.29
N ARG B 347 44.82 38.44 12.28
CA ARG B 347 45.56 37.20 12.05
C ARG B 347 44.72 36.20 11.26
N ARG B 348 45.25 35.77 10.11
CA ARG B 348 44.53 34.78 9.31
C ARG B 348 44.48 33.43 10.00
N CYS B 349 45.55 33.06 10.71
CA CYS B 349 45.58 31.77 11.40
C CYS B 349 44.57 31.73 12.54
N LEU B 350 44.53 32.79 13.35
CA LEU B 350 43.56 32.88 14.43
C LEU B 350 42.13 32.88 13.90
N ARG B 351 41.88 33.63 12.83
CA ARG B 351 40.55 33.64 12.21
C ARG B 351 40.17 32.26 11.72
N ARG B 352 41.09 31.57 11.05
CA ARG B 352 40.81 30.23 10.55
C ARG B 352 40.48 29.28 11.69
N TRP B 353 41.30 29.33 12.75
CA TRP B 353 41.08 28.43 13.89
C TRP B 353 39.72 28.67 14.53
N PHE B 354 39.39 29.94 14.81
CA PHE B 354 38.11 30.23 15.45
C PHE B 354 36.93 29.90 14.53
N HIS B 355 37.04 30.19 13.24
CA HIS B 355 35.92 29.91 12.34
C HIS B 355 35.72 28.41 12.15
N PHE B 356 36.79 27.62 12.22
CA PHE B 356 36.61 26.17 12.17
C PHE B 356 36.00 25.65 13.46
N TRP B 357 36.50 26.11 14.61
CA TRP B 357 36.06 25.57 15.88
C TRP B 357 34.75 26.16 16.38
N GLY B 358 34.22 27.18 15.71
CA GLY B 358 32.92 27.72 16.02
C GLY B 358 31.81 27.28 15.09
N ALA B 359 32.13 26.48 14.08
CA ALA B 359 31.10 26.01 13.17
C ALA B 359 30.13 25.10 13.93
N PRO B 360 28.81 25.29 13.74
CA PRO B 360 27.85 24.46 14.48
C PRO B 360 28.02 22.97 14.22
N VAL B 361 28.38 22.59 12.99
CA VAL B 361 28.58 21.18 12.70
C VAL B 361 29.79 20.63 13.44
N THR B 362 30.86 21.43 13.54
CA THR B 362 32.03 21.01 14.30
C THR B 362 31.68 20.89 15.78
N ILE B 363 30.88 21.82 16.29
CA ILE B 363 30.45 21.76 17.69
C ILE B 363 29.64 20.49 17.95
N PHE B 364 28.73 20.17 17.02
CA PHE B 364 27.96 18.95 17.15
C PHE B 364 28.86 17.72 17.11
N MET B 365 29.85 17.72 16.22
CA MET B 365 30.76 16.57 16.13
C MET B 365 31.52 16.39 17.44
N GLY B 366 32.05 17.48 18.00
CA GLY B 366 32.72 17.39 19.27
C GLY B 366 31.81 16.92 20.39
N ASN B 367 30.57 17.41 20.38
CA ASN B 367 29.60 16.98 21.39
C ASN B 367 29.30 15.49 21.28
N VAL B 368 29.18 14.98 20.05
CA VAL B 368 28.91 13.56 19.85
C VAL B 368 30.10 12.73 20.32
N VAL B 369 31.32 13.17 19.99
CA VAL B 369 32.49 12.43 20.44
C VAL B 369 32.55 12.41 21.96
N SER B 370 32.26 13.55 22.60
CA SER B 370 32.26 13.62 24.06
C SER B 370 31.21 12.71 24.67
N TYR B 371 30.01 12.68 24.09
CA TYR B 371 28.95 11.82 24.61
C TYR B 371 29.31 10.35 24.46
N LEU B 372 29.92 9.97 23.33
CA LEU B 372 30.36 8.59 23.17
C LEU B 372 31.44 8.24 24.18
N LEU B 373 32.38 9.16 24.41
CA LEU B 373 33.42 8.92 25.41
C LEU B 373 32.82 8.76 26.79
N PHE B 374 31.83 9.59 27.14
CA PHE B 374 31.14 9.43 28.42
C PHE B 374 30.42 8.09 28.50
N LEU B 375 29.76 7.67 27.43
CA LEU B 375 29.12 6.36 27.42
C LEU B 375 30.12 5.26 27.71
N LEU B 376 31.26 5.28 27.01
CA LEU B 376 32.28 4.25 27.22
C LEU B 376 32.81 4.27 28.65
N LEU B 377 33.16 5.46 29.14
CA LEU B 377 33.72 5.56 30.48
C LEU B 377 32.73 5.10 31.55
N PHE B 378 31.46 5.49 31.41
CA PHE B 378 30.48 5.16 32.43
C PHE B 378 30.13 3.68 32.38
N SER B 379 30.11 3.09 31.17
CA SER B 379 29.93 1.65 31.07
C SER B 379 31.09 0.91 31.73
N ARG B 380 32.31 1.37 31.50
CA ARG B 380 33.48 0.74 32.14
C ARG B 380 33.39 0.84 33.65
N VAL B 381 33.03 2.02 34.17
CA VAL B 381 32.94 2.19 35.62
C VAL B 381 31.85 1.30 36.19
N LEU B 382 30.69 1.23 35.53
CA LEU B 382 29.60 0.40 36.01
C LEU B 382 29.98 -1.08 36.02
N LEU B 383 30.64 -1.54 34.94
CA LEU B 383 30.91 -2.97 34.82
C LEU B 383 32.06 -3.42 35.71
N VAL B 384 33.11 -2.61 35.84
CA VAL B 384 34.34 -3.02 36.50
C VAL B 384 34.57 -2.29 37.82
N ASP B 385 34.71 -0.98 37.76
CA ASP B 385 35.14 -0.19 38.93
C ASP B 385 33.94 0.36 39.70
N PHE B 386 33.17 -0.55 40.29
CA PHE B 386 32.07 -0.17 41.16
C PHE B 386 32.09 -1.03 42.41
N GLN B 387 33.26 -1.13 43.04
CA GLN B 387 33.38 -1.86 44.29
C GLN B 387 32.79 -1.04 45.43
N PRO B 388 32.39 -1.70 46.53
CA PRO B 388 31.89 -0.95 47.70
C PRO B 388 32.93 -0.02 48.32
N ALA B 389 34.19 -0.09 47.87
CA ALA B 389 35.21 0.82 48.34
C ALA B 389 34.89 2.25 47.88
N PRO B 390 35.46 3.26 48.55
CA PRO B 390 35.19 4.63 48.16
C PRO B 390 35.61 4.87 46.72
N PRO B 391 34.93 5.79 46.03
CA PRO B 391 35.14 5.92 44.57
C PRO B 391 36.58 6.26 44.22
N GLY B 392 37.04 5.69 43.10
CA GLY B 392 38.38 5.92 42.61
C GLY B 392 38.46 7.12 41.68
N SER B 393 39.61 7.22 41.01
CA SER B 393 39.85 8.36 40.11
C SER B 393 38.86 8.35 38.95
N LEU B 394 38.60 7.18 38.37
CA LEU B 394 37.66 7.11 37.25
C LEU B 394 36.27 7.55 37.67
N GLU B 395 35.81 7.08 38.84
CA GLU B 395 34.48 7.46 39.31
C GLU B 395 34.42 8.95 39.64
N LEU B 396 35.50 9.51 40.19
CA LEU B 396 35.53 10.94 40.47
C LEU B 396 35.47 11.76 39.19
N LEU B 397 36.22 11.34 38.16
CA LEU B 397 36.16 12.04 36.88
C LEU B 397 34.78 11.92 36.26
N LEU B 398 34.14 10.77 36.41
CA LEU B 398 32.77 10.61 35.94
C LEU B 398 31.83 11.55 36.66
N TYR B 399 32.00 11.70 37.97
CA TYR B 399 31.20 12.65 38.73
C TYR B 399 31.41 14.08 38.23
N PHE B 400 32.67 14.44 37.96
CA PHE B 400 32.96 15.77 37.46
C PHE B 400 32.30 16.00 36.10
N TRP B 401 32.34 14.98 35.24
CA TRP B 401 31.65 15.07 33.95
C TRP B 401 30.16 15.28 34.16
N ALA B 402 29.58 14.57 35.13
CA ALA B 402 28.17 14.75 35.43
C ALA B 402 27.85 16.16 35.92
N PHE B 403 28.71 16.73 36.78
CA PHE B 403 28.49 18.10 37.22
C PHE B 403 28.58 19.07 36.05
N THR B 404 29.51 18.84 35.13
CA THR B 404 29.59 19.71 33.95
C THR B 404 28.33 19.60 33.11
N LEU B 405 27.79 18.38 32.95
CA LEU B 405 26.54 18.21 32.23
C LEU B 405 25.41 18.95 32.91
N LEU B 406 25.33 18.85 34.24
CA LEU B 406 24.31 19.57 34.99
C LEU B 406 24.44 21.07 34.79
N CYS B 407 25.68 21.58 34.84
CA CYS B 407 25.91 23.01 34.68
C CYS B 407 25.47 23.49 33.30
N GLU B 408 25.83 22.74 32.25
CA GLU B 408 25.46 23.16 30.90
C GLU B 408 23.95 23.07 30.69
N GLU B 409 23.31 22.02 31.24
CA GLU B 409 21.87 21.91 31.11
C GLU B 409 21.16 23.05 31.81
N LEU B 410 21.59 23.39 33.03
CA LEU B 410 20.99 24.51 33.75
C LEU B 410 21.23 25.83 33.03
N ARG B 411 22.43 26.02 32.47
CA ARG B 411 22.73 27.24 31.75
C ARG B 411 21.83 27.38 30.52
N GLN B 412 21.67 26.30 29.75
CA GLN B 412 20.84 26.39 28.55
C GLN B 412 19.38 26.56 28.91
N GLY B 413 18.93 25.96 30.02
CA GLY B 413 17.57 26.19 30.47
C GLY B 413 17.35 27.63 30.91
N LEU B 414 18.33 28.21 31.59
CA LEU B 414 18.23 29.61 32.00
C LEU B 414 18.22 30.53 30.79
N SER B 415 19.05 30.25 29.79
CA SER B 415 19.14 31.12 28.62
C SER B 415 17.89 31.01 27.76
N GLY B 416 17.60 29.81 27.27
CA GLY B 416 16.44 29.60 26.43
C GLY B 416 15.13 29.69 27.19
N SER B 432 11.44 36.76 34.50
CA SER B 432 10.79 35.69 33.74
C SER B 432 11.37 34.33 34.09
N LEU B 433 11.93 34.23 35.30
CA LEU B 433 12.53 32.97 35.73
C LEU B 433 11.49 31.86 35.83
N SER B 434 10.29 32.18 36.34
CA SER B 434 9.23 31.19 36.41
C SER B 434 8.69 30.85 35.04
N GLN B 435 8.54 31.86 34.17
CA GLN B 435 8.05 31.61 32.81
C GLN B 435 9.05 30.78 32.02
N ARG B 436 10.35 31.09 32.15
CA ARG B 436 11.36 30.31 31.45
C ARG B 436 11.38 28.87 31.95
N LEU B 437 11.24 28.67 33.27
CA LEU B 437 11.21 27.32 33.81
C LEU B 437 9.98 26.56 33.31
N ARG B 438 8.82 27.23 33.25
CA ARG B 438 7.62 26.58 32.75
C ARG B 438 7.76 26.22 31.27
N LEU B 439 8.40 27.09 30.49
CA LEU B 439 8.67 26.77 29.10
C LEU B 439 9.62 25.57 28.99
N TYR B 440 10.64 25.53 29.84
CA TYR B 440 11.56 24.40 29.86
C TYR B 440 10.88 23.11 30.32
N LEU B 441 9.78 23.22 31.06
CA LEU B 441 9.03 22.02 31.44
C LEU B 441 8.47 21.31 30.22
N ALA B 442 8.19 22.04 29.15
CA ALA B 442 7.81 21.45 27.88
C ALA B 442 9.05 20.92 27.18
N ASP B 443 8.93 20.57 25.90
CA ASP B 443 10.03 20.01 25.13
C ASP B 443 10.55 18.73 25.82
N SER B 444 9.69 17.72 25.78
CA SER B 444 9.85 16.51 26.61
C SER B 444 11.23 15.90 26.53
N TRP B 445 12.03 16.27 25.52
CA TRP B 445 13.40 15.77 25.45
C TRP B 445 14.14 16.40 26.65
N ASN B 446 13.98 17.70 26.86
CA ASN B 446 14.57 18.34 28.02
C ASN B 446 14.05 17.74 29.32
N GLN B 447 12.77 17.34 29.33
CA GLN B 447 12.22 16.68 30.51
C GLN B 447 12.92 15.35 30.80
N CYS B 448 13.17 14.56 29.75
CA CYS B 448 13.87 13.29 29.98
C CYS B 448 15.31 13.52 30.37
N ASP B 449 15.95 14.57 29.82
CA ASP B 449 17.29 14.93 30.28
C ASP B 449 17.29 15.26 31.76
N LEU B 450 16.34 16.09 32.19
CA LEU B 450 16.28 16.51 33.59
C LEU B 450 16.04 15.31 34.50
N VAL B 451 15.10 14.44 34.13
CA VAL B 451 14.83 13.28 34.98
C VAL B 451 16.03 12.34 34.98
N ALA B 452 16.76 12.24 33.87
CA ALA B 452 17.94 11.41 33.82
C ALA B 452 19.01 11.91 34.77
N LEU B 453 19.27 13.23 34.77
CA LEU B 453 20.30 13.76 35.66
C LEU B 453 19.86 13.71 37.12
N THR B 454 18.58 13.94 37.41
CA THR B 454 18.12 13.77 38.79
C THR B 454 18.26 12.33 39.24
N CYS B 455 17.97 11.39 38.34
CA CYS B 455 18.20 9.98 38.62
C CYS B 455 19.67 9.70 38.89
N PHE B 456 20.55 10.34 38.15
CA PHE B 456 21.98 10.17 38.36
C PHE B 456 22.40 10.68 39.73
N LEU B 457 21.89 11.85 40.12
CA LEU B 457 22.20 12.38 41.45
C LEU B 457 21.67 11.46 42.55
N LEU B 458 20.45 10.95 42.40
CA LEU B 458 19.93 10.00 43.38
C LEU B 458 20.81 8.75 43.44
N GLY B 459 21.27 8.28 42.28
CA GLY B 459 22.13 7.11 42.27
C GLY B 459 23.46 7.32 42.97
N VAL B 460 24.08 8.47 42.73
CA VAL B 460 25.37 8.73 43.39
C VAL B 460 25.17 8.95 44.88
N GLY B 461 24.03 9.52 45.27
CA GLY B 461 23.73 9.60 46.70
C GLY B 461 23.59 8.23 47.34
N CYS B 462 22.87 7.33 46.67
CA CYS B 462 22.74 5.97 47.17
C CYS B 462 24.09 5.26 47.21
N ARG B 463 24.95 5.53 46.23
CA ARG B 463 26.29 4.98 46.23
C ARG B 463 27.09 5.50 47.43
N LEU B 464 27.00 6.79 47.71
CA LEU B 464 27.75 7.37 48.82
C LEU B 464 27.28 6.81 50.16
N THR B 465 25.96 6.69 50.35
CA THR B 465 25.49 6.11 51.60
C THR B 465 25.73 4.61 51.59
N PRO B 466 26.24 4.05 52.70
CA PRO B 466 26.56 2.61 52.71
C PRO B 466 25.33 1.71 52.51
N GLY B 467 24.17 2.13 52.98
CA GLY B 467 23.01 1.24 52.98
C GLY B 467 22.49 0.91 51.60
N LEU B 468 22.46 1.90 50.70
CA LEU B 468 21.77 1.80 49.42
C LEU B 468 22.72 1.54 48.26
N TYR B 469 23.74 0.71 48.49
CA TYR B 469 24.77 0.48 47.48
C TYR B 469 24.21 -0.28 46.27
N HIS B 470 23.47 -1.37 46.53
CA HIS B 470 22.90 -2.14 45.43
C HIS B 470 21.82 -1.35 44.70
N LEU B 471 21.01 -0.60 45.44
CA LEU B 471 20.02 0.26 44.81
C LEU B 471 20.70 1.30 43.91
N GLY B 472 21.81 1.87 44.38
CA GLY B 472 22.58 2.78 43.55
C GLY B 472 23.08 2.11 42.28
N ARG B 473 23.57 0.88 42.41
CA ARG B 473 23.96 0.14 41.22
C ARG B 473 22.83 0.03 40.21
N THR B 474 21.66 -0.43 40.67
CA THR B 474 20.54 -0.65 39.75
C THR B 474 20.09 0.66 39.12
N VAL B 475 20.03 1.73 39.91
CA VAL B 475 19.53 2.99 39.38
C VAL B 475 20.54 3.59 38.39
N LEU B 476 21.84 3.42 38.63
CA LEU B 476 22.82 3.84 37.64
C LEU B 476 22.71 3.00 36.37
N CYS B 477 22.37 1.72 36.52
CA CYS B 477 22.14 0.89 35.33
C CYS B 477 20.98 1.45 34.51
N ILE B 478 19.90 1.85 35.17
CA ILE B 478 18.78 2.47 34.45
C ILE B 478 19.22 3.78 33.82
N ASP B 479 20.06 4.54 34.52
CA ASP B 479 20.61 5.77 33.96
C ASP B 479 21.37 5.50 32.68
N PHE B 480 22.01 4.33 32.57
CA PHE B 480 22.67 3.98 31.33
C PHE B 480 21.70 4.02 30.15
N MET B 481 20.55 3.35 30.28
CA MET B 481 19.60 3.35 29.18
C MET B 481 19.03 4.73 28.93
N VAL B 482 18.75 5.50 29.98
CA VAL B 482 18.15 6.81 29.73
C VAL B 482 19.15 7.70 28.98
N PHE B 483 20.43 7.64 29.34
CA PHE B 483 21.43 8.42 28.61
C PHE B 483 21.57 7.94 27.17
N THR B 484 21.64 6.61 26.96
CA THR B 484 21.86 6.13 25.60
C THR B 484 20.65 6.38 24.70
N VAL B 485 19.44 6.47 25.26
CA VAL B 485 18.30 6.81 24.41
C VAL B 485 18.22 8.31 24.22
N ARG B 486 18.78 9.09 25.16
CA ARG B 486 18.99 10.51 24.90
C ARG B 486 19.90 10.71 23.70
N LEU B 487 20.91 9.85 23.57
CA LEU B 487 21.80 9.92 22.41
C LEU B 487 21.04 9.82 21.09
N LEU B 488 19.92 9.10 21.07
CA LEU B 488 19.13 9.00 19.85
C LEU B 488 18.63 10.37 19.40
N HIS B 489 17.95 11.08 20.31
CA HIS B 489 17.46 12.42 19.98
C HIS B 489 18.61 13.40 19.76
N ILE B 490 19.77 13.13 20.34
CA ILE B 490 20.95 13.93 20.02
C ILE B 490 21.36 13.69 18.58
N PHE B 491 21.18 12.47 18.08
CA PHE B 491 21.71 12.05 16.79
C PHE B 491 20.69 12.19 15.65
N THR B 492 19.52 12.77 15.90
CA THR B 492 18.50 12.91 14.88
C THR B 492 18.85 13.90 13.78
N VAL B 493 20.03 14.54 13.84
CA VAL B 493 20.38 15.58 12.88
C VAL B 493 20.49 15.07 11.46
N ASN B 494 20.75 13.77 11.27
CA ASN B 494 21.04 13.26 9.95
C ASN B 494 19.83 13.38 9.04
N LYS B 495 20.08 13.74 7.79
CA LYS B 495 19.02 13.96 6.82
C LYS B 495 18.37 12.68 6.33
N GLN B 496 18.91 11.51 6.70
CA GLN B 496 18.32 10.24 6.32
C GLN B 496 17.58 9.55 7.46
N LEU B 497 17.76 9.99 8.69
CA LEU B 497 17.23 9.27 9.84
C LEU B 497 16.19 10.04 10.63
N GLY B 498 16.22 11.38 10.58
CA GLY B 498 15.30 12.20 11.34
C GLY B 498 13.83 11.93 11.09
N PRO B 499 13.43 11.83 9.82
CA PRO B 499 12.04 11.45 9.55
C PRO B 499 11.63 10.13 10.17
N LYS B 500 12.53 9.13 10.16
CA LYS B 500 12.17 7.85 10.76
C LYS B 500 12.14 7.92 12.28
N ILE B 501 13.01 8.74 12.88
CA ILE B 501 12.94 8.94 14.33
C ILE B 501 11.63 9.62 14.71
N VAL B 502 11.15 10.53 13.85
CA VAL B 502 9.82 11.11 14.09
C VAL B 502 8.75 10.05 13.91
N ILE B 503 8.90 9.17 12.92
CA ILE B 503 7.90 8.15 12.64
C ILE B 503 7.74 7.19 13.82
N VAL B 504 8.86 6.79 14.42
CA VAL B 504 8.80 5.84 15.54
C VAL B 504 8.04 6.45 16.71
N SER B 505 8.04 7.78 16.85
CA SER B 505 7.23 8.42 17.87
C SER B 505 5.74 8.22 17.59
N LYS B 506 5.33 8.35 16.33
CA LYS B 506 3.92 8.15 15.98
C LYS B 506 3.52 6.68 16.05
N MET B 507 4.49 5.77 15.89
CA MET B 507 4.21 4.35 15.97
C MET B 507 3.77 3.93 17.37
N MET B 508 3.95 4.81 18.35
CA MET B 508 3.82 4.44 19.75
C MET B 508 2.36 4.11 20.06
N LYS B 509 1.41 4.73 19.36
CA LYS B 509 0.00 4.45 19.59
C LYS B 509 -0.34 3.01 19.19
N ASP B 510 0.12 2.57 18.02
CA ASP B 510 -0.05 1.17 17.65
C ASP B 510 0.68 0.26 18.63
N VAL B 511 1.81 0.73 19.15
CA VAL B 511 2.51 -0.07 20.16
C VAL B 511 1.63 -0.31 21.38
N PHE B 512 0.98 0.75 21.88
CA PHE B 512 0.03 0.58 22.98
C PHE B 512 -1.17 -0.29 22.59
N PHE B 513 -1.67 -0.16 21.37
CA PHE B 513 -2.76 -1.04 20.94
C PHE B 513 -2.37 -2.50 21.09
N PHE B 514 -1.23 -2.87 20.51
CA PHE B 514 -0.79 -4.25 20.57
C PHE B 514 -0.45 -4.66 22.00
N LEU B 515 0.09 -3.73 22.79
CA LEU B 515 0.39 -4.01 24.19
C LEU B 515 -0.87 -4.36 24.97
N PHE B 516 -1.94 -3.57 24.82
CA PHE B 516 -3.18 -3.88 25.53
C PHE B 516 -3.75 -5.21 25.08
N PHE B 517 -3.76 -5.45 23.76
CA PHE B 517 -4.36 -6.69 23.27
C PHE B 517 -3.56 -7.90 23.76
N LEU B 518 -2.23 -7.83 23.68
CA LEU B 518 -1.43 -8.94 24.19
C LEU B 518 -1.67 -9.12 25.67
N GLY B 519 -1.76 -8.03 26.43
CA GLY B 519 -1.95 -8.17 27.86
C GLY B 519 -3.23 -8.90 28.21
N VAL B 520 -4.35 -8.49 27.60
CA VAL B 520 -5.62 -9.16 27.91
C VAL B 520 -5.57 -10.61 27.47
N TRP B 521 -5.06 -10.87 26.26
CA TRP B 521 -5.05 -12.25 25.79
C TRP B 521 -4.13 -13.14 26.61
N LEU B 522 -2.98 -12.61 27.04
CA LEU B 522 -2.03 -13.43 27.79
C LEU B 522 -2.54 -13.67 29.20
N VAL B 523 -3.13 -12.67 29.86
CA VAL B 523 -3.66 -12.91 31.19
C VAL B 523 -4.78 -13.94 31.12
N ALA B 524 -5.63 -13.85 30.09
CA ALA B 524 -6.64 -14.87 29.88
C ALA B 524 -6.00 -16.26 29.77
N TYR B 525 -5.15 -16.44 28.75
CA TYR B 525 -4.61 -17.76 28.47
C TYR B 525 -3.84 -18.31 29.66
N GLY B 526 -3.04 -17.47 30.32
CA GLY B 526 -2.34 -17.91 31.51
C GLY B 526 -3.30 -18.41 32.58
N VAL B 527 -4.16 -17.51 33.09
CA VAL B 527 -5.08 -17.90 34.15
C VAL B 527 -5.77 -19.20 33.80
N ALA B 528 -6.15 -19.38 32.53
CA ALA B 528 -6.74 -20.65 32.12
C ALA B 528 -5.75 -21.80 32.28
N THR B 529 -4.48 -21.58 31.92
CA THR B 529 -3.51 -22.67 32.00
C THR B 529 -3.27 -23.13 33.43
N GLU B 530 -2.98 -22.22 34.36
CA GLU B 530 -2.83 -22.69 35.73
C GLU B 530 -4.16 -22.98 36.41
N GLY B 531 -5.29 -22.69 35.74
CA GLY B 531 -6.53 -23.24 36.21
C GLY B 531 -6.66 -24.71 35.88
N LEU B 532 -6.31 -25.06 34.63
CA LEU B 532 -6.33 -26.46 34.22
C LEU B 532 -5.33 -27.29 35.01
N LEU B 533 -4.08 -26.81 35.11
CA LEU B 533 -3.03 -27.52 35.81
C LEU B 533 -2.66 -26.75 37.07
N ARG B 534 -2.56 -27.47 38.20
CA ARG B 534 -2.28 -26.87 39.50
C ARG B 534 -0.91 -27.32 39.98
N PRO B 535 0.12 -26.51 39.77
CA PRO B 535 1.38 -26.75 40.47
C PRO B 535 1.19 -26.62 41.98
N ARG B 536 1.84 -27.51 42.73
CA ARG B 536 1.79 -27.40 44.18
C ARG B 536 2.52 -26.16 44.68
N ASP B 537 3.41 -25.60 43.89
CA ASP B 537 4.10 -24.36 44.24
C ASP B 537 3.15 -23.20 43.95
N SER B 538 2.26 -22.96 44.91
CA SER B 538 1.23 -21.92 44.80
C SER B 538 1.71 -20.58 45.34
N ASP B 539 3.01 -20.33 45.32
CA ASP B 539 3.54 -19.06 45.77
C ASP B 539 3.06 -17.93 44.86
N PHE B 540 2.85 -16.75 45.44
CA PHE B 540 2.38 -15.61 44.67
C PHE B 540 3.33 -15.22 43.54
N PRO B 541 4.63 -15.02 43.78
CA PRO B 541 5.52 -14.72 42.65
C PRO B 541 5.58 -15.84 41.62
N SER B 542 5.52 -17.09 42.06
CA SER B 542 5.55 -18.21 41.12
C SER B 542 4.32 -18.20 40.21
N ILE B 543 3.15 -17.97 40.80
CA ILE B 543 1.92 -17.92 40.02
C ILE B 543 1.96 -16.75 39.03
N LEU B 544 2.41 -15.58 39.49
CA LEU B 544 2.48 -14.43 38.60
C LEU B 544 3.46 -14.68 37.46
N ARG B 545 4.62 -15.27 37.75
CA ARG B 545 5.57 -15.61 36.70
C ARG B 545 4.95 -16.58 35.70
N ARG B 546 4.35 -17.66 36.19
CA ARG B 546 3.79 -18.67 35.30
C ARG B 546 2.63 -18.13 34.46
N VAL B 547 1.90 -17.13 34.96
CA VAL B 547 0.76 -16.62 34.20
C VAL B 547 1.17 -15.52 33.22
N PHE B 548 2.21 -14.75 33.53
CA PHE B 548 2.61 -13.65 32.66
C PHE B 548 3.86 -13.95 31.83
N TYR B 549 4.97 -14.28 32.49
CA TYR B 549 6.26 -14.31 31.81
C TYR B 549 6.41 -15.54 30.93
N ARG B 550 6.01 -16.71 31.42
CA ARG B 550 6.13 -17.92 30.60
C ARG B 550 5.29 -17.85 29.33
N PRO B 551 3.99 -17.52 29.38
CA PRO B 551 3.26 -17.33 28.11
C PRO B 551 3.83 -16.24 27.25
N TYR B 552 4.41 -15.21 27.86
CA TYR B 552 5.04 -14.14 27.08
C TYR B 552 6.24 -14.68 26.32
N LEU B 553 7.01 -15.58 26.94
CA LEU B 553 8.11 -16.20 26.23
C LEU B 553 7.63 -17.21 25.19
N GLN B 554 6.43 -17.74 25.35
CA GLN B 554 5.91 -18.68 24.36
C GLN B 554 5.82 -18.07 22.96
N ILE B 555 5.73 -16.73 22.86
CA ILE B 555 5.54 -16.11 21.56
C ILE B 555 6.82 -16.17 20.73
N PHE B 556 7.97 -16.19 21.38
CA PHE B 556 9.26 -16.10 20.69
C PHE B 556 10.04 -17.42 20.72
N GLY B 557 9.34 -18.55 20.65
CA GLY B 557 9.98 -19.84 20.55
C GLY B 557 10.33 -20.50 21.87
N GLN B 558 10.21 -19.79 22.99
CA GLN B 558 10.45 -20.38 24.30
C GLN B 558 9.15 -21.02 24.76
N ILE B 559 8.89 -22.22 24.27
CA ILE B 559 7.68 -22.96 24.57
C ILE B 559 8.07 -24.15 25.45
N PRO B 560 7.83 -24.10 26.75
CA PRO B 560 8.15 -25.23 27.64
C PRO B 560 7.22 -26.42 27.44
N GLN B 561 7.30 -27.01 26.25
CA GLN B 561 6.44 -28.13 25.90
C GLN B 561 6.60 -29.29 26.87
N GLU B 562 7.85 -29.62 27.21
CA GLU B 562 8.12 -30.65 28.20
C GLU B 562 7.57 -30.28 29.57
N ASP B 563 7.28 -29.00 29.80
CA ASP B 563 6.72 -28.57 31.07
C ASP B 563 5.21 -28.57 31.10
N MET B 564 4.54 -28.34 29.96
CA MET B 564 3.09 -28.30 29.98
C MET B 564 2.40 -29.55 29.44
N ASP B 565 3.08 -30.38 28.64
CA ASP B 565 2.39 -31.48 27.98
C ASP B 565 2.62 -32.79 28.72
N VAL B 566 1.53 -33.55 28.89
CA VAL B 566 1.57 -34.78 29.69
C VAL B 566 2.44 -35.82 29.02
N ALA B 567 2.48 -35.83 27.69
CA ALA B 567 3.23 -36.86 26.97
C ALA B 567 4.72 -36.81 27.27
N LEU B 568 5.27 -35.63 27.56
CA LEU B 568 6.69 -35.48 27.80
C LEU B 568 7.06 -35.49 29.28
N MET B 569 6.09 -35.66 30.18
CA MET B 569 6.35 -35.72 31.61
C MET B 569 6.14 -37.13 32.13
N GLU B 570 6.93 -37.49 33.15
CA GLU B 570 6.93 -38.84 33.71
C GLU B 570 5.91 -38.94 34.83
N HIS B 571 5.07 -39.96 34.78
CA HIS B 571 3.99 -40.12 35.74
C HIS B 571 4.51 -40.52 37.12
N SER B 572 4.00 -39.85 38.15
CA SER B 572 4.37 -40.13 39.53
C SER B 572 3.28 -39.60 40.46
N ASN B 573 3.24 -40.15 41.67
CA ASN B 573 2.27 -39.72 42.67
C ASN B 573 2.88 -38.64 43.59
N CYS B 574 3.10 -37.47 42.99
CA CYS B 574 3.72 -36.36 43.68
C CYS B 574 2.75 -35.54 44.52
N SER B 575 1.45 -35.85 44.49
CA SER B 575 0.48 -35.19 45.34
C SER B 575 -0.47 -36.22 45.94
N SER B 576 -1.03 -35.88 47.10
CA SER B 576 -1.94 -36.75 47.80
C SER B 576 -3.38 -36.65 47.32
N GLU B 577 -3.69 -35.64 46.51
CA GLU B 577 -5.05 -35.51 45.98
C GLU B 577 -5.33 -36.67 45.01
N PRO B 578 -6.55 -37.22 45.01
CA PRO B 578 -6.82 -38.38 44.15
C PRO B 578 -6.87 -38.02 42.67
N GLY B 579 -5.70 -37.92 42.04
CA GLY B 579 -5.61 -37.64 40.63
C GLY B 579 -4.26 -38.03 40.10
N PHE B 580 -4.08 -37.83 38.79
CA PHE B 580 -2.84 -38.15 38.10
C PHE B 580 -2.08 -36.85 37.87
N TRP B 581 -0.78 -36.86 38.22
CA TRP B 581 -0.02 -35.62 38.29
C TRP B 581 1.16 -35.59 37.34
N ALA B 582 2.06 -36.58 37.39
CA ALA B 582 3.21 -36.67 36.50
C ALA B 582 4.11 -35.44 36.61
N HIS B 583 4.73 -35.30 37.79
CA HIS B 583 5.64 -34.22 38.15
C HIS B 583 6.56 -33.81 37.01
N PRO B 584 6.51 -32.56 36.58
CA PRO B 584 7.34 -32.11 35.44
C PRO B 584 8.76 -31.84 35.88
N PRO B 585 9.71 -31.80 34.94
CA PRO B 585 11.10 -31.53 35.29
C PRO B 585 11.49 -30.06 35.37
N GLY B 586 10.59 -29.14 35.06
CA GLY B 586 10.93 -27.73 35.08
C GLY B 586 11.19 -27.22 36.48
N ALA B 587 12.11 -26.25 36.58
CA ALA B 587 12.46 -25.69 37.88
C ALA B 587 11.36 -24.81 38.43
N GLN B 588 10.79 -23.93 37.61
CA GLN B 588 9.73 -23.02 38.03
C GLN B 588 8.40 -23.35 37.36
N ALA B 589 8.29 -24.54 36.79
CA ALA B 589 7.04 -25.02 36.22
C ALA B 589 6.14 -25.66 37.27
N GLY B 590 6.57 -25.69 38.52
CA GLY B 590 5.81 -26.33 39.58
C GLY B 590 6.32 -27.73 39.86
N THR B 591 6.38 -28.10 41.14
CA THR B 591 6.88 -29.42 41.52
C THR B 591 5.88 -30.53 41.23
N CYS B 592 4.59 -30.22 41.11
CA CYS B 592 3.57 -31.25 40.94
C CYS B 592 2.35 -30.61 40.28
N VAL B 593 2.17 -30.86 38.99
CA VAL B 593 1.08 -30.27 38.24
C VAL B 593 0.05 -31.35 37.93
N SER B 594 -1.15 -30.93 37.54
CA SER B 594 -2.26 -31.83 37.23
C SER B 594 -2.28 -32.17 35.75
N GLN B 595 -3.02 -33.22 35.41
CA GLN B 595 -3.05 -33.69 34.02
C GLN B 595 -4.45 -34.14 33.56
N TYR B 596 -5.50 -33.81 34.30
CA TYR B 596 -6.83 -34.32 33.96
C TYR B 596 -7.25 -33.89 32.55
N ALA B 597 -7.11 -32.60 32.25
CA ALA B 597 -7.46 -32.07 30.95
C ALA B 597 -6.23 -31.53 30.24
N ASN B 598 -5.14 -32.30 30.31
CA ASN B 598 -3.92 -31.95 29.61
C ASN B 598 -4.14 -31.78 28.10
N TRP B 599 -5.06 -32.56 27.52
CA TRP B 599 -5.40 -32.37 26.11
C TRP B 599 -6.03 -30.99 25.88
N LEU B 600 -6.88 -30.55 26.81
CA LEU B 600 -7.42 -29.20 26.72
C LEU B 600 -6.33 -28.15 26.87
N VAL B 601 -5.35 -28.40 27.73
CA VAL B 601 -4.20 -27.50 27.84
C VAL B 601 -3.46 -27.43 26.51
N VAL B 602 -3.29 -28.57 25.86
CA VAL B 602 -2.65 -28.62 24.55
C VAL B 602 -3.43 -27.77 23.54
N LEU B 603 -4.75 -27.96 23.49
CA LEU B 603 -5.56 -27.23 22.52
C LEU B 603 -5.53 -25.73 22.81
N LEU B 604 -5.47 -25.37 24.10
CA LEU B 604 -5.38 -23.96 24.47
C LEU B 604 -4.04 -23.37 24.07
N LEU B 605 -2.96 -24.14 24.20
CA LEU B 605 -1.66 -23.71 23.68
C LEU B 605 -1.74 -23.48 22.19
N VAL B 606 -2.41 -24.38 21.47
CA VAL B 606 -2.58 -24.22 20.03
C VAL B 606 -3.30 -22.92 19.72
N ILE B 607 -4.39 -22.65 20.44
CA ILE B 607 -5.16 -21.44 20.20
C ILE B 607 -4.34 -20.19 20.52
N PHE B 608 -3.59 -20.24 21.63
CA PHE B 608 -2.75 -19.11 22.00
C PHE B 608 -1.71 -18.82 20.94
N LEU B 609 -1.03 -19.85 20.45
CA LEU B 609 -0.03 -19.66 19.41
C LEU B 609 -0.67 -19.13 18.12
N LEU B 610 -1.86 -19.64 17.79
CA LEU B 610 -2.53 -19.18 16.58
C LEU B 610 -2.92 -17.71 16.68
N VAL B 611 -3.51 -17.30 17.79
CA VAL B 611 -4.00 -15.92 17.93
C VAL B 611 -2.82 -14.96 18.04
N ALA B 612 -1.83 -15.29 18.86
CA ALA B 612 -0.79 -14.33 19.19
C ALA B 612 0.27 -14.24 18.10
N ASN B 613 0.77 -15.37 17.63
CA ASN B 613 1.92 -15.36 16.73
C ASN B 613 1.51 -15.17 15.28
N ILE B 614 0.22 -15.15 14.99
CA ILE B 614 -0.23 -14.88 13.64
C ILE B 614 -1.07 -13.61 13.59
N LEU B 615 -2.21 -13.60 14.28
CA LEU B 615 -3.13 -12.49 14.15
C LEU B 615 -2.48 -11.19 14.62
N LEU B 616 -1.97 -11.18 15.85
CA LEU B 616 -1.54 -9.94 16.48
C LEU B 616 -0.35 -9.32 15.75
N VAL B 617 0.69 -10.13 15.52
CA VAL B 617 1.93 -9.60 14.95
C VAL B 617 1.66 -9.05 13.55
N ASN B 618 0.79 -9.71 12.79
CA ASN B 618 0.65 -9.33 11.40
C ASN B 618 -0.33 -8.18 11.23
N LEU B 619 -1.36 -8.10 12.08
CA LEU B 619 -2.14 -6.87 12.10
C LEU B 619 -1.29 -5.69 12.57
N LEU B 620 -0.34 -5.96 13.47
CA LEU B 620 0.64 -4.94 13.85
C LEU B 620 1.46 -4.49 12.66
N ILE B 621 1.92 -5.44 11.85
CA ILE B 621 2.68 -5.10 10.65
C ILE B 621 1.84 -4.23 9.72
N ALA B 622 0.59 -4.62 9.52
CA ALA B 622 -0.29 -3.86 8.64
C ALA B 622 -0.53 -2.45 9.17
N MET B 623 -0.72 -2.31 10.49
CA MET B 623 -1.01 -0.99 11.03
C MET B 623 0.23 -0.10 11.00
N PHE B 624 1.43 -0.64 11.25
CA PHE B 624 2.63 0.15 11.00
C PHE B 624 2.73 0.56 9.54
N SER B 625 2.45 -0.36 8.61
CA SER B 625 2.54 0.00 7.20
C SER B 625 1.62 1.17 6.88
N TYR B 626 0.36 1.08 7.30
CA TYR B 626 -0.63 2.09 6.94
C TYR B 626 -0.33 3.42 7.63
N THR B 627 0.09 3.38 8.90
CA THR B 627 0.44 4.61 9.61
C THR B 627 1.66 5.28 8.99
N PHE B 628 2.72 4.51 8.70
CA PHE B 628 3.88 5.07 8.03
C PHE B 628 3.46 5.70 6.71
N GLY B 629 2.63 5.01 5.94
CA GLY B 629 2.15 5.55 4.69
C GLY B 629 1.43 6.86 4.83
N LYS B 630 0.59 7.01 5.86
CA LYS B 630 -0.14 8.27 5.98
C LYS B 630 0.78 9.40 6.45
N VAL B 631 1.68 9.12 7.40
CA VAL B 631 2.28 10.20 8.17
C VAL B 631 3.75 10.44 7.81
N GLN B 632 4.31 9.73 6.82
CA GLN B 632 5.71 9.97 6.49
C GLN B 632 5.94 11.40 5.97
N GLY B 633 5.02 11.90 5.14
CA GLY B 633 5.20 13.26 4.62
C GLY B 633 5.08 14.32 5.69
N ASN B 634 4.09 14.19 6.57
CA ASN B 634 3.96 15.11 7.69
C ASN B 634 5.16 15.03 8.61
N SER B 635 5.72 13.83 8.80
CA SER B 635 6.92 13.68 9.61
C SER B 635 8.08 14.44 8.99
N ASP B 636 8.25 14.35 7.67
CA ASP B 636 9.32 15.12 7.02
C ASP B 636 9.10 16.61 7.17
N LEU B 637 7.84 17.06 6.97
CA LEU B 637 7.53 18.48 7.11
C LEU B 637 7.86 18.98 8.51
N TYR B 638 7.49 18.21 9.53
CA TYR B 638 7.80 18.58 10.91
C TYR B 638 9.30 18.51 11.18
N TRP B 639 9.98 17.55 10.55
CA TRP B 639 11.42 17.40 10.73
C TRP B 639 12.18 18.60 10.19
N LYS B 640 11.66 19.26 9.17
CA LYS B 640 12.28 20.50 8.71
C LYS B 640 12.36 21.53 9.84
N ALA B 641 11.23 21.80 10.49
CA ALA B 641 11.23 22.75 11.60
C ALA B 641 12.08 22.24 12.76
N GLN B 642 12.04 20.93 13.03
CA GLN B 642 12.83 20.38 14.11
C GLN B 642 14.33 20.59 13.87
N ARG B 643 14.79 20.35 12.63
CA ARG B 643 16.21 20.50 12.36
C ARG B 643 16.61 21.97 12.40
N TYR B 644 15.72 22.86 11.96
CA TYR B 644 16.00 24.29 12.13
C TYR B 644 16.18 24.63 13.61
N ARG B 645 15.29 24.15 14.46
CA ARG B 645 15.39 24.47 15.89
C ARG B 645 16.67 23.90 16.49
N LEU B 646 17.03 22.67 16.11
CA LEU B 646 18.21 22.06 16.70
C LEU B 646 19.49 22.74 16.22
N ILE B 647 19.56 23.15 14.95
CA ILE B 647 20.74 23.87 14.51
C ILE B 647 20.80 25.24 15.17
N ARG B 648 19.63 25.85 15.45
CA ARG B 648 19.61 27.08 16.23
C ARG B 648 20.21 26.86 17.61
N GLU B 649 19.80 25.79 18.29
CA GLU B 649 20.28 25.59 19.66
C GLU B 649 21.75 25.21 19.68
N PHE B 650 22.22 24.48 18.65
CA PHE B 650 23.65 24.22 18.54
C PHE B 650 24.43 25.50 18.27
N HIS B 651 23.89 26.40 17.44
CA HIS B 651 24.54 27.69 17.24
C HIS B 651 24.63 28.46 18.55
N SER B 652 23.57 28.41 19.35
CA SER B 652 23.60 29.07 20.66
C SER B 652 24.51 28.35 21.65
N ARG B 653 24.80 27.08 21.42
CA ARG B 653 25.61 26.30 22.36
C ARG B 653 27.04 26.83 22.41
N PRO B 654 27.66 26.89 23.59
CA PRO B 654 29.07 27.26 23.68
C PRO B 654 29.97 26.24 22.99
N ALA B 655 31.18 26.69 22.67
CA ALA B 655 32.04 25.94 21.77
C ALA B 655 32.65 24.72 22.44
N LEU B 656 33.02 24.83 23.71
CA LEU B 656 33.89 23.84 24.32
C LEU B 656 33.17 22.51 24.54
N ALA B 657 33.97 21.46 24.73
CA ALA B 657 33.44 20.12 24.93
C ALA B 657 33.03 19.91 26.38
N PRO B 658 32.10 19.00 26.64
CA PRO B 658 31.57 18.79 28.00
C PRO B 658 32.67 18.56 29.03
N PRO B 659 33.74 17.82 28.71
CA PRO B 659 34.86 17.76 29.66
C PRO B 659 35.53 19.12 29.88
N PHE B 660 35.34 20.07 28.97
CA PHE B 660 36.00 21.38 29.05
C PHE B 660 35.03 22.54 29.14
N ILE B 661 33.71 22.31 29.06
CA ILE B 661 32.75 23.41 29.15
C ILE B 661 32.85 24.16 30.48
N VAL B 662 33.52 23.58 31.49
CA VAL B 662 33.71 24.30 32.74
C VAL B 662 34.44 25.62 32.50
N ILE B 663 35.35 25.65 31.52
CA ILE B 663 36.01 26.90 31.15
C ILE B 663 35.01 27.90 30.61
N SER B 664 34.09 27.43 29.75
CA SER B 664 33.06 28.31 29.21
C SER B 664 32.14 28.82 30.31
N HIS B 665 31.82 27.96 31.29
CA HIS B 665 30.98 28.36 32.40
C HIS B 665 31.66 29.44 33.24
N LEU B 666 32.96 29.28 33.52
CA LEU B 666 33.65 30.30 34.30
C LEU B 666 33.80 31.60 33.50
N ARG B 667 33.96 31.48 32.18
CA ARG B 667 33.98 32.68 31.33
C ARG B 667 32.65 33.42 31.40
N LEU B 668 31.55 32.68 31.31
CA LEU B 668 30.22 33.30 31.36
C LEU B 668 29.98 33.92 32.74
N LEU B 669 30.40 33.22 33.80
CA LEU B 669 30.25 33.76 35.14
C LEU B 669 31.07 35.05 35.30
N LEU B 670 32.28 35.08 34.74
CA LEU B 670 33.06 36.31 34.75
C LEU B 670 32.36 37.41 33.98
N ARG B 671 31.76 37.08 32.84
CA ARG B 671 31.00 38.07 32.08
C ARG B 671 29.84 38.62 32.90
N GLN B 672 29.13 37.76 33.63
CA GLN B 672 28.13 38.24 34.57
C GLN B 672 28.76 38.99 35.74
N LEU B 673 29.92 38.53 36.21
CA LEU B 673 30.58 39.19 37.34
C LEU B 673 31.26 40.49 36.93
N CYS B 674 31.89 40.54 35.75
CA CYS B 674 32.53 41.76 35.28
C CYS B 674 31.52 42.84 34.91
N ARG B 675 30.24 42.49 34.76
CA ARG B 675 29.22 43.50 34.48
C ARG B 675 28.96 44.37 35.70
N ARG B 676 29.15 43.84 36.91
CA ARG B 676 28.89 44.62 38.11
C ARG B 676 29.79 45.84 38.25
N PRO B 677 31.12 45.74 38.12
CA PRO B 677 31.95 46.95 38.19
C PRO B 677 31.70 47.93 37.06
N ARG B 678 31.13 47.48 35.94
CA ARG B 678 30.84 48.37 34.83
C ARG B 678 29.47 49.02 34.98
N HIS B 689 20.00 36.22 16.42
CA HIS B 689 21.16 35.45 16.84
C HIS B 689 22.29 35.53 15.81
N PHE B 690 21.96 35.21 14.56
CA PHE B 690 22.91 35.33 13.46
C PHE B 690 23.33 36.78 13.26
N ARG B 691 22.37 37.63 12.88
CA ARG B 691 22.53 39.08 12.85
C ARG B 691 23.73 39.51 11.99
N VAL B 692 23.63 39.22 10.70
CA VAL B 692 24.63 39.68 9.74
C VAL B 692 24.24 41.08 9.25
N TYR B 693 25.18 42.02 9.33
CA TYR B 693 24.91 43.42 9.06
C TYR B 693 24.70 43.67 7.56
N LEU B 694 23.86 44.66 7.25
CA LEU B 694 23.63 45.11 5.89
C LEU B 694 23.88 46.61 5.77
N SER B 695 24.23 47.05 4.57
CA SER B 695 24.48 48.45 4.30
C SER B 695 23.17 49.22 4.18
N LYS B 696 23.25 50.53 4.50
CA LYS B 696 22.07 51.38 4.45
C LYS B 696 21.54 51.49 3.02
N GLU B 697 22.42 51.73 2.06
CA GLU B 697 21.99 51.79 0.68
C GLU B 697 21.58 50.42 0.17
N ALA B 698 22.22 49.35 0.66
CA ALA B 698 21.79 48.00 0.33
C ALA B 698 20.36 47.75 0.79
N GLU B 699 19.93 48.41 1.87
CA GLU B 699 18.54 48.33 2.28
C GLU B 699 17.61 48.76 1.17
N ARG B 700 17.85 49.95 0.61
CA ARG B 700 17.00 50.46 -0.47
C ARG B 700 17.14 49.59 -1.72
N LYS B 701 18.35 49.11 -2.00
CA LYS B 701 18.55 48.27 -3.18
C LYS B 701 17.72 46.99 -3.08
N LEU B 702 17.79 46.31 -1.94
CA LEU B 702 17.02 45.08 -1.78
C LEU B 702 15.53 45.37 -1.70
N LEU B 703 15.14 46.51 -1.15
CA LEU B 703 13.73 46.87 -1.13
C LEU B 703 13.20 47.03 -2.56
N THR B 704 13.96 47.72 -3.41
CA THR B 704 13.56 47.86 -4.80
C THR B 704 13.55 46.53 -5.51
N TRP B 705 14.55 45.68 -5.24
CA TRP B 705 14.60 44.37 -5.89
C TRP B 705 13.40 43.51 -5.50
N GLU B 706 13.05 43.50 -4.21
CA GLU B 706 11.92 42.70 -3.78
C GLU B 706 10.60 43.28 -4.26
N SER B 707 10.49 44.61 -4.35
CA SER B 707 9.29 45.21 -4.92
C SER B 707 9.14 44.83 -6.39
N VAL B 708 10.23 44.84 -7.14
CA VAL B 708 10.18 44.45 -8.55
C VAL B 708 9.76 42.99 -8.66
N HIS B 709 10.37 42.12 -7.86
CA HIS B 709 10.03 40.70 -7.95
C HIS B 709 8.59 40.45 -7.52
N LYS B 710 8.12 41.16 -6.49
CA LYS B 710 6.74 40.95 -6.05
C LYS B 710 5.75 41.44 -7.10
N GLU B 711 6.05 42.56 -7.77
CA GLU B 711 5.13 42.97 -8.83
C GLU B 711 5.17 42.01 -10.01
N ASN B 712 6.35 41.47 -10.35
CA ASN B 712 6.40 40.42 -11.37
C ASN B 712 5.54 39.23 -10.95
N PHE B 713 5.57 38.86 -9.68
CA PHE B 713 4.84 37.69 -9.22
C PHE B 713 3.33 37.94 -9.24
N LEU B 714 2.90 39.13 -8.82
CA LEU B 714 1.50 39.53 -8.96
C LEU B 714 1.05 39.48 -10.42
N LEU B 715 1.82 40.07 -11.33
CA LEU B 715 1.42 40.02 -12.74
C LEU B 715 1.39 38.60 -13.27
N ALA B 716 2.36 37.77 -12.88
CA ALA B 716 2.39 36.38 -13.35
C ALA B 716 1.15 35.62 -12.87
N ARG B 717 0.79 35.78 -11.60
CA ARG B 717 -0.37 35.06 -11.08
C ARG B 717 -1.67 35.61 -11.69
N ALA B 718 -1.75 36.93 -11.89
CA ALA B 718 -2.92 37.50 -12.53
C ALA B 718 -3.06 37.01 -13.96
N ARG B 719 -1.94 36.88 -14.67
CA ARG B 719 -1.98 36.30 -16.01
C ARG B 719 -2.45 34.85 -15.97
N ASP B 720 -1.95 34.07 -15.01
CA ASP B 720 -2.40 32.68 -14.90
C ASP B 720 -3.90 32.62 -14.65
N LYS B 721 -4.41 33.50 -13.78
CA LYS B 721 -5.85 33.59 -13.61
C LYS B 721 -6.54 33.97 -14.91
N ARG B 722 -5.95 34.88 -15.68
CA ARG B 722 -6.61 35.38 -16.88
C ARG B 722 -6.58 34.35 -18.01
N GLU B 723 -5.74 33.32 -17.90
CA GLU B 723 -5.94 32.18 -18.77
C GLU B 723 -6.60 30.98 -18.07
N SER B 724 -7.00 31.12 -16.82
CA SER B 724 -7.80 30.07 -16.19
C SER B 724 -9.11 29.85 -16.95
N ASP B 725 -9.41 28.58 -17.21
CA ASP B 725 -10.48 28.23 -18.13
C ASP B 725 -11.85 28.66 -17.63
N SER B 726 -12.10 28.55 -16.33
CA SER B 726 -13.41 28.90 -15.79
C SER B 726 -13.71 30.38 -16.02
N GLU B 727 -12.77 31.26 -15.67
CA GLU B 727 -13.02 32.68 -15.89
C GLU B 727 -12.95 33.03 -17.37
N ARG B 728 -12.26 32.22 -18.17
CA ARG B 728 -12.33 32.43 -19.62
C ARG B 728 -13.74 32.20 -20.14
N LEU B 729 -14.38 31.11 -19.68
CA LEU B 729 -15.78 30.89 -20.02
C LEU B 729 -16.65 32.02 -19.47
N LYS B 730 -16.30 32.50 -18.27
CA LYS B 730 -16.99 33.65 -17.69
C LYS B 730 -16.94 34.86 -18.61
N ARG B 731 -15.74 35.20 -19.07
CA ARG B 731 -15.55 36.35 -19.95
C ARG B 731 -16.27 36.16 -21.27
N THR B 732 -16.24 34.95 -21.82
CA THR B 732 -17.03 34.69 -23.03
C THR B 732 -18.51 34.89 -22.77
N SER B 733 -18.98 34.53 -21.58
CA SER B 733 -20.38 34.76 -21.23
C SER B 733 -20.70 36.25 -21.17
N GLN B 734 -19.80 37.04 -20.58
CA GLN B 734 -20.07 38.48 -20.57
C GLN B 734 -19.84 39.14 -21.92
N LYS B 735 -19.19 38.47 -22.86
CA LYS B 735 -19.23 38.95 -24.24
C LYS B 735 -20.56 38.61 -24.90
N VAL B 736 -21.04 37.38 -24.67
CA VAL B 736 -22.28 36.93 -25.28
C VAL B 736 -23.46 37.77 -24.80
N ASP B 737 -23.53 38.05 -23.50
CA ASP B 737 -24.70 38.76 -22.99
C ASP B 737 -24.68 40.23 -23.43
N LEU B 738 -23.50 40.85 -23.53
CA LEU B 738 -23.46 42.21 -24.05
C LEU B 738 -23.83 42.23 -25.52
N ALA B 739 -23.43 41.20 -26.27
CA ALA B 739 -23.88 41.09 -27.66
C ALA B 739 -25.40 40.98 -27.72
N LEU B 740 -25.98 40.18 -26.82
CA LEU B 740 -27.44 40.05 -26.79
C LEU B 740 -28.10 41.39 -26.49
N LYS B 741 -27.57 42.14 -25.51
CA LYS B 741 -28.17 43.43 -25.16
C LYS B 741 -28.04 44.44 -26.30
N GLN B 742 -26.88 44.46 -26.95
CA GLN B 742 -26.69 45.41 -28.05
C GLN B 742 -27.52 45.04 -29.27
N LEU B 743 -27.81 43.74 -29.46
CA LEU B 743 -28.76 43.35 -30.50
C LEU B 743 -30.17 43.73 -30.11
N GLY B 744 -30.52 43.62 -28.82
CA GLY B 744 -31.82 44.06 -28.36
C GLY B 744 -32.02 45.55 -28.44
N HIS B 745 -30.95 46.33 -28.37
CA HIS B 745 -31.02 47.77 -28.55
C HIS B 745 -31.37 48.17 -29.98
N ILE B 746 -31.06 47.32 -30.97
CA ILE B 746 -31.34 47.59 -32.37
C ILE B 746 -32.49 46.73 -32.90
N ARG B 747 -33.27 46.12 -32.01
CA ARG B 747 -34.41 45.32 -32.43
C ARG B 747 -35.51 46.16 -33.06
N GLU B 748 -35.54 47.46 -32.78
CA GLU B 748 -36.58 48.33 -33.33
C GLU B 748 -36.54 48.39 -34.85
N TYR B 749 -35.37 48.19 -35.46
CA TYR B 749 -35.24 48.21 -36.91
C TYR B 749 -36.07 47.10 -37.56
N ARG C 2 -34.86 6.53 -57.70
CA ARG C 2 -35.58 5.27 -57.68
C ARG C 2 -34.81 4.15 -56.99
N SER C 3 -35.41 2.96 -57.01
CA SER C 3 -34.81 1.77 -56.42
C SER C 3 -33.39 1.57 -56.95
N PHE C 4 -33.26 1.39 -58.26
CA PHE C 4 -31.97 1.11 -58.88
C PHE C 4 -30.97 2.24 -58.67
N HIS C 5 -31.46 3.48 -58.64
CA HIS C 5 -30.56 4.62 -58.42
C HIS C 5 -29.96 4.56 -57.01
N LEU C 6 -30.80 4.34 -56.01
CA LEU C 6 -30.30 4.22 -54.65
C LEU C 6 -29.39 3.00 -54.52
N GLU C 7 -29.71 1.96 -55.29
CA GLU C 7 -28.92 0.74 -55.31
C GLU C 7 -27.51 1.01 -55.84
N ALA C 8 -27.40 1.77 -56.93
CA ALA C 8 -26.10 2.16 -57.46
C ALA C 8 -25.34 3.05 -56.49
N SER C 9 -26.04 4.00 -55.86
CA SER C 9 -25.42 4.78 -54.81
C SER C 9 -24.86 3.87 -53.72
N LEU C 10 -25.56 2.77 -53.43
CA LEU C 10 -25.10 1.90 -52.35
C LEU C 10 -23.92 1.03 -52.77
N MET C 11 -23.88 0.58 -54.01
CA MET C 11 -22.63 -0.05 -54.46
C MET C 11 -21.45 0.90 -54.32
N ASP C 12 -21.62 2.16 -54.73
CA ASP C 12 -20.51 3.09 -54.57
C ASP C 12 -20.13 3.28 -53.10
N ALA C 13 -21.12 3.47 -52.23
CA ALA C 13 -20.89 3.73 -50.81
C ALA C 13 -20.51 2.47 -50.02
N LEU C 14 -20.58 1.30 -50.62
CA LEU C 14 -20.08 0.09 -49.97
C LEU C 14 -18.74 -0.35 -50.52
N LEU C 15 -18.47 -0.08 -51.81
CA LEU C 15 -17.14 -0.33 -52.35
C LEU C 15 -16.13 0.67 -51.81
N ASN C 16 -16.56 1.91 -51.57
CA ASN C 16 -15.76 2.89 -50.86
C ASN C 16 -16.45 3.23 -49.55
N ASP C 17 -15.68 3.42 -48.48
CA ASP C 17 -16.22 3.54 -47.13
C ASP C 17 -17.33 4.57 -47.03
N ARG C 18 -16.99 5.85 -47.24
CA ARG C 18 -17.91 6.98 -47.24
C ARG C 18 -19.01 6.86 -46.19
N PRO C 19 -18.67 6.91 -44.90
CA PRO C 19 -19.67 6.64 -43.86
C PRO C 19 -20.85 7.60 -43.87
N GLU C 20 -20.63 8.88 -44.12
CA GLU C 20 -21.73 9.84 -44.13
C GLU C 20 -22.73 9.52 -45.24
N PHE C 21 -22.22 9.18 -46.43
CA PHE C 21 -23.09 8.78 -47.52
C PHE C 21 -23.83 7.49 -47.19
N VAL C 22 -23.17 6.57 -46.51
CA VAL C 22 -23.82 5.31 -46.12
C VAL C 22 -24.97 5.59 -45.17
N ARG C 23 -24.74 6.43 -44.15
CA ARG C 23 -25.82 6.78 -43.23
C ARG C 23 -26.94 7.50 -43.94
N LEU C 24 -26.63 8.43 -44.84
CA LEU C 24 -27.69 9.08 -45.59
C LEU C 24 -28.52 8.09 -46.40
N LEU C 25 -27.86 7.15 -47.08
CA LEU C 25 -28.57 6.18 -47.90
C LEU C 25 -29.48 5.29 -47.07
N ILE C 26 -28.93 4.64 -46.03
CA ILE C 26 -29.73 3.65 -45.30
C ILE C 26 -30.40 4.34 -44.12
N SER C 27 -30.45 5.66 -44.16
CA SER C 27 -31.43 6.41 -43.37
C SER C 27 -32.58 6.94 -44.19
N HIS C 28 -32.40 7.27 -45.47
CA HIS C 28 -33.52 7.52 -46.37
C HIS C 28 -34.20 6.24 -46.82
N GLY C 29 -33.53 5.09 -46.69
CA GLY C 29 -34.16 3.81 -46.93
C GLY C 29 -33.65 3.12 -48.19
N LEU C 30 -33.28 1.86 -48.03
CA LEU C 30 -32.97 0.96 -49.15
C LEU C 30 -33.87 -0.26 -49.07
N SER C 31 -34.04 -0.91 -50.22
CA SER C 31 -34.85 -2.12 -50.26
C SER C 31 -34.24 -3.23 -49.43
N LEU C 32 -32.94 -3.50 -49.63
CA LEU C 32 -32.17 -4.50 -48.90
C LEU C 32 -32.64 -5.91 -49.23
N GLY C 33 -33.69 -6.02 -50.05
CA GLY C 33 -34.12 -7.27 -50.60
C GLY C 33 -33.83 -7.33 -52.08
N HIS C 34 -34.08 -6.21 -52.77
CA HIS C 34 -33.60 -6.05 -54.13
C HIS C 34 -32.11 -5.72 -54.13
N PHE C 35 -31.60 -5.20 -53.01
CA PHE C 35 -30.18 -5.18 -52.73
C PHE C 35 -29.79 -6.57 -52.24
N LEU C 36 -28.49 -6.86 -52.18
CA LEU C 36 -27.94 -8.13 -51.71
C LEU C 36 -28.36 -9.32 -52.57
N THR C 37 -28.55 -9.13 -53.88
CA THR C 37 -28.79 -10.29 -54.74
C THR C 37 -27.48 -11.08 -54.82
N PRO C 38 -27.51 -12.36 -55.21
CA PRO C 38 -26.26 -13.13 -55.28
C PRO C 38 -25.20 -12.51 -56.16
N MET C 39 -25.56 -11.89 -57.28
CA MET C 39 -24.60 -11.13 -58.06
C MET C 39 -23.94 -10.02 -57.26
N ARG C 40 -24.72 -9.25 -56.50
CA ARG C 40 -24.20 -8.15 -55.71
C ARG C 40 -23.29 -8.66 -54.61
N LEU C 41 -23.65 -9.77 -53.98
CA LEU C 41 -22.78 -10.43 -53.02
C LEU C 41 -21.48 -10.82 -53.72
N ALA C 42 -21.56 -11.24 -54.97
CA ALA C 42 -20.38 -11.58 -55.73
C ALA C 42 -19.44 -10.39 -55.95
N GLN C 43 -19.93 -9.24 -56.43
CA GLN C 43 -18.96 -8.16 -56.63
C GLN C 43 -18.57 -7.50 -55.32
N LEU C 44 -19.36 -7.66 -54.26
CA LEU C 44 -18.96 -7.14 -52.95
C LEU C 44 -18.00 -8.08 -52.22
N TYR C 45 -17.95 -9.35 -52.61
CA TYR C 45 -16.94 -10.28 -52.11
C TYR C 45 -15.67 -10.23 -52.94
N SER C 46 -15.78 -9.92 -54.22
CA SER C 46 -14.62 -9.74 -55.10
C SER C 46 -13.91 -8.43 -54.87
N ALA C 47 -14.48 -7.54 -54.07
CA ALA C 47 -13.85 -6.28 -53.72
C ALA C 47 -12.70 -6.46 -52.73
N ALA C 48 -12.38 -7.70 -52.38
CA ALA C 48 -11.27 -7.96 -51.48
C ALA C 48 -9.95 -7.55 -52.13
N PRO C 49 -9.16 -6.71 -51.48
CA PRO C 49 -7.81 -6.43 -51.99
C PRO C 49 -6.96 -7.68 -51.95
N SER C 50 -6.21 -7.91 -53.02
CA SER C 50 -5.50 -9.18 -53.18
C SER C 50 -4.30 -9.23 -52.24
N ASN C 51 -4.56 -9.07 -50.95
CA ASN C 51 -3.56 -9.02 -49.90
C ASN C 51 -4.27 -9.14 -48.55
N SER C 52 -3.55 -8.86 -47.46
CA SER C 52 -4.13 -8.78 -46.12
C SER C 52 -4.75 -10.12 -45.72
N LEU C 53 -5.82 -10.08 -44.91
CA LEU C 53 -6.43 -11.27 -44.36
C LEU C 53 -7.76 -11.62 -45.01
N ILE C 54 -8.13 -10.95 -46.10
CA ILE C 54 -9.42 -11.20 -46.72
C ILE C 54 -9.24 -12.05 -47.97
N ARG C 55 -8.57 -11.51 -48.98
CA ARG C 55 -8.48 -12.20 -50.26
C ARG C 55 -7.59 -13.44 -50.22
N ASN C 56 -6.51 -13.43 -49.45
CA ASN C 56 -5.71 -14.64 -49.30
C ASN C 56 -6.49 -15.78 -48.67
N LEU C 57 -7.25 -15.51 -47.61
CA LEU C 57 -8.11 -16.52 -47.00
C LEU C 57 -9.24 -16.95 -47.90
N LEU C 58 -9.86 -16.04 -48.65
CA LEU C 58 -10.90 -16.38 -49.61
C LEU C 58 -10.37 -17.25 -50.75
N ASP C 59 -9.17 -16.95 -51.26
CA ASP C 59 -8.55 -17.80 -52.27
C ASP C 59 -8.20 -19.16 -51.68
N GLN C 60 -7.75 -19.18 -50.43
CA GLN C 60 -7.50 -20.46 -49.75
C GLN C 60 -8.77 -21.30 -49.68
N ALA C 61 -9.88 -20.67 -49.30
CA ALA C 61 -11.16 -21.38 -49.20
C ALA C 61 -11.64 -21.85 -50.57
N SER C 62 -11.49 -21.00 -51.59
CA SER C 62 -11.94 -21.35 -52.94
C SER C 62 -11.14 -22.50 -53.51
N HIS C 63 -9.81 -22.43 -53.42
CA HIS C 63 -8.96 -23.50 -53.91
C HIS C 63 -9.05 -24.75 -53.03
N SER C 64 -9.57 -24.61 -51.81
CA SER C 64 -9.75 -25.75 -50.92
C SER C 64 -11.10 -26.42 -51.17
N VAL C 84 -14.06 -22.59 -35.73
CA VAL C 84 -13.93 -21.33 -36.45
C VAL C 84 -13.61 -21.59 -37.91
N GLY C 85 -12.83 -22.67 -38.16
CA GLY C 85 -12.51 -23.02 -39.53
C GLY C 85 -13.74 -23.38 -40.35
N HIS C 86 -14.76 -23.92 -39.69
CA HIS C 86 -16.01 -24.24 -40.39
C HIS C 86 -16.66 -23.00 -40.98
N VAL C 87 -16.47 -21.85 -40.33
CA VAL C 87 -17.03 -20.58 -40.81
C VAL C 87 -16.45 -20.23 -42.17
N LEU C 88 -15.13 -20.38 -42.31
CA LEU C 88 -14.45 -20.04 -43.56
C LEU C 88 -14.94 -20.93 -44.68
N ARG C 89 -15.18 -22.21 -44.37
CA ARG C 89 -15.71 -23.14 -45.35
C ARG C 89 -17.12 -22.75 -45.76
N MET C 90 -17.95 -22.38 -44.78
CA MET C 90 -19.32 -21.99 -45.07
C MET C 90 -19.39 -20.73 -45.94
N LEU C 91 -18.56 -19.74 -45.64
CA LEU C 91 -18.57 -18.50 -46.41
C LEU C 91 -17.88 -18.69 -47.76
N LEU C 92 -18.43 -18.04 -48.77
CA LEU C 92 -17.90 -18.10 -50.12
C LEU C 92 -18.03 -16.73 -50.76
N GLY C 93 -17.57 -16.62 -52.00
CA GLY C 93 -17.62 -15.36 -52.73
C GLY C 93 -18.64 -15.36 -53.85
N PRO C 139 -29.25 -10.88 -44.16
CA PRO C 139 -29.07 -9.57 -44.80
C PRO C 139 -28.15 -8.64 -44.02
N TRP C 140 -28.56 -8.22 -42.84
CA TRP C 140 -27.72 -7.30 -42.09
C TRP C 140 -26.57 -8.12 -41.53
N SER C 141 -26.83 -9.39 -41.27
CA SER C 141 -25.85 -10.39 -40.84
C SER C 141 -24.84 -10.60 -41.95
N ASP C 142 -25.30 -10.64 -43.20
CA ASP C 142 -24.40 -10.89 -44.32
C ASP C 142 -23.40 -9.75 -44.49
N LEU C 143 -23.90 -8.51 -44.60
CA LEU C 143 -23.01 -7.36 -44.68
C LEU C 143 -22.20 -7.21 -43.40
N LEU C 144 -22.77 -7.60 -42.27
CA LEU C 144 -22.06 -7.59 -41.00
C LEU C 144 -20.80 -8.43 -41.09
N LEU C 145 -20.96 -9.74 -41.33
CA LEU C 145 -19.81 -10.63 -41.46
C LEU C 145 -18.89 -10.20 -42.59
N TRP C 146 -19.41 -9.60 -43.66
CA TRP C 146 -18.54 -9.07 -44.70
C TRP C 146 -17.62 -7.99 -44.17
N ALA C 147 -18.15 -7.05 -43.39
CA ALA C 147 -17.31 -6.02 -42.80
C ALA C 147 -16.38 -6.57 -41.72
N LEU C 148 -16.82 -7.58 -40.97
CA LEU C 148 -15.99 -8.19 -39.95
C LEU C 148 -14.80 -8.91 -40.53
N LEU C 149 -14.99 -9.67 -41.62
CA LEU C 149 -13.85 -10.24 -42.32
C LEU C 149 -13.01 -9.14 -42.98
N LEU C 150 -13.66 -8.12 -43.53
CA LEU C 150 -12.96 -6.99 -44.13
C LEU C 150 -12.48 -5.98 -43.10
N ASN C 151 -12.86 -6.14 -41.84
CA ASN C 151 -12.46 -5.26 -40.74
C ASN C 151 -12.86 -3.80 -40.99
N ARG C 152 -14.02 -3.61 -41.63
CA ARG C 152 -14.61 -2.29 -41.73
C ARG C 152 -15.20 -1.91 -40.39
N ALA C 153 -14.50 -1.09 -39.59
CA ALA C 153 -14.91 -0.85 -38.21
C ALA C 153 -16.25 -0.12 -38.14
N GLN C 154 -16.33 1.05 -38.77
CA GLN C 154 -17.52 1.89 -38.69
C GLN C 154 -18.69 1.24 -39.42
N MET C 155 -18.41 0.71 -40.61
CA MET C 155 -19.39 -0.04 -41.38
C MET C 155 -19.96 -1.15 -40.52
N ALA C 156 -19.08 -1.89 -39.85
CA ALA C 156 -19.47 -3.04 -39.04
C ALA C 156 -20.33 -2.64 -37.86
N MET C 157 -19.94 -1.58 -37.14
CA MET C 157 -20.76 -1.19 -36.00
C MET C 157 -22.15 -0.77 -36.48
N TYR C 158 -22.22 -0.06 -37.61
CA TYR C 158 -23.52 0.33 -38.16
C TYR C 158 -24.35 -0.90 -38.52
N PHE C 159 -23.73 -1.85 -39.23
CA PHE C 159 -24.41 -3.07 -39.66
C PHE C 159 -24.97 -3.81 -38.47
N TRP C 160 -24.17 -3.94 -37.41
CA TRP C 160 -24.62 -4.64 -36.22
C TRP C 160 -25.78 -3.90 -35.55
N GLU C 161 -25.60 -2.59 -35.33
CA GLU C 161 -26.59 -1.77 -34.63
C GLU C 161 -27.94 -1.85 -35.30
N MET C 162 -27.96 -1.84 -36.64
CA MET C 162 -29.26 -1.91 -37.31
C MET C 162 -29.59 -3.33 -37.74
N GLY C 163 -28.78 -4.31 -37.29
CA GLY C 163 -29.07 -5.71 -37.54
C GLY C 163 -29.90 -6.37 -36.45
N SER C 164 -30.25 -7.63 -36.71
CA SER C 164 -31.05 -8.41 -35.77
C SER C 164 -30.16 -9.06 -34.71
N ASN C 165 -30.78 -9.90 -33.88
CA ASN C 165 -30.13 -10.77 -32.89
C ASN C 165 -28.90 -10.12 -32.27
N ALA C 166 -29.14 -8.95 -31.68
CA ALA C 166 -28.07 -8.05 -31.27
C ALA C 166 -27.15 -8.69 -30.26
N VAL C 167 -27.70 -9.41 -29.28
CA VAL C 167 -26.91 -10.18 -28.32
C VAL C 167 -25.99 -11.14 -29.07
N SER C 168 -26.06 -12.44 -28.82
CA SER C 168 -25.98 -13.48 -29.85
C SER C 168 -25.17 -13.13 -31.11
N SER C 169 -25.17 -11.84 -31.49
CA SER C 169 -24.60 -11.41 -32.76
C SER C 169 -23.42 -10.48 -32.58
N ALA C 170 -23.52 -9.49 -31.69
CA ALA C 170 -22.31 -8.92 -31.14
C ALA C 170 -21.46 -10.03 -30.54
N LEU C 171 -22.12 -11.06 -30.00
CA LEU C 171 -21.39 -12.18 -29.42
C LEU C 171 -20.73 -13.06 -30.48
N GLY C 172 -21.45 -13.42 -31.56
CA GLY C 172 -20.78 -14.13 -32.64
C GLY C 172 -19.70 -13.32 -33.32
N ALA C 173 -19.97 -12.04 -33.58
CA ALA C 173 -18.99 -11.17 -34.20
C ALA C 173 -17.78 -10.96 -33.30
N CYS C 174 -17.98 -10.98 -31.97
CA CYS C 174 -16.85 -10.84 -31.07
C CYS C 174 -16.06 -12.14 -30.95
N LEU C 175 -16.72 -13.29 -31.04
CA LEU C 175 -15.99 -14.53 -31.24
C LEU C 175 -15.10 -14.44 -32.47
N LEU C 176 -15.67 -14.02 -33.60
CA LEU C 176 -14.90 -13.90 -34.82
C LEU C 176 -13.79 -12.86 -34.68
N LEU C 177 -14.07 -11.73 -34.06
CA LEU C 177 -13.06 -10.70 -33.81
C LEU C 177 -11.91 -11.20 -32.96
N ARG C 178 -12.20 -11.90 -31.86
CA ARG C 178 -11.16 -12.41 -30.99
C ARG C 178 -10.33 -13.51 -31.61
N VAL C 179 -10.95 -14.56 -32.16
CA VAL C 179 -10.23 -15.63 -32.83
C VAL C 179 -9.52 -15.11 -34.08
N MET C 180 -10.07 -14.06 -34.69
CA MET C 180 -9.45 -13.46 -35.85
C MET C 180 -8.19 -12.71 -35.46
N ALA C 181 -8.26 -11.89 -34.41
CA ALA C 181 -7.10 -11.17 -33.91
C ALA C 181 -6.05 -12.16 -33.41
N ARG C 182 -6.51 -13.33 -32.97
CA ARG C 182 -5.62 -14.45 -32.69
C ARG C 182 -5.02 -15.08 -33.94
N LEU C 183 -5.70 -15.04 -35.08
CA LEU C 183 -5.17 -15.54 -36.35
C LEU C 183 -4.53 -14.43 -37.18
N GLU C 184 -4.41 -13.22 -36.63
CA GLU C 184 -3.96 -12.06 -37.38
C GLU C 184 -2.45 -11.98 -37.31
N PRO C 185 -1.74 -12.03 -38.45
CA PRO C 185 -0.30 -11.88 -38.44
C PRO C 185 0.20 -10.45 -38.35
N ASP C 186 -0.70 -9.46 -38.35
CA ASP C 186 -0.30 -8.06 -38.33
C ASP C 186 -0.73 -7.43 -37.01
N ALA C 187 0.16 -6.67 -36.39
CA ALA C 187 -0.11 -6.09 -35.08
C ALA C 187 -1.24 -5.06 -35.14
N GLU C 188 -1.26 -4.24 -36.19
CA GLU C 188 -2.21 -3.12 -36.25
C GLU C 188 -3.63 -3.65 -36.39
N GLU C 189 -3.84 -4.61 -37.31
CA GLU C 189 -5.18 -5.15 -37.48
C GLU C 189 -5.58 -5.94 -36.25
N ALA C 190 -4.64 -6.64 -35.63
CA ALA C 190 -4.95 -7.35 -34.39
C ALA C 190 -5.40 -6.39 -33.31
N ALA C 191 -4.72 -5.25 -33.17
CA ALA C 191 -5.04 -4.26 -32.17
C ALA C 191 -6.38 -3.59 -32.43
N ARG C 192 -6.62 -3.15 -33.67
CA ARG C 192 -7.89 -2.51 -33.99
C ARG C 192 -9.04 -3.51 -33.86
N ARG C 193 -8.79 -4.74 -34.29
CA ARG C 193 -9.78 -5.80 -34.15
C ARG C 193 -10.10 -6.08 -32.69
N LYS C 194 -9.07 -6.01 -31.84
CA LYS C 194 -9.29 -6.36 -30.44
C LYS C 194 -9.93 -5.24 -29.65
N ASP C 195 -9.70 -3.96 -29.97
CA ASP C 195 -10.45 -2.96 -29.21
C ASP C 195 -11.83 -2.78 -29.82
N LEU C 196 -12.00 -3.14 -31.10
CA LEU C 196 -13.34 -3.34 -31.61
C LEU C 196 -14.05 -4.43 -30.82
N ALA C 197 -13.37 -5.55 -30.57
CA ALA C 197 -13.94 -6.60 -29.73
C ALA C 197 -14.23 -6.07 -28.34
N PHE C 198 -13.32 -5.28 -27.78
CA PHE C 198 -13.51 -4.72 -26.45
C PHE C 198 -14.76 -3.87 -26.39
N LYS C 199 -14.92 -2.94 -27.32
CA LYS C 199 -16.05 -2.02 -27.22
C LYS C 199 -17.35 -2.73 -27.61
N PHE C 200 -17.32 -3.62 -28.62
CA PHE C 200 -18.51 -4.42 -28.93
C PHE C 200 -18.94 -5.26 -27.74
N GLU C 201 -18.00 -5.94 -27.10
CA GLU C 201 -18.33 -6.73 -25.92
C GLU C 201 -18.82 -5.85 -24.78
N GLY C 202 -18.22 -4.68 -24.60
CA GLY C 202 -18.64 -3.80 -23.53
C GLY C 202 -20.05 -3.26 -23.72
N MET C 203 -20.33 -2.74 -24.91
CA MET C 203 -21.67 -2.19 -25.10
C MET C 203 -22.67 -3.33 -25.28
N GLY C 204 -22.18 -4.54 -25.54
CA GLY C 204 -23.05 -5.71 -25.48
C GLY C 204 -23.36 -6.13 -24.05
N VAL C 205 -22.36 -6.11 -23.17
CA VAL C 205 -22.58 -6.54 -21.80
C VAL C 205 -23.50 -5.55 -21.09
N ASP C 206 -23.41 -4.26 -21.42
CA ASP C 206 -24.43 -3.38 -20.83
C ASP C 206 -25.69 -3.35 -21.70
N LEU C 207 -25.61 -3.84 -22.93
CA LEU C 207 -26.82 -4.18 -23.69
C LEU C 207 -27.55 -5.31 -22.99
N PHE C 208 -26.78 -6.34 -22.63
CA PHE C 208 -27.34 -7.39 -21.79
C PHE C 208 -27.78 -6.89 -20.43
N GLY C 209 -27.08 -5.93 -19.84
CA GLY C 209 -27.51 -5.38 -18.57
C GLY C 209 -28.81 -4.61 -18.67
N GLU C 210 -29.00 -3.89 -19.77
CA GLU C 210 -30.24 -3.12 -19.93
C GLU C 210 -31.41 -4.03 -20.30
N CYS C 211 -31.14 -5.12 -21.01
CA CYS C 211 -32.22 -6.09 -21.20
C CYS C 211 -32.47 -6.92 -19.94
N TYR C 212 -31.43 -7.11 -19.12
CA TYR C 212 -31.52 -7.83 -17.85
C TYR C 212 -32.28 -7.06 -16.79
N ARG C 213 -31.94 -5.80 -16.56
CA ARG C 213 -32.67 -4.96 -15.62
C ARG C 213 -34.08 -4.66 -16.10
N SER C 214 -34.39 -4.96 -17.36
CA SER C 214 -35.73 -4.83 -17.90
C SER C 214 -36.56 -6.11 -17.76
N SER C 215 -35.97 -7.27 -18.08
CA SER C 215 -36.71 -8.54 -17.95
C SER C 215 -35.70 -9.65 -17.63
N GLU C 216 -35.71 -10.06 -16.37
CA GLU C 216 -34.78 -11.08 -15.88
C GLU C 216 -34.91 -12.36 -16.69
N VAL C 217 -36.12 -12.95 -16.68
CA VAL C 217 -36.37 -14.21 -17.37
C VAL C 217 -36.22 -14.10 -18.88
N ARG C 218 -36.58 -12.96 -19.47
CA ARG C 218 -36.38 -12.78 -20.89
C ARG C 218 -34.92 -12.78 -21.28
N ALA C 219 -34.05 -12.11 -20.52
CA ALA C 219 -32.62 -12.22 -20.79
C ALA C 219 -32.12 -13.65 -20.56
N ALA C 220 -32.64 -14.30 -19.51
CA ALA C 220 -32.25 -15.67 -19.22
C ALA C 220 -32.53 -16.58 -20.41
N ARG C 221 -33.70 -16.44 -21.02
CA ARG C 221 -34.05 -17.25 -22.18
C ARG C 221 -33.45 -16.72 -23.47
N LEU C 222 -32.97 -15.47 -23.50
CA LEU C 222 -32.11 -15.03 -24.59
C LEU C 222 -30.80 -15.79 -24.63
N LEU C 223 -30.20 -16.05 -23.46
CA LEU C 223 -28.94 -16.78 -23.45
C LEU C 223 -29.06 -18.13 -24.13
N LEU C 224 -29.88 -19.02 -23.59
CA LEU C 224 -29.99 -20.38 -24.11
C LEU C 224 -30.87 -20.42 -25.35
N ARG C 225 -30.46 -19.73 -26.40
CA ARG C 225 -31.19 -19.69 -27.66
C ARG C 225 -30.28 -20.21 -28.76
N ARG C 226 -30.83 -21.05 -29.65
CA ARG C 226 -30.07 -21.59 -30.76
C ARG C 226 -30.09 -20.64 -31.96
N CYS C 227 -28.91 -20.22 -32.40
CA CYS C 227 -28.79 -19.33 -33.55
C CYS C 227 -28.47 -20.10 -34.82
N PRO C 228 -29.20 -19.86 -35.92
CA PRO C 228 -28.82 -20.44 -37.21
C PRO C 228 -27.54 -19.82 -37.77
N LEU C 229 -26.96 -18.94 -36.97
CA LEU C 229 -25.70 -18.26 -37.22
C LEU C 229 -24.52 -19.17 -36.91
N TRP C 230 -23.41 -18.55 -36.53
CA TRP C 230 -22.03 -18.92 -36.81
C TRP C 230 -21.69 -20.40 -36.62
N GLY C 231 -22.67 -21.24 -36.29
CA GLY C 231 -22.39 -22.65 -36.08
C GLY C 231 -23.02 -23.25 -34.83
N ASP C 232 -24.15 -22.70 -34.41
CA ASP C 232 -24.96 -23.28 -33.34
C ASP C 232 -24.18 -23.38 -32.03
N ALA C 233 -23.45 -22.32 -31.69
CA ALA C 233 -22.77 -22.22 -30.41
C ALA C 233 -23.55 -21.22 -29.57
N THR C 234 -24.04 -21.66 -28.42
CA THR C 234 -24.77 -20.80 -27.50
C THR C 234 -23.85 -19.68 -27.04
N CYS C 235 -24.41 -18.57 -26.58
CA CYS C 235 -23.63 -17.39 -26.22
C CYS C 235 -22.51 -17.76 -25.23
N LEU C 236 -22.80 -18.71 -24.35
CA LEU C 236 -21.78 -19.13 -23.37
C LEU C 236 -20.59 -19.75 -24.07
N GLN C 237 -20.84 -20.64 -25.05
CA GLN C 237 -19.75 -21.22 -25.83
C GLN C 237 -19.03 -20.16 -26.64
N LEU C 238 -19.79 -19.23 -27.24
CA LEU C 238 -19.18 -18.11 -27.93
C LEU C 238 -18.24 -17.36 -27.01
N ALA C 239 -18.69 -17.11 -25.77
CA ALA C 239 -17.87 -16.37 -24.82
C ALA C 239 -16.61 -17.15 -24.43
N MET C 240 -16.75 -18.44 -24.15
CA MET C 240 -15.58 -19.21 -23.73
C MET C 240 -14.55 -19.31 -24.86
N GLN C 241 -15.02 -19.49 -26.10
CA GLN C 241 -14.08 -19.60 -27.21
C GLN C 241 -13.48 -18.24 -27.55
N ALA C 242 -14.21 -17.16 -27.25
CA ALA C 242 -13.71 -15.81 -27.47
C ALA C 242 -12.96 -15.27 -26.27
N ASP C 243 -12.87 -16.07 -25.21
CA ASP C 243 -12.31 -15.64 -23.93
C ASP C 243 -12.99 -14.32 -23.60
N ALA C 244 -14.31 -14.36 -23.41
CA ALA C 244 -15.08 -13.19 -23.03
C ALA C 244 -15.22 -13.09 -21.52
N ARG C 245 -14.09 -12.92 -20.82
CA ARG C 245 -14.08 -12.88 -19.37
C ARG C 245 -14.91 -11.71 -18.85
N ALA C 246 -14.96 -10.62 -19.61
CA ALA C 246 -15.82 -9.50 -19.24
C ALA C 246 -17.29 -9.93 -19.28
N PHE C 247 -17.66 -10.64 -20.36
CA PHE C 247 -19.01 -11.16 -20.48
C PHE C 247 -19.33 -12.07 -19.31
N PHE C 248 -18.42 -12.97 -18.96
CA PHE C 248 -18.64 -13.90 -17.86
C PHE C 248 -18.76 -13.17 -16.52
N ALA C 249 -17.89 -12.18 -16.30
CA ALA C 249 -17.88 -11.44 -15.04
C ALA C 249 -19.11 -10.56 -14.93
N GLN C 250 -19.79 -10.31 -16.04
CA GLN C 250 -21.05 -9.56 -16.00
C GLN C 250 -22.01 -10.19 -14.99
N ASP C 251 -22.62 -9.33 -14.17
CA ASP C 251 -23.38 -9.79 -13.01
C ASP C 251 -24.58 -10.65 -13.41
N GLY C 252 -25.23 -10.32 -14.52
CA GLY C 252 -26.39 -11.08 -14.94
C GLY C 252 -26.07 -12.54 -15.23
N VAL C 253 -25.06 -12.76 -16.08
CA VAL C 253 -24.69 -14.13 -16.40
C VAL C 253 -24.07 -14.80 -15.18
N GLN C 254 -23.44 -14.02 -14.29
CA GLN C 254 -22.97 -14.60 -13.04
C GLN C 254 -24.14 -15.18 -12.24
N SER C 255 -25.23 -14.43 -12.14
CA SER C 255 -26.41 -14.90 -11.43
C SER C 255 -27.02 -16.11 -12.11
N LEU C 256 -27.09 -16.09 -13.45
CA LEU C 256 -27.63 -17.24 -14.17
C LEU C 256 -26.80 -18.49 -13.92
N LEU C 257 -25.47 -18.38 -13.96
CA LEU C 257 -24.64 -19.55 -13.70
C LEU C 257 -24.76 -20.00 -12.25
N THR C 258 -24.93 -19.07 -11.32
CA THR C 258 -25.20 -19.47 -9.94
C THR C 258 -26.48 -20.28 -9.86
N GLN C 259 -27.53 -19.81 -10.54
CA GLN C 259 -28.81 -20.51 -10.52
C GLN C 259 -28.68 -21.89 -11.15
N LYS C 260 -27.90 -22.01 -12.23
CA LYS C 260 -27.72 -23.31 -12.86
C LYS C 260 -26.92 -24.26 -11.97
N TRP C 261 -25.91 -23.73 -11.28
CA TRP C 261 -25.14 -24.52 -10.34
C TRP C 261 -26.04 -25.00 -9.20
N TRP C 262 -27.09 -24.21 -8.91
CA TRP C 262 -28.10 -24.62 -7.95
C TRP C 262 -29.42 -24.95 -8.64
N GLY C 263 -29.37 -25.60 -9.80
CA GLY C 263 -30.54 -25.86 -10.61
C GLY C 263 -31.66 -26.57 -9.86
N ASP C 264 -32.86 -25.98 -9.89
CA ASP C 264 -34.03 -26.51 -9.21
C ASP C 264 -33.81 -26.62 -7.71
N MET C 265 -32.77 -25.94 -7.19
CA MET C 265 -32.43 -26.10 -5.78
C MET C 265 -32.66 -24.84 -4.95
N ALA C 266 -33.54 -23.94 -5.37
CA ALA C 266 -33.84 -22.73 -4.59
C ALA C 266 -32.56 -21.95 -4.33
N SER C 267 -31.99 -21.34 -5.37
CA SER C 267 -30.63 -20.79 -5.33
C SER C 267 -30.38 -19.88 -4.13
N THR C 268 -31.42 -19.44 -3.44
CA THR C 268 -31.25 -18.63 -2.23
C THR C 268 -31.25 -19.47 -0.96
N THR C 269 -31.27 -20.79 -1.06
CA THR C 269 -31.33 -21.63 0.13
C THR C 269 -30.03 -21.52 0.92
N PRO C 270 -30.09 -21.61 2.25
CA PRO C 270 -28.85 -21.56 3.04
C PRO C 270 -28.00 -22.80 2.82
N ILE C 271 -26.69 -22.63 3.00
CA ILE C 271 -25.74 -23.72 2.76
C ILE C 271 -25.90 -24.82 3.81
N TRP C 272 -26.08 -24.42 5.08
CA TRP C 272 -26.17 -25.40 6.15
C TRP C 272 -27.40 -26.28 5.98
N ALA C 273 -28.51 -25.69 5.55
CA ALA C 273 -29.72 -26.46 5.28
C ALA C 273 -29.45 -27.47 4.18
N LEU C 274 -28.71 -27.05 3.15
CA LEU C 274 -28.41 -27.95 2.04
C LEU C 274 -27.52 -29.12 2.48
N VAL C 275 -26.50 -28.85 3.29
CA VAL C 275 -25.63 -29.95 3.71
C VAL C 275 -26.37 -30.89 4.67
N LEU C 276 -27.22 -30.34 5.54
CA LEU C 276 -28.06 -31.19 6.38
C LEU C 276 -29.02 -32.04 5.55
N ALA C 277 -29.58 -31.47 4.49
CA ALA C 277 -30.42 -32.23 3.56
C ALA C 277 -29.65 -33.34 2.87
N PHE C 278 -28.41 -33.05 2.46
CA PHE C 278 -27.56 -34.08 1.87
C PHE C 278 -27.31 -35.21 2.84
N PHE C 279 -27.02 -34.88 4.09
CA PHE C 279 -26.78 -35.92 5.10
C PHE C 279 -28.05 -36.67 5.49
N CYS C 280 -29.23 -36.04 5.38
CA CYS C 280 -30.48 -36.68 5.75
C CYS C 280 -31.39 -36.73 4.52
N PRO C 281 -31.39 -37.86 3.82
CA PRO C 281 -32.26 -38.01 2.64
C PRO C 281 -33.73 -37.81 2.97
N PRO C 282 -34.23 -38.27 4.13
CA PRO C 282 -35.63 -37.95 4.46
C PRO C 282 -35.92 -36.47 4.61
N LEU C 283 -34.90 -35.65 4.89
CA LEU C 283 -35.10 -34.21 5.07
C LEU C 283 -35.53 -33.49 3.80
N ILE C 284 -35.41 -34.14 2.63
CA ILE C 284 -35.82 -33.50 1.39
C ILE C 284 -37.31 -33.21 1.38
N TYR C 285 -38.12 -34.02 2.06
CA TYR C 285 -39.56 -33.82 2.14
C TYR C 285 -39.85 -33.16 3.48
N THR C 286 -39.53 -31.87 3.57
CA THR C 286 -39.78 -31.08 4.78
C THR C 286 -40.22 -29.68 4.38
N ARG C 287 -40.28 -28.77 5.35
CA ARG C 287 -40.62 -27.38 5.08
C ARG C 287 -39.34 -26.70 4.57
N LEU C 288 -38.17 -27.12 5.04
CA LEU C 288 -36.91 -26.53 4.60
C LEU C 288 -36.58 -26.93 3.16
N ILE C 289 -35.49 -26.37 2.64
CA ILE C 289 -34.93 -26.65 1.31
C ILE C 289 -36.01 -26.78 0.24
N THR C 290 -36.73 -25.69 -0.02
CA THR C 290 -37.72 -25.65 -1.07
C THR C 290 -37.07 -25.81 -2.45
N PHE C 291 -37.87 -25.92 -3.51
CA PHE C 291 -37.34 -26.03 -4.86
C PHE C 291 -38.21 -25.28 -5.85
N ARG C 292 -37.92 -25.42 -7.14
CA ARG C 292 -38.73 -24.78 -8.18
C ARG C 292 -39.90 -25.66 -8.58
N ARG C 347 -44.53 -38.43 -10.48
CA ARG C 347 -44.04 -38.70 -9.13
C ARG C 347 -43.15 -37.57 -8.64
N ARG C 348 -43.60 -36.87 -7.58
CA ARG C 348 -42.81 -35.83 -6.94
C ARG C 348 -41.55 -36.43 -6.32
N CYS C 349 -41.57 -37.75 -6.19
CA CYS C 349 -40.54 -38.62 -5.66
C CYS C 349 -39.38 -38.62 -6.64
N LEU C 350 -38.76 -39.77 -6.87
CA LEU C 350 -38.12 -40.03 -8.15
C LEU C 350 -37.70 -38.75 -8.90
N ARG C 351 -38.64 -37.88 -9.26
CA ARG C 351 -38.30 -36.61 -9.93
C ARG C 351 -37.58 -35.65 -8.99
N ARG C 352 -38.10 -35.43 -7.77
CA ARG C 352 -37.44 -34.56 -6.80
C ARG C 352 -36.08 -35.17 -6.48
N TRP C 353 -36.10 -36.49 -6.37
CA TRP C 353 -34.91 -37.28 -6.05
C TRP C 353 -33.82 -37.05 -7.10
N PHE C 354 -34.17 -37.22 -8.37
CA PHE C 354 -33.23 -37.07 -9.48
C PHE C 354 -32.74 -35.64 -9.60
N HIS C 355 -33.64 -34.67 -9.43
CA HIS C 355 -33.23 -33.27 -9.53
C HIS C 355 -32.21 -32.96 -8.44
N PHE C 356 -32.48 -33.40 -7.21
CA PHE C 356 -31.54 -33.16 -6.12
C PHE C 356 -30.21 -33.85 -6.39
N TRP C 357 -30.24 -35.12 -6.78
CA TRP C 357 -29.00 -35.88 -6.94
C TRP C 357 -28.28 -35.54 -8.24
N GLY C 358 -28.89 -34.75 -9.12
CA GLY C 358 -28.23 -34.36 -10.35
C GLY C 358 -27.88 -32.88 -10.40
N ALA C 359 -28.33 -32.11 -9.41
CA ALA C 359 -27.92 -30.72 -9.33
C ALA C 359 -26.41 -30.63 -9.20
N PRO C 360 -25.77 -29.71 -9.93
CA PRO C 360 -24.30 -29.63 -9.89
C PRO C 360 -23.73 -29.38 -8.52
N VAL C 361 -24.39 -28.57 -7.68
CA VAL C 361 -23.90 -28.36 -6.32
C VAL C 361 -23.95 -29.65 -5.51
N THR C 362 -25.00 -30.45 -5.63
CA THR C 362 -25.04 -31.74 -4.94
C THR C 362 -24.01 -32.70 -5.49
N ILE C 363 -23.78 -32.69 -6.81
CA ILE C 363 -22.70 -33.47 -7.40
C ILE C 363 -21.35 -33.11 -6.80
N PHE C 364 -21.05 -31.82 -6.70
CA PHE C 364 -19.83 -31.35 -6.04
C PHE C 364 -19.74 -31.78 -4.60
N MET C 365 -20.83 -31.65 -3.83
CA MET C 365 -20.81 -32.07 -2.43
C MET C 365 -20.53 -33.56 -2.30
N GLY C 366 -21.20 -34.38 -3.11
CA GLY C 366 -20.95 -35.81 -3.07
C GLY C 366 -19.53 -36.16 -3.47
N ASN C 367 -19.00 -35.47 -4.48
CA ASN C 367 -17.64 -35.73 -4.91
C ASN C 367 -16.65 -35.37 -3.81
N VAL C 368 -16.88 -34.26 -3.11
CA VAL C 368 -16.01 -33.86 -2.02
C VAL C 368 -16.07 -34.87 -0.88
N VAL C 369 -17.28 -35.33 -0.53
CA VAL C 369 -17.40 -36.32 0.52
C VAL C 369 -16.66 -37.61 0.13
N SER C 370 -16.80 -38.02 -1.13
CA SER C 370 -16.11 -39.22 -1.60
C SER C 370 -14.60 -39.06 -1.53
N TYR C 371 -14.09 -37.91 -1.97
CA TYR C 371 -12.65 -37.68 -1.93
C TYR C 371 -12.13 -37.67 -0.50
N LEU C 372 -12.88 -37.06 0.42
CA LEU C 372 -12.47 -37.07 1.82
C LEU C 372 -12.47 -38.50 2.37
N LEU C 373 -13.48 -39.30 2.04
CA LEU C 373 -13.52 -40.68 2.48
C LEU C 373 -12.34 -41.46 1.93
N PHE C 374 -12.02 -41.24 0.65
CA PHE C 374 -10.87 -41.92 0.05
C PHE C 374 -9.56 -41.53 0.72
N LEU C 375 -9.36 -40.24 1.00
CA LEU C 375 -8.11 -39.86 1.63
C LEU C 375 -8.02 -40.40 3.05
N LEU C 376 -9.14 -40.43 3.79
CA LEU C 376 -9.14 -41.07 5.10
C LEU C 376 -8.77 -42.55 4.99
N LEU C 377 -9.39 -43.27 4.06
CA LEU C 377 -9.12 -44.69 3.93
C LEU C 377 -7.67 -44.95 3.52
N PHE C 378 -7.15 -44.11 2.62
CA PHE C 378 -5.79 -44.33 2.14
C PHE C 378 -4.77 -44.02 3.23
N SER C 379 -5.01 -42.96 4.02
CA SER C 379 -4.17 -42.71 5.18
C SER C 379 -4.22 -43.86 6.18
N ARG C 380 -5.41 -44.37 6.47
CA ARG C 380 -5.53 -45.49 7.39
C ARG C 380 -4.81 -46.74 6.90
N VAL C 381 -4.93 -47.05 5.61
CA VAL C 381 -4.20 -48.19 5.05
C VAL C 381 -2.70 -47.97 5.09
N LEU C 382 -2.23 -46.78 4.75
CA LEU C 382 -0.80 -46.48 4.75
C LEU C 382 -0.20 -46.55 6.16
N LEU C 383 -0.91 -46.04 7.17
CA LEU C 383 -0.30 -45.90 8.49
C LEU C 383 -0.27 -47.20 9.28
N VAL C 384 -1.40 -47.92 9.34
CA VAL C 384 -1.52 -49.03 10.29
C VAL C 384 -1.56 -50.36 9.57
N ASP C 385 -2.08 -50.38 8.35
CA ASP C 385 -2.35 -51.64 7.68
C ASP C 385 -1.57 -51.81 6.39
N PHE C 386 -0.27 -51.51 6.41
CA PHE C 386 0.55 -51.66 5.22
C PHE C 386 1.77 -52.52 5.55
N GLN C 387 1.53 -53.66 6.18
CA GLN C 387 2.60 -54.58 6.52
C GLN C 387 3.13 -55.27 5.25
N PRO C 388 4.34 -55.84 5.30
CA PRO C 388 4.89 -56.52 4.11
C PRO C 388 4.03 -57.69 3.66
N ALA C 389 3.17 -58.20 4.54
CA ALA C 389 2.24 -59.28 4.25
C ALA C 389 1.40 -58.96 3.02
N PRO C 390 0.83 -59.96 2.35
CA PRO C 390 0.00 -59.70 1.17
C PRO C 390 -1.17 -58.81 1.51
N PRO C 391 -1.63 -57.99 0.56
CA PRO C 391 -2.63 -56.96 0.88
C PRO C 391 -3.92 -57.54 1.44
N GLY C 392 -4.50 -56.83 2.39
CA GLY C 392 -5.74 -57.22 3.01
C GLY C 392 -6.95 -56.62 2.33
N SER C 393 -8.10 -56.75 3.00
CA SER C 393 -9.35 -56.27 2.43
C SER C 393 -9.32 -54.75 2.24
N LEU C 394 -8.78 -54.02 3.22
CA LEU C 394 -8.71 -52.57 3.11
C LEU C 394 -7.89 -52.15 1.90
N GLU C 395 -6.74 -52.78 1.72
CA GLU C 395 -5.88 -52.44 0.58
C GLU C 395 -6.53 -52.83 -0.74
N LEU C 396 -7.25 -53.96 -0.77
CA LEU C 396 -7.91 -54.37 -2.00
C LEU C 396 -9.03 -53.40 -2.39
N LEU C 397 -9.84 -52.98 -1.42
CA LEU C 397 -10.87 -51.99 -1.71
C LEU C 397 -10.26 -50.63 -2.06
N LEU C 398 -9.09 -50.33 -1.49
CA LEU C 398 -8.37 -49.12 -1.92
C LEU C 398 -7.97 -49.21 -3.38
N TYR C 399 -7.46 -50.37 -3.79
CA TYR C 399 -7.13 -50.60 -5.20
C TYR C 399 -8.35 -50.47 -6.09
N PHE C 400 -9.49 -51.03 -5.67
CA PHE C 400 -10.74 -50.90 -6.42
C PHE C 400 -11.19 -49.45 -6.54
N TRP C 401 -11.16 -48.69 -5.45
CA TRP C 401 -11.50 -47.27 -5.52
C TRP C 401 -10.60 -46.54 -6.49
N ALA C 402 -9.29 -46.78 -6.41
CA ALA C 402 -8.37 -46.13 -7.32
C ALA C 402 -8.57 -46.54 -8.77
N PHE C 403 -8.93 -47.78 -9.03
CA PHE C 403 -9.34 -48.20 -10.36
C PHE C 403 -10.56 -47.44 -10.84
N THR C 404 -11.56 -47.23 -9.98
CA THR C 404 -12.69 -46.39 -10.32
C THR C 404 -12.28 -44.95 -10.63
N LEU C 405 -11.39 -44.37 -9.83
CA LEU C 405 -10.86 -43.04 -10.05
C LEU C 405 -10.10 -42.91 -11.36
N LEU C 406 -9.23 -43.86 -11.68
CA LEU C 406 -8.58 -43.96 -12.98
C LEU C 406 -9.58 -44.06 -14.12
N CYS C 407 -10.61 -44.90 -13.97
CA CYS C 407 -11.64 -45.02 -14.97
C CYS C 407 -12.38 -43.70 -15.20
N GLU C 408 -12.78 -43.01 -14.14
CA GLU C 408 -13.49 -41.74 -14.33
C GLU C 408 -12.59 -40.68 -14.95
N GLU C 409 -11.31 -40.64 -14.58
CA GLU C 409 -10.41 -39.68 -15.19
C GLU C 409 -10.23 -39.94 -16.68
N LEU C 410 -9.99 -41.19 -17.07
CA LEU C 410 -9.84 -41.50 -18.50
C LEU C 410 -11.13 -41.28 -19.27
N ARG C 411 -12.28 -41.64 -18.69
CA ARG C 411 -13.54 -41.40 -19.37
C ARG C 411 -13.91 -39.93 -19.49
N GLN C 412 -13.61 -39.08 -18.50
CA GLN C 412 -13.85 -37.66 -18.69
C GLN C 412 -12.85 -37.02 -19.63
N GLY C 413 -11.61 -37.54 -19.69
CA GLY C 413 -10.69 -37.10 -20.73
C GLY C 413 -11.16 -37.49 -22.11
N LEU C 414 -11.74 -38.69 -22.24
CA LEU C 414 -12.27 -39.19 -23.50
C LEU C 414 -13.58 -38.51 -23.90
N SER C 415 -14.32 -37.97 -22.94
CA SER C 415 -15.59 -37.31 -23.21
C SER C 415 -15.48 -35.81 -23.41
N GLY C 416 -14.89 -35.08 -22.46
CA GLY C 416 -14.77 -33.64 -22.58
C GLY C 416 -13.51 -33.20 -23.29
N SER C 432 -12.68 -37.83 -33.21
CA SER C 432 -12.06 -36.70 -32.52
C SER C 432 -11.35 -37.16 -31.26
N LEU C 433 -11.02 -38.45 -31.20
CA LEU C 433 -10.38 -39.03 -30.03
C LEU C 433 -8.99 -38.42 -29.82
N SER C 434 -8.24 -38.22 -30.90
CA SER C 434 -6.91 -37.63 -30.81
C SER C 434 -6.99 -36.17 -30.35
N GLN C 435 -7.95 -35.43 -30.91
CA GLN C 435 -8.14 -34.03 -30.54
C GLN C 435 -8.53 -33.92 -29.07
N ARG C 436 -9.40 -34.82 -28.62
CA ARG C 436 -9.81 -34.81 -27.22
C ARG C 436 -8.63 -35.07 -26.30
N LEU C 437 -7.78 -36.04 -26.66
CA LEU C 437 -6.58 -36.29 -25.88
C LEU C 437 -5.66 -35.08 -25.84
N ARG C 438 -5.42 -34.47 -27.00
CA ARG C 438 -4.51 -33.32 -27.07
C ARG C 438 -5.03 -32.17 -26.22
N LEU C 439 -6.33 -31.88 -26.30
CA LEU C 439 -6.90 -30.82 -25.47
C LEU C 439 -6.88 -31.23 -24.00
N TYR C 440 -6.91 -32.52 -23.72
CA TYR C 440 -6.86 -33.00 -22.34
C TYR C 440 -5.47 -32.90 -21.73
N LEU C 441 -4.41 -32.92 -22.56
CA LEU C 441 -3.08 -32.62 -22.05
C LEU C 441 -2.97 -31.20 -21.49
N ALA C 442 -3.88 -30.31 -21.85
CA ALA C 442 -3.94 -28.98 -21.27
C ALA C 442 -4.64 -29.07 -19.91
N ASP C 443 -5.04 -27.94 -19.34
CA ASP C 443 -5.72 -27.91 -18.04
C ASP C 443 -4.84 -28.56 -16.98
N SER C 444 -3.72 -27.91 -16.66
CA SER C 444 -2.66 -28.53 -15.86
C SER C 444 -3.16 -29.20 -14.58
N TRP C 445 -4.38 -28.85 -14.18
CA TRP C 445 -5.00 -29.48 -13.02
C TRP C 445 -5.12 -30.95 -13.43
N ASN C 446 -5.78 -31.21 -14.56
CA ASN C 446 -5.88 -32.56 -15.08
C ASN C 446 -4.50 -33.21 -15.22
N GLN C 447 -3.48 -32.43 -15.59
CA GLN C 447 -2.14 -32.99 -15.71
C GLN C 447 -1.64 -33.51 -14.38
N CYS C 448 -1.84 -32.75 -13.30
CA CYS C 448 -1.39 -33.21 -12.00
C CYS C 448 -2.23 -34.38 -11.51
N ASP C 449 -3.52 -34.42 -11.86
CA ASP C 449 -4.31 -35.59 -11.50
C ASP C 449 -3.80 -36.84 -12.20
N LEU C 450 -3.48 -36.74 -13.50
CA LEU C 450 -2.91 -37.87 -14.22
C LEU C 450 -1.56 -38.28 -13.66
N VAL C 451 -0.69 -37.32 -13.31
CA VAL C 451 0.59 -37.72 -12.75
C VAL C 451 0.37 -38.38 -11.39
N ALA C 452 -0.62 -37.92 -10.63
CA ALA C 452 -0.96 -38.57 -9.36
C ALA C 452 -1.37 -40.02 -9.56
N LEU C 453 -2.25 -40.28 -10.54
CA LEU C 453 -2.69 -41.66 -10.75
C LEU C 453 -1.59 -42.54 -11.32
N THR C 454 -0.73 -42.00 -12.19
CA THR C 454 0.40 -42.76 -12.68
C THR C 454 1.35 -43.10 -11.55
N CYS C 455 1.54 -42.17 -10.61
CA CYS C 455 2.34 -42.47 -9.43
C CYS C 455 1.73 -43.61 -8.62
N PHE C 456 0.39 -43.61 -8.49
CA PHE C 456 -0.26 -44.66 -7.72
C PHE C 456 -0.10 -46.02 -8.39
N LEU C 457 -0.19 -46.06 -9.72
CA LEU C 457 -0.01 -47.33 -10.41
C LEU C 457 1.39 -47.89 -10.18
N LEU C 458 2.41 -47.04 -10.24
CA LEU C 458 3.77 -47.48 -9.96
C LEU C 458 3.89 -47.94 -8.51
N GLY C 459 3.23 -47.24 -7.59
CA GLY C 459 3.24 -47.67 -6.20
C GLY C 459 2.63 -49.03 -6.00
N VAL C 460 1.50 -49.30 -6.66
CA VAL C 460 0.85 -50.60 -6.56
C VAL C 460 1.74 -51.68 -7.15
N GLY C 461 2.39 -51.39 -8.28
CA GLY C 461 3.32 -52.34 -8.85
C GLY C 461 4.46 -52.67 -7.90
N CYS C 462 5.04 -51.64 -7.27
CA CYS C 462 6.12 -51.86 -6.33
C CYS C 462 5.64 -52.65 -5.12
N ARG C 463 4.40 -52.41 -4.68
CA ARG C 463 3.86 -53.15 -3.55
C ARG C 463 3.67 -54.62 -3.92
N LEU C 464 3.10 -54.89 -5.10
CA LEU C 464 2.82 -56.27 -5.47
C LEU C 464 4.10 -57.05 -5.72
N THR C 465 5.13 -56.40 -6.29
CA THR C 465 6.40 -57.10 -6.40
C THR C 465 7.03 -57.19 -5.01
N PRO C 466 7.48 -58.37 -4.59
CA PRO C 466 8.01 -58.52 -3.22
C PRO C 466 9.23 -57.66 -2.93
N GLY C 467 10.09 -57.44 -3.93
CA GLY C 467 11.35 -56.76 -3.66
C GLY C 467 11.17 -55.30 -3.28
N LEU C 468 10.34 -54.59 -4.03
CA LEU C 468 10.25 -53.12 -3.90
C LEU C 468 9.15 -52.75 -2.92
N TYR C 469 9.16 -53.38 -1.74
CA TYR C 469 8.17 -53.09 -0.72
C TYR C 469 8.41 -51.75 -0.04
N HIS C 470 9.64 -51.51 0.44
CA HIS C 470 9.98 -50.22 1.03
C HIS C 470 9.87 -49.08 0.03
N LEU C 471 10.32 -49.28 -1.20
CA LEU C 471 10.13 -48.32 -2.26
C LEU C 471 8.67 -48.05 -2.55
N GLY C 472 7.83 -49.10 -2.56
CA GLY C 472 6.41 -48.89 -2.69
C GLY C 472 5.83 -48.05 -1.56
N ARG C 473 6.29 -48.30 -0.34
CA ARG C 473 5.83 -47.49 0.78
C ARG C 473 6.19 -46.02 0.58
N THR C 474 7.45 -45.77 0.19
CA THR C 474 7.89 -44.40 -0.01
C THR C 474 7.11 -43.70 -1.12
N VAL C 475 6.88 -44.41 -2.23
CA VAL C 475 6.19 -43.78 -3.35
C VAL C 475 4.71 -43.54 -3.00
N LEU C 476 4.09 -44.44 -2.23
CA LEU C 476 2.73 -44.18 -1.78
C LEU C 476 2.68 -42.97 -0.85
N CYS C 477 3.69 -42.83 0.02
CA CYS C 477 3.74 -41.67 0.90
C CYS C 477 3.86 -40.38 0.11
N ILE C 478 4.74 -40.33 -0.89
CA ILE C 478 4.86 -39.13 -1.70
C ILE C 478 3.63 -38.93 -2.58
N ASP C 479 2.90 -40.01 -2.89
CA ASP C 479 1.66 -39.91 -3.65
C ASP C 479 0.55 -39.26 -2.82
N PHE C 480 0.58 -39.48 -1.50
CA PHE C 480 -0.38 -38.79 -0.63
C PHE C 480 -0.28 -37.28 -0.81
N MET C 481 0.95 -36.77 -1.01
CA MET C 481 1.13 -35.35 -1.34
C MET C 481 0.30 -34.91 -2.52
N VAL C 482 0.40 -35.59 -3.65
CA VAL C 482 -0.31 -35.14 -4.84
C VAL C 482 -1.81 -35.30 -4.68
N PHE C 483 -2.28 -36.38 -4.03
CA PHE C 483 -3.72 -36.43 -3.77
C PHE C 483 -4.19 -35.24 -2.94
N THR C 484 -3.50 -34.95 -1.83
CA THR C 484 -3.97 -33.88 -0.96
C THR C 484 -3.89 -32.52 -1.63
N VAL C 485 -2.81 -32.25 -2.38
CA VAL C 485 -2.72 -30.96 -3.04
C VAL C 485 -3.74 -30.86 -4.16
N ARG C 486 -4.12 -31.98 -4.80
CA ARG C 486 -5.21 -31.94 -5.75
C ARG C 486 -6.53 -31.60 -5.08
N LEU C 487 -6.79 -32.14 -3.88
CA LEU C 487 -7.99 -31.76 -3.15
C LEU C 487 -8.09 -30.25 -2.96
N LEU C 488 -6.95 -29.59 -2.75
CA LEU C 488 -6.95 -28.14 -2.57
C LEU C 488 -7.52 -27.42 -3.80
N HIS C 489 -7.07 -27.80 -4.99
CA HIS C 489 -7.64 -27.24 -6.21
C HIS C 489 -9.07 -27.71 -6.45
N ILE C 490 -9.43 -28.87 -5.91
CA ILE C 490 -10.81 -29.33 -6.02
C ILE C 490 -11.75 -28.43 -5.23
N PHE C 491 -11.29 -27.91 -4.10
CA PHE C 491 -12.13 -27.16 -3.18
C PHE C 491 -12.27 -25.69 -3.55
N THR C 492 -11.73 -25.27 -4.70
CA THR C 492 -11.59 -23.85 -5.02
C THR C 492 -12.91 -23.11 -5.29
N VAL C 493 -14.02 -23.82 -5.47
CA VAL C 493 -15.22 -23.19 -6.03
C VAL C 493 -15.80 -22.17 -5.06
N ASN C 494 -15.44 -22.28 -3.78
CA ASN C 494 -16.05 -21.45 -2.75
C ASN C 494 -15.81 -19.97 -3.05
N LYS C 495 -16.86 -19.17 -2.89
CA LYS C 495 -16.80 -17.77 -3.30
C LYS C 495 -15.87 -16.96 -2.40
N GLN C 496 -15.91 -17.20 -1.09
CA GLN C 496 -15.01 -16.51 -0.17
C GLN C 496 -13.58 -17.04 -0.24
N LEU C 497 -13.35 -18.12 -0.98
CA LEU C 497 -12.06 -18.78 -1.05
C LEU C 497 -11.42 -18.73 -2.43
N GLY C 498 -12.23 -18.78 -3.48
CA GLY C 498 -11.76 -18.95 -4.83
C GLY C 498 -10.83 -17.87 -5.36
N PRO C 499 -11.18 -16.59 -5.18
CA PRO C 499 -10.27 -15.53 -5.63
C PRO C 499 -8.90 -15.61 -4.98
N LYS C 500 -8.85 -15.91 -3.68
CA LYS C 500 -7.56 -16.00 -3.00
C LYS C 500 -6.80 -17.27 -3.40
N ILE C 501 -7.51 -18.35 -3.69
CA ILE C 501 -6.83 -19.55 -4.18
C ILE C 501 -6.25 -19.30 -5.56
N VAL C 502 -6.96 -18.51 -6.38
CA VAL C 502 -6.36 -18.03 -7.62
C VAL C 502 -5.14 -17.16 -7.34
N ILE C 503 -5.20 -16.37 -6.27
CA ILE C 503 -4.08 -15.51 -5.89
C ILE C 503 -2.83 -16.33 -5.62
N VAL C 504 -2.95 -17.40 -4.83
CA VAL C 504 -1.78 -18.14 -4.36
C VAL C 504 -1.06 -18.75 -5.55
N SER C 505 -1.75 -18.89 -6.68
CA SER C 505 -1.16 -19.44 -7.89
C SER C 505 -0.29 -18.43 -8.63
N LYS C 506 -0.24 -17.18 -8.17
CA LYS C 506 0.53 -16.14 -8.84
C LYS C 506 1.79 -15.76 -8.08
N MET C 507 2.06 -16.39 -6.94
CA MET C 507 3.24 -16.08 -6.14
C MET C 507 4.43 -16.98 -6.47
N MET C 508 4.27 -17.84 -7.48
CA MET C 508 5.23 -18.92 -7.69
C MET C 508 6.57 -18.35 -8.18
N LYS C 509 6.50 -17.32 -9.03
CA LYS C 509 7.71 -16.64 -9.46
C LYS C 509 8.43 -15.99 -8.28
N ASP C 510 7.65 -15.45 -7.34
CA ASP C 510 8.23 -14.83 -6.16
C ASP C 510 8.99 -15.85 -5.32
N VAL C 511 8.36 -17.01 -5.08
CA VAL C 511 9.03 -18.04 -4.28
C VAL C 511 10.24 -18.58 -5.02
N PHE C 512 10.18 -18.62 -6.37
CA PHE C 512 11.36 -18.98 -7.14
C PHE C 512 12.51 -17.99 -6.94
N PHE C 513 12.20 -16.70 -6.99
CA PHE C 513 13.22 -15.68 -6.73
C PHE C 513 13.87 -15.89 -5.38
N PHE C 514 13.04 -16.00 -4.35
CA PHE C 514 13.56 -16.06 -2.98
C PHE C 514 14.30 -17.38 -2.76
N LEU C 515 13.86 -18.44 -3.43
CA LEU C 515 14.56 -19.73 -3.40
C LEU C 515 15.95 -19.62 -4.00
N PHE C 516 16.06 -19.00 -5.18
CA PHE C 516 17.37 -18.84 -5.81
C PHE C 516 18.31 -18.05 -4.93
N PHE C 517 17.81 -16.94 -4.38
CA PHE C 517 18.66 -16.06 -3.58
C PHE C 517 19.07 -16.75 -2.27
N LEU C 518 18.15 -17.45 -1.61
CA LEU C 518 18.53 -18.19 -0.42
C LEU C 518 19.55 -19.25 -0.78
N GLY C 519 19.38 -19.92 -1.92
CA GLY C 519 20.29 -20.99 -2.28
C GLY C 519 21.71 -20.49 -2.47
N VAL C 520 21.87 -19.40 -3.22
CA VAL C 520 23.21 -18.89 -3.45
C VAL C 520 23.83 -18.41 -2.14
N TRP C 521 23.08 -17.64 -1.35
CA TRP C 521 23.66 -17.09 -0.13
C TRP C 521 23.98 -18.19 0.87
N LEU C 522 23.12 -19.21 0.92
CA LEU C 522 23.24 -20.37 1.79
C LEU C 522 24.45 -21.23 1.43
N VAL C 523 24.60 -21.60 0.15
CA VAL C 523 25.75 -22.40 -0.23
C VAL C 523 27.03 -21.62 0.03
N ALA C 524 27.00 -20.30 -0.21
CA ALA C 524 28.15 -19.47 0.16
C ALA C 524 28.49 -19.66 1.62
N TYR C 525 27.57 -19.26 2.51
CA TYR C 525 27.86 -19.27 3.94
C TYR C 525 28.28 -20.65 4.41
N GLY C 526 27.65 -21.71 3.89
CA GLY C 526 28.03 -23.05 4.29
C GLY C 526 29.47 -23.39 3.92
N VAL C 527 29.84 -23.13 2.67
CA VAL C 527 31.22 -23.39 2.27
C VAL C 527 32.19 -22.57 3.11
N ALA C 528 31.84 -21.32 3.42
CA ALA C 528 32.68 -20.51 4.28
C ALA C 528 32.86 -21.14 5.66
N THR C 529 31.77 -21.65 6.24
CA THR C 529 31.86 -22.27 7.56
C THR C 529 32.73 -23.51 7.55
N GLU C 530 32.50 -24.45 6.63
CA GLU C 530 33.37 -25.62 6.63
C GLU C 530 34.75 -25.35 6.04
N GLY C 531 35.00 -24.13 5.54
CA GLY C 531 36.35 -23.74 5.24
C GLY C 531 37.08 -23.21 6.46
N LEU C 532 36.41 -22.34 7.23
CA LEU C 532 37.00 -21.86 8.47
C LEU C 532 37.24 -22.98 9.47
N LEU C 533 36.23 -23.78 9.76
CA LEU C 533 36.35 -24.87 10.73
C LEU C 533 36.54 -26.17 9.95
N ARG C 534 37.45 -27.01 10.44
CA ARG C 534 37.86 -28.23 9.74
C ARG C 534 37.44 -29.45 10.56
N PRO C 535 36.27 -30.02 10.30
CA PRO C 535 35.96 -31.32 10.90
C PRO C 535 36.85 -32.41 10.34
N ARG C 536 37.25 -33.34 11.20
CA ARG C 536 37.97 -34.52 10.74
C ARG C 536 37.05 -35.56 10.11
N ASP C 537 35.73 -35.40 10.25
CA ASP C 537 34.78 -36.21 9.51
C ASP C 537 34.55 -35.69 8.10
N SER C 538 35.60 -35.52 7.30
CA SER C 538 35.45 -34.96 5.97
C SER C 538 34.90 -36.00 5.01
N ASP C 539 33.74 -36.55 5.32
CA ASP C 539 33.04 -37.49 4.47
C ASP C 539 32.12 -36.72 3.52
N PHE C 540 31.86 -37.29 2.35
CA PHE C 540 30.99 -36.62 1.39
C PHE C 540 29.58 -36.41 1.91
N PRO C 541 28.87 -37.41 2.43
CA PRO C 541 27.53 -37.14 2.96
C PRO C 541 27.54 -36.20 4.16
N SER C 542 28.54 -36.34 5.03
CA SER C 542 28.61 -35.46 6.20
C SER C 542 28.80 -34.01 5.79
N ILE C 543 29.70 -33.77 4.82
CA ILE C 543 29.93 -32.41 4.33
C ILE C 543 28.67 -31.88 3.66
N LEU C 544 28.03 -32.70 2.83
CA LEU C 544 26.81 -32.25 2.15
C LEU C 544 25.71 -31.89 3.13
N ARG C 545 25.55 -32.68 4.19
CA ARG C 545 24.60 -32.33 5.25
C ARG C 545 25.00 -31.01 5.92
N ARG C 546 26.24 -30.92 6.38
CA ARG C 546 26.68 -29.80 7.20
C ARG C 546 26.63 -28.48 6.44
N VAL C 547 26.82 -28.52 5.12
CA VAL C 547 26.90 -27.30 4.32
C VAL C 547 25.53 -26.76 3.90
N PHE C 548 24.52 -27.62 3.75
CA PHE C 548 23.20 -27.12 3.36
C PHE C 548 22.16 -27.28 4.46
N TYR C 549 21.98 -28.51 4.96
CA TYR C 549 20.83 -28.82 5.79
C TYR C 549 20.82 -28.05 7.10
N ARG C 550 21.92 -28.10 7.85
CA ARG C 550 22.05 -27.40 9.12
C ARG C 550 21.93 -25.88 8.96
N PRO C 551 22.68 -25.24 8.06
CA PRO C 551 22.50 -23.78 7.88
C PRO C 551 21.11 -23.39 7.42
N TYR C 552 20.42 -24.26 6.66
CA TYR C 552 19.03 -24.01 6.32
C TYR C 552 18.13 -23.99 7.55
N LEU C 553 18.38 -24.90 8.49
CA LEU C 553 17.65 -24.90 9.75
C LEU C 553 18.06 -23.76 10.67
N GLN C 554 19.22 -23.15 10.42
CA GLN C 554 19.65 -21.99 11.20
C GLN C 554 18.73 -20.79 11.03
N ILE C 555 17.95 -20.74 9.96
CA ILE C 555 16.95 -19.70 9.77
C ILE C 555 15.75 -19.86 10.70
N PHE C 556 15.32 -21.09 10.99
CA PHE C 556 14.08 -21.32 11.70
C PHE C 556 14.31 -21.60 13.19
N GLY C 557 15.34 -20.98 13.76
CA GLY C 557 15.58 -21.10 15.19
C GLY C 557 16.46 -22.26 15.61
N GLN C 558 16.81 -23.16 14.68
CA GLN C 558 17.71 -24.27 15.00
C GLN C 558 19.15 -23.86 14.70
N ILE C 559 19.74 -23.16 15.67
CA ILE C 559 21.09 -22.61 15.55
C ILE C 559 22.01 -23.45 16.41
N PRO C 560 22.99 -24.16 15.85
CA PRO C 560 23.97 -24.92 16.63
C PRO C 560 25.06 -24.05 17.25
N GLN C 561 24.65 -23.13 18.12
CA GLN C 561 25.60 -22.25 18.79
C GLN C 561 26.59 -23.03 19.64
N GLU C 562 26.10 -24.00 20.41
CA GLU C 562 26.94 -24.85 21.23
C GLU C 562 27.80 -25.81 20.41
N ASP C 563 27.50 -25.95 19.12
CA ASP C 563 28.33 -26.73 18.22
C ASP C 563 29.28 -25.89 17.39
N MET C 564 29.10 -24.57 17.35
CA MET C 564 29.95 -23.70 16.53
C MET C 564 30.87 -22.78 17.31
N ASP C 565 30.47 -22.31 18.49
CA ASP C 565 31.27 -21.35 19.23
C ASP C 565 32.24 -22.06 20.18
N VAL C 566 33.49 -21.58 20.19
CA VAL C 566 34.53 -22.15 21.04
C VAL C 566 34.23 -21.97 22.53
N ALA C 567 33.47 -20.96 22.90
CA ALA C 567 33.23 -20.64 24.31
C ALA C 567 32.23 -21.56 24.98
N LEU C 568 31.47 -22.34 24.22
CA LEU C 568 30.44 -23.21 24.78
C LEU C 568 30.83 -24.68 24.77
N MET C 569 32.08 -24.98 24.43
CA MET C 569 32.50 -26.33 24.07
C MET C 569 33.92 -26.62 24.57
N GLU C 570 34.16 -27.89 24.88
CA GLU C 570 35.32 -28.29 25.66
C GLU C 570 36.53 -28.53 24.77
N HIS C 571 37.71 -28.19 25.30
CA HIS C 571 38.96 -28.30 24.56
C HIS C 571 39.61 -29.67 24.78
N SER C 572 40.35 -30.14 23.77
CA SER C 572 41.07 -31.40 23.88
C SER C 572 42.20 -31.41 22.85
N ASN C 573 42.97 -32.50 22.88
CA ASN C 573 44.06 -32.73 21.94
C ASN C 573 43.65 -33.75 20.88
N CYS C 574 42.41 -33.64 20.45
CA CYS C 574 41.76 -34.55 19.50
C CYS C 574 42.63 -34.99 18.32
N SER C 575 43.13 -34.03 17.55
CA SER C 575 43.79 -34.33 16.29
C SER C 575 45.30 -34.16 16.41
N SER C 576 46.03 -34.95 15.62
CA SER C 576 47.49 -34.90 15.63
C SER C 576 48.03 -33.66 14.93
N GLU C 577 47.24 -33.02 14.08
CA GLU C 577 47.68 -31.81 13.41
C GLU C 577 47.91 -30.72 14.47
N PRO C 578 49.01 -29.97 14.37
CA PRO C 578 49.29 -28.93 15.38
C PRO C 578 48.23 -27.85 15.35
N GLY C 579 47.65 -27.57 16.53
CA GLY C 579 46.59 -26.59 16.65
C GLY C 579 45.56 -27.03 17.66
N PHE C 580 44.76 -26.09 18.16
CA PHE C 580 43.73 -26.42 19.13
C PHE C 580 42.46 -26.87 18.40
N TRP C 581 41.86 -27.95 18.90
CA TRP C 581 40.76 -28.59 18.18
C TRP C 581 39.44 -28.56 18.96
N ALA C 582 39.47 -28.97 20.22
CA ALA C 582 38.27 -28.91 21.06
C ALA C 582 37.11 -29.73 20.51
N HIS C 583 37.23 -31.06 20.51
CA HIS C 583 36.15 -31.98 20.13
C HIS C 583 34.77 -31.48 20.58
N PRO C 584 33.81 -31.40 19.67
CA PRO C 584 32.48 -30.89 20.02
C PRO C 584 31.60 -31.99 20.59
N PRO C 585 30.47 -31.63 21.21
CA PRO C 585 29.55 -32.65 21.72
C PRO C 585 28.50 -33.08 20.70
N GLY C 586 28.53 -32.46 19.52
CA GLY C 586 27.53 -32.76 18.51
C GLY C 586 27.70 -34.15 17.91
N ALA C 587 26.62 -34.61 17.27
CA ALA C 587 26.60 -35.93 16.65
C ALA C 587 27.03 -35.91 15.19
N GLN C 588 26.72 -34.85 14.44
CA GLN C 588 27.10 -34.76 13.04
C GLN C 588 27.82 -33.46 12.70
N ALA C 589 28.20 -32.66 13.69
CA ALA C 589 28.96 -31.44 13.44
C ALA C 589 30.42 -31.71 13.18
N GLY C 590 30.80 -32.97 12.93
CA GLY C 590 32.19 -33.34 12.78
C GLY C 590 32.78 -33.73 14.12
N THR C 591 33.45 -34.87 14.18
CA THR C 591 33.99 -35.36 15.45
C THR C 591 35.13 -34.49 15.98
N CYS C 592 35.73 -33.64 15.15
CA CYS C 592 36.95 -32.95 15.55
C CYS C 592 37.03 -31.64 14.78
N VAL C 593 36.57 -30.55 15.39
CA VAL C 593 36.51 -29.24 14.75
C VAL C 593 37.79 -28.46 15.01
N SER C 594 37.98 -27.35 14.29
CA SER C 594 39.12 -26.46 14.48
C SER C 594 38.62 -25.12 15.02
N GLN C 595 39.46 -24.44 15.78
CA GLN C 595 39.05 -23.22 16.47
C GLN C 595 39.95 -22.01 16.19
N TYR C 596 40.91 -22.13 15.27
CA TYR C 596 41.92 -21.10 15.07
C TYR C 596 41.30 -19.73 14.81
N ALA C 597 40.40 -19.65 13.83
CA ALA C 597 39.70 -18.42 13.53
C ALA C 597 38.25 -18.44 13.98
N ASN C 598 37.95 -19.08 15.11
CA ASN C 598 36.57 -19.25 15.53
C ASN C 598 35.94 -17.91 15.86
N TRP C 599 36.73 -16.90 16.20
CA TRP C 599 36.19 -15.56 16.35
C TRP C 599 35.64 -15.06 15.01
N LEU C 600 36.38 -15.28 13.93
CA LEU C 600 35.88 -14.94 12.61
C LEU C 600 34.67 -15.79 12.24
N VAL C 601 34.64 -17.04 12.72
CA VAL C 601 33.50 -17.92 12.49
C VAL C 601 32.25 -17.31 13.14
N VAL C 602 32.41 -16.83 14.38
CA VAL C 602 31.31 -16.22 15.10
C VAL C 602 30.84 -14.95 14.38
N LEU C 603 31.80 -14.14 13.91
CA LEU C 603 31.42 -12.93 13.18
C LEU C 603 30.68 -13.26 11.89
N LEU C 604 31.11 -14.32 11.19
CA LEU C 604 30.42 -14.77 9.98
C LEU C 604 29.02 -15.27 10.30
N LEU C 605 28.86 -15.98 11.41
CA LEU C 605 27.54 -16.38 11.86
C LEU C 605 26.65 -15.18 12.12
N VAL C 606 27.19 -14.14 12.76
CA VAL C 606 26.42 -12.93 13.00
C VAL C 606 26.00 -12.30 11.68
N ILE C 607 26.92 -12.25 10.71
CA ILE C 607 26.58 -11.69 9.40
C ILE C 607 25.49 -12.52 8.72
N PHE C 608 25.58 -13.85 8.78
CA PHE C 608 24.54 -14.71 8.22
C PHE C 608 23.20 -14.45 8.87
N LEU C 609 23.16 -14.37 10.20
CA LEU C 609 21.90 -14.15 10.88
C LEU C 609 21.32 -12.77 10.54
N LEU C 610 22.20 -11.77 10.40
CA LEU C 610 21.75 -10.44 9.99
C LEU C 610 21.17 -10.45 8.59
N VAL C 611 21.79 -11.15 7.65
CA VAL C 611 21.35 -11.07 6.26
C VAL C 611 20.11 -11.94 6.05
N ALA C 612 20.19 -13.23 6.40
CA ALA C 612 19.14 -14.17 6.04
C ALA C 612 17.87 -13.95 6.86
N ASN C 613 17.99 -13.97 8.19
CA ASN C 613 16.80 -13.90 9.03
C ASN C 613 16.12 -12.55 8.98
N ILE C 614 16.78 -11.52 8.45
CA ILE C 614 16.22 -10.17 8.47
C ILE C 614 15.94 -9.69 7.07
N LEU C 615 16.99 -9.58 6.24
CA LEU C 615 16.83 -8.98 4.92
C LEU C 615 15.97 -9.85 4.02
N LEU C 616 16.31 -11.15 3.93
CA LEU C 616 15.68 -12.05 2.98
C LEU C 616 14.17 -12.11 3.15
N VAL C 617 13.71 -12.64 4.29
CA VAL C 617 12.29 -12.91 4.46
C VAL C 617 11.50 -11.61 4.41
N ASN C 618 12.10 -10.53 4.87
CA ASN C 618 11.35 -9.27 4.98
C ASN C 618 11.20 -8.60 3.61
N LEU C 619 12.26 -8.53 2.82
CA LEU C 619 12.08 -8.06 1.45
C LEU C 619 11.14 -8.97 0.69
N LEU C 620 11.18 -10.26 0.99
CA LEU C 620 10.24 -11.21 0.40
C LEU C 620 8.79 -10.89 0.73
N ILE C 621 8.47 -10.62 2.00
CA ILE C 621 7.08 -10.35 2.35
C ILE C 621 6.65 -8.99 1.82
N ALA C 622 7.57 -8.04 1.74
CA ALA C 622 7.25 -6.78 1.09
C ALA C 622 6.88 -6.97 -0.38
N MET C 623 7.66 -7.73 -1.13
CA MET C 623 7.33 -7.95 -2.53
C MET C 623 6.12 -8.86 -2.71
N PHE C 624 5.86 -9.79 -1.78
CA PHE C 624 4.54 -10.42 -1.71
C PHE C 624 3.41 -9.42 -1.57
N SER C 625 3.51 -8.47 -0.65
CA SER C 625 2.46 -7.47 -0.52
C SER C 625 2.26 -6.71 -1.83
N TYR C 626 3.36 -6.32 -2.48
CA TYR C 626 3.24 -5.65 -3.77
C TYR C 626 2.54 -6.50 -4.82
N THR C 627 3.04 -7.71 -5.05
CA THR C 627 2.48 -8.59 -6.07
C THR C 627 1.04 -8.98 -5.77
N PHE C 628 0.68 -9.10 -4.49
CA PHE C 628 -0.69 -9.35 -4.09
C PHE C 628 -1.60 -8.17 -4.33
N GLY C 629 -1.12 -6.95 -4.09
CA GLY C 629 -1.89 -5.78 -4.39
C GLY C 629 -2.04 -5.47 -5.86
N LYS C 630 -1.19 -6.03 -6.72
CA LYS C 630 -1.32 -5.80 -8.15
C LYS C 630 -2.09 -6.87 -8.92
N VAL C 631 -2.63 -7.90 -8.26
CA VAL C 631 -3.18 -9.01 -9.04
C VAL C 631 -4.58 -9.44 -8.59
N GLN C 632 -5.12 -8.81 -7.54
CA GLN C 632 -6.38 -9.29 -6.98
C GLN C 632 -7.54 -9.13 -7.95
N GLY C 633 -7.61 -8.02 -8.68
CA GLY C 633 -8.73 -7.78 -9.57
C GLY C 633 -8.81 -8.74 -10.74
N ASN C 634 -7.68 -8.96 -11.42
CA ASN C 634 -7.69 -9.88 -12.54
C ASN C 634 -7.68 -11.33 -12.05
N SER C 635 -7.34 -11.55 -10.78
CA SER C 635 -7.61 -12.86 -10.21
C SER C 635 -9.10 -13.09 -10.02
N ASP C 636 -9.83 -12.08 -9.55
CA ASP C 636 -11.27 -12.22 -9.37
C ASP C 636 -11.99 -12.41 -10.70
N LEU C 637 -11.67 -11.60 -11.70
CA LEU C 637 -12.37 -11.72 -12.98
C LEU C 637 -12.03 -13.07 -13.61
N TYR C 638 -10.79 -13.53 -13.46
CA TYR C 638 -10.42 -14.86 -13.93
C TYR C 638 -11.19 -15.94 -13.17
N TRP C 639 -11.33 -15.77 -11.85
CA TRP C 639 -12.06 -16.73 -11.04
C TRP C 639 -13.50 -16.85 -11.48
N LYS C 640 -14.08 -15.77 -11.99
CA LYS C 640 -15.44 -15.86 -12.52
C LYS C 640 -15.51 -16.92 -13.61
N ALA C 641 -14.62 -16.83 -14.60
CA ALA C 641 -14.62 -17.78 -15.71
C ALA C 641 -14.20 -19.17 -15.25
N GLN C 642 -13.27 -19.22 -14.29
CA GLN C 642 -12.80 -20.49 -13.76
C GLN C 642 -13.93 -21.25 -13.08
N ARG C 643 -14.71 -20.54 -12.27
CA ARG C 643 -15.89 -21.09 -11.62
C ARG C 643 -16.91 -21.51 -12.67
N TYR C 644 -17.06 -20.72 -13.73
CA TYR C 644 -17.98 -21.09 -14.80
C TYR C 644 -17.58 -22.41 -15.44
N ARG C 645 -16.29 -22.57 -15.73
CA ARG C 645 -15.79 -23.79 -16.33
C ARG C 645 -16.01 -24.98 -15.41
N LEU C 646 -15.74 -24.77 -14.11
CA LEU C 646 -15.97 -25.84 -13.14
C LEU C 646 -17.44 -26.25 -13.09
N ILE C 647 -18.33 -25.27 -13.12
CA ILE C 647 -19.77 -25.57 -13.13
C ILE C 647 -20.15 -26.34 -14.38
N ARG C 648 -19.60 -25.93 -15.53
CA ARG C 648 -19.91 -26.62 -16.78
C ARG C 648 -19.47 -28.08 -16.73
N GLU C 649 -18.22 -28.31 -16.31
CA GLU C 649 -17.72 -29.69 -16.32
C GLU C 649 -18.42 -30.54 -15.27
N PHE C 650 -18.78 -29.94 -14.13
CA PHE C 650 -19.52 -30.68 -13.11
C PHE C 650 -20.94 -30.99 -13.53
N HIS C 651 -21.57 -30.09 -14.29
CA HIS C 651 -22.83 -30.40 -14.94
C HIS C 651 -22.68 -31.54 -15.94
N SER C 652 -21.56 -31.60 -16.65
CA SER C 652 -21.29 -32.70 -17.54
C SER C 652 -20.93 -33.98 -16.80
N ARG C 653 -20.57 -33.90 -15.49
CA ARG C 653 -20.13 -35.09 -14.77
C ARG C 653 -21.30 -36.04 -14.53
N PRO C 654 -21.01 -37.34 -14.46
CA PRO C 654 -22.06 -38.31 -14.10
C PRO C 654 -22.50 -38.15 -12.66
N ALA C 655 -23.75 -38.54 -12.39
CA ALA C 655 -24.38 -38.29 -11.09
C ALA C 655 -23.69 -39.03 -9.94
N LEU C 656 -23.32 -40.29 -10.16
CA LEU C 656 -22.90 -41.15 -9.07
C LEU C 656 -21.53 -40.75 -8.51
N ALA C 657 -21.23 -41.21 -7.28
CA ALA C 657 -20.05 -40.97 -6.48
C ALA C 657 -18.95 -41.98 -6.80
N PRO C 658 -17.69 -41.58 -6.63
CA PRO C 658 -16.55 -42.44 -6.98
C PRO C 658 -16.62 -43.83 -6.35
N PRO C 659 -17.07 -43.97 -5.07
CA PRO C 659 -17.19 -45.33 -4.53
C PRO C 659 -18.13 -46.20 -5.35
N PHE C 660 -19.25 -45.61 -5.78
CA PHE C 660 -20.27 -46.32 -6.53
C PHE C 660 -20.32 -45.89 -7.99
N ILE C 661 -19.29 -45.18 -8.45
CA ILE C 661 -19.22 -44.73 -9.83
C ILE C 661 -19.03 -45.91 -10.78
N VAL C 662 -18.87 -47.13 -10.24
CA VAL C 662 -18.87 -48.33 -11.08
C VAL C 662 -20.20 -48.54 -11.78
N ILE C 663 -21.32 -48.24 -11.12
CA ILE C 663 -22.62 -48.32 -11.75
C ILE C 663 -22.79 -47.28 -12.85
N SER C 664 -22.34 -46.05 -12.64
CA SER C 664 -22.37 -45.05 -13.69
C SER C 664 -21.41 -45.34 -14.83
N HIS C 665 -20.24 -45.90 -14.55
CA HIS C 665 -19.37 -46.40 -15.62
C HIS C 665 -19.99 -47.55 -16.41
N LEU C 666 -20.62 -48.52 -15.77
CA LEU C 666 -21.29 -49.55 -16.55
C LEU C 666 -22.46 -48.99 -17.34
N ARG C 667 -23.15 -47.98 -16.81
CA ARG C 667 -24.17 -47.28 -17.59
C ARG C 667 -23.61 -46.57 -18.81
N LEU C 668 -22.58 -45.74 -18.65
CA LEU C 668 -22.06 -44.95 -19.76
C LEU C 668 -21.26 -45.79 -20.74
N LEU C 669 -20.49 -46.77 -20.27
CA LEU C 669 -19.95 -47.78 -21.15
C LEU C 669 -21.07 -48.48 -21.90
N LEU C 670 -22.16 -48.84 -21.20
CA LEU C 670 -23.34 -49.34 -21.88
C LEU C 670 -23.96 -48.26 -22.76
N ARG C 671 -23.89 -47.00 -22.33
CA ARG C 671 -24.29 -45.94 -23.25
C ARG C 671 -23.40 -45.90 -24.49
N GLN C 672 -22.23 -46.51 -24.43
CA GLN C 672 -21.40 -46.81 -25.58
C GLN C 672 -21.48 -48.26 -26.01
N LEU C 673 -21.81 -49.19 -25.10
CA LEU C 673 -21.93 -50.60 -25.46
C LEU C 673 -23.35 -50.94 -25.92
N CYS C 674 -24.36 -50.34 -25.31
CA CYS C 674 -25.70 -50.40 -25.88
C CYS C 674 -25.88 -49.20 -26.79
N ARG C 675 -24.90 -49.00 -27.67
CA ARG C 675 -24.98 -48.05 -28.77
C ARG C 675 -24.60 -48.84 -30.02
N ARG C 676 -23.72 -49.81 -29.82
CA ARG C 676 -23.41 -50.76 -30.89
C ARG C 676 -24.65 -51.48 -31.42
N PRO C 677 -25.57 -51.99 -30.58
CA PRO C 677 -26.80 -52.59 -31.13
C PRO C 677 -27.83 -51.54 -31.51
N ARG C 678 -27.75 -50.36 -30.89
CA ARG C 678 -28.66 -49.27 -31.22
C ARG C 678 -28.20 -48.53 -32.46
N HIS C 689 -25.17 -27.27 -23.66
CA HIS C 689 -25.19 -28.25 -22.58
C HIS C 689 -26.46 -28.12 -21.74
N PHE C 690 -26.99 -26.90 -21.67
CA PHE C 690 -28.27 -26.68 -20.99
C PHE C 690 -29.44 -26.87 -21.95
N ARG C 691 -29.48 -26.10 -23.04
CA ARG C 691 -30.38 -26.32 -24.16
C ARG C 691 -31.86 -26.31 -23.75
N VAL C 692 -32.34 -25.16 -23.29
CA VAL C 692 -33.76 -24.97 -22.98
C VAL C 692 -34.44 -24.40 -24.23
N TYR C 693 -35.51 -25.05 -24.68
CA TYR C 693 -36.17 -24.68 -25.93
C TYR C 693 -36.89 -23.34 -25.81
N LEU C 694 -36.91 -22.60 -26.92
CA LEU C 694 -37.62 -21.32 -26.99
C LEU C 694 -38.70 -21.39 -28.07
N SER C 695 -39.82 -20.73 -27.84
CA SER C 695 -40.99 -20.86 -28.70
C SER C 695 -40.91 -20.04 -29.97
N LYS C 696 -41.63 -20.50 -31.01
CA LYS C 696 -41.75 -19.78 -32.27
C LYS C 696 -42.66 -18.57 -32.11
N GLU C 697 -42.23 -17.44 -32.68
CA GLU C 697 -42.84 -16.12 -32.57
C GLU C 697 -42.60 -15.56 -31.17
N ALA C 698 -42.22 -16.42 -30.24
CA ALA C 698 -41.56 -15.94 -29.04
C ALA C 698 -40.14 -15.52 -29.39
N GLU C 699 -39.57 -16.16 -30.41
CA GLU C 699 -38.32 -15.69 -30.99
C GLU C 699 -38.48 -14.27 -31.55
N ARG C 700 -39.60 -14.00 -32.22
CA ARG C 700 -39.88 -12.67 -32.72
C ARG C 700 -40.10 -11.67 -31.59
N LYS C 701 -40.85 -12.08 -30.57
CA LYS C 701 -41.06 -11.23 -29.41
C LYS C 701 -39.73 -10.86 -28.77
N LEU C 702 -38.87 -11.84 -28.53
CA LEU C 702 -37.59 -11.56 -27.88
C LEU C 702 -36.68 -10.73 -28.77
N LEU C 703 -36.68 -10.98 -30.07
CA LEU C 703 -35.82 -10.21 -30.96
C LEU C 703 -36.25 -8.76 -30.99
N THR C 704 -37.55 -8.51 -31.18
CA THR C 704 -38.07 -7.15 -31.20
C THR C 704 -37.83 -6.46 -29.86
N TRP C 705 -38.12 -7.17 -28.77
CA TRP C 705 -37.89 -6.69 -27.42
C TRP C 705 -36.43 -6.29 -27.22
N GLU C 706 -35.51 -7.14 -27.64
CA GLU C 706 -34.10 -6.82 -27.59
C GLU C 706 -33.77 -5.82 -28.68
N SER C 707 -34.50 -5.83 -29.80
CA SER C 707 -34.30 -4.81 -30.82
C SER C 707 -34.77 -3.45 -30.29
N VAL C 708 -35.92 -3.43 -29.62
CA VAL C 708 -36.43 -2.20 -29.02
C VAL C 708 -35.45 -1.71 -27.98
N HIS C 709 -34.98 -2.62 -27.13
CA HIS C 709 -34.05 -2.26 -26.07
C HIS C 709 -32.72 -1.78 -26.65
N LYS C 710 -32.27 -2.40 -27.73
CA LYS C 710 -31.00 -2.03 -28.35
C LYS C 710 -31.12 -0.66 -28.99
N GLU C 711 -32.25 -0.36 -29.64
CA GLU C 711 -32.40 0.98 -30.20
C GLU C 711 -32.56 2.01 -29.10
N ASN C 712 -33.16 1.63 -27.97
CA ASN C 712 -33.16 2.50 -26.82
C ASN C 712 -31.74 2.75 -26.31
N PHE C 713 -30.87 1.74 -26.38
CA PHE C 713 -29.50 1.93 -25.91
C PHE C 713 -28.68 2.77 -26.90
N LEU C 714 -28.89 2.55 -28.20
CA LEU C 714 -28.38 3.47 -29.22
C LEU C 714 -28.79 4.91 -28.94
N LEU C 715 -30.07 5.16 -28.72
CA LEU C 715 -30.54 6.52 -28.48
C LEU C 715 -30.13 7.06 -27.11
N ALA C 716 -29.90 6.18 -26.14
CA ALA C 716 -29.39 6.57 -24.84
C ALA C 716 -27.95 7.02 -24.89
N ARG C 717 -27.06 6.26 -25.53
CA ARG C 717 -25.72 6.78 -25.75
C ARG C 717 -25.70 7.90 -26.77
N ALA C 718 -26.75 8.04 -27.57
CA ALA C 718 -26.91 9.24 -28.38
C ALA C 718 -27.11 10.48 -27.52
N ARG C 719 -28.02 10.48 -26.55
CA ARG C 719 -28.05 11.57 -25.59
C ARG C 719 -26.75 11.70 -24.82
N ASP C 720 -26.14 10.59 -24.41
CA ASP C 720 -24.90 10.64 -23.64
C ASP C 720 -23.78 11.35 -24.40
N LYS C 721 -23.57 11.04 -25.67
CA LYS C 721 -22.57 11.73 -26.46
C LYS C 721 -22.99 13.16 -26.81
N ARG C 722 -24.28 13.43 -26.98
CA ARG C 722 -24.73 14.80 -27.21
C ARG C 722 -24.58 15.68 -25.96
N GLU C 723 -24.52 15.08 -24.79
CA GLU C 723 -24.34 15.85 -23.55
C GLU C 723 -22.92 15.79 -23.01
N SER C 724 -22.08 14.88 -23.53
CA SER C 724 -20.69 14.79 -23.10
C SER C 724 -20.01 16.15 -23.18
N ASP C 725 -19.08 16.43 -22.26
CA ASP C 725 -18.50 17.76 -22.19
C ASP C 725 -17.72 18.09 -23.46
N SER C 726 -16.90 17.15 -23.93
CA SER C 726 -16.12 17.40 -25.13
C SER C 726 -17.01 17.61 -26.35
N GLU C 727 -18.02 16.77 -26.52
CA GLU C 727 -18.92 16.93 -27.66
C GLU C 727 -19.78 18.19 -27.55
N ARG C 728 -20.09 18.63 -26.33
CA ARG C 728 -20.84 19.88 -26.21
C ARG C 728 -19.94 21.07 -26.51
N LEU C 729 -18.66 20.99 -26.15
CA LEU C 729 -17.72 22.01 -26.58
C LEU C 729 -17.63 22.03 -28.10
N LYS C 730 -17.59 20.84 -28.71
CA LYS C 730 -17.61 20.74 -30.16
C LYS C 730 -18.89 21.35 -30.75
N ARG C 731 -20.05 21.04 -30.19
CA ARG C 731 -21.33 21.57 -30.64
C ARG C 731 -21.38 23.09 -30.53
N THR C 732 -20.91 23.65 -29.40
CA THR C 732 -20.79 25.09 -29.29
C THR C 732 -19.84 25.63 -30.34
N SER C 733 -18.81 24.87 -30.68
CA SER C 733 -17.88 25.31 -31.73
C SER C 733 -18.57 25.40 -33.08
N GLN C 734 -19.32 24.35 -33.46
CA GLN C 734 -19.98 24.44 -34.77
C GLN C 734 -21.28 25.23 -34.72
N LYS C 735 -21.69 25.73 -33.56
CA LYS C 735 -22.72 26.76 -33.51
C LYS C 735 -22.15 28.17 -33.47
N VAL C 736 -20.90 28.33 -33.06
CA VAL C 736 -20.27 29.66 -33.08
C VAL C 736 -19.47 29.87 -34.36
N ASP C 737 -18.82 28.83 -34.89
CA ASP C 737 -18.21 28.97 -36.21
C ASP C 737 -19.28 29.14 -37.28
N LEU C 738 -20.40 28.43 -37.15
CA LEU C 738 -21.54 28.65 -38.02
C LEU C 738 -22.08 30.06 -37.86
N ALA C 739 -22.14 30.55 -36.62
CA ALA C 739 -22.59 31.92 -36.39
C ALA C 739 -21.68 32.92 -37.08
N LEU C 740 -20.36 32.72 -36.97
CA LEU C 740 -19.42 33.64 -37.60
C LEU C 740 -19.50 33.56 -39.11
N LYS C 741 -19.72 32.35 -39.63
CA LYS C 741 -19.95 32.19 -41.06
C LYS C 741 -21.19 32.95 -41.51
N GLN C 742 -22.24 32.91 -40.68
CA GLN C 742 -23.47 33.63 -41.00
C GLN C 742 -23.26 35.14 -40.97
N LEU C 743 -22.49 35.63 -39.99
CA LEU C 743 -22.12 37.04 -39.95
C LEU C 743 -21.33 37.41 -41.20
N GLY C 744 -20.42 36.54 -41.63
CA GLY C 744 -19.71 36.76 -42.88
C GLY C 744 -20.65 36.82 -44.07
N HIS C 745 -21.70 35.99 -44.03
CA HIS C 745 -22.71 36.03 -45.08
C HIS C 745 -23.48 37.34 -45.05
N ILE C 746 -23.60 37.96 -43.87
CA ILE C 746 -24.30 39.23 -43.77
C ILE C 746 -23.32 40.37 -43.55
N ARG C 747 -22.02 40.09 -43.68
CA ARG C 747 -20.99 41.10 -43.48
C ARG C 747 -21.09 42.24 -44.48
N GLU C 748 -21.56 41.94 -45.69
CA GLU C 748 -21.64 42.96 -46.73
C GLU C 748 -22.67 44.02 -46.41
N TYR C 749 -23.54 43.76 -45.43
CA TYR C 749 -24.59 44.70 -45.04
C TYR C 749 -24.00 46.04 -44.57
N TRP D 1 -56.82 35.05 -12.47
CA TRP D 1 -57.35 33.82 -11.90
C TRP D 1 -57.93 34.04 -10.50
N ARG D 2 -58.90 33.21 -10.13
CA ARG D 2 -59.54 33.27 -8.83
C ARG D 2 -59.04 32.11 -7.96
N SER D 3 -59.59 32.03 -6.75
CA SER D 3 -59.20 30.98 -5.81
C SER D 3 -59.59 29.60 -6.35
N PHE D 4 -60.78 29.50 -6.95
CA PHE D 4 -61.25 28.23 -7.48
C PHE D 4 -60.71 27.90 -8.87
N HIS D 5 -60.10 28.86 -9.56
CA HIS D 5 -59.72 28.65 -10.96
C HIS D 5 -58.37 27.96 -11.09
N LEU D 6 -57.39 28.37 -10.29
CA LEU D 6 -56.10 27.70 -10.30
C LEU D 6 -56.13 26.46 -9.42
N GLU D 7 -57.12 25.60 -9.61
CA GLU D 7 -57.22 24.40 -8.80
C GLU D 7 -57.28 23.17 -9.68
N ALA D 8 -57.99 23.27 -10.81
CA ALA D 8 -57.96 22.19 -11.79
C ALA D 8 -56.59 22.03 -12.40
N SER D 9 -55.88 23.16 -12.60
CA SER D 9 -54.51 23.08 -13.12
C SER D 9 -53.59 22.32 -12.17
N LEU D 10 -53.69 22.58 -10.86
CA LEU D 10 -52.85 21.84 -9.92
C LEU D 10 -53.33 20.40 -9.75
N MET D 11 -54.64 20.17 -9.86
CA MET D 11 -55.14 18.81 -9.92
C MET D 11 -54.50 18.01 -11.05
N ASP D 12 -54.45 18.58 -12.26
CA ASP D 12 -53.76 17.96 -13.37
C ASP D 12 -52.27 17.83 -13.14
N ALA D 13 -51.64 18.86 -12.57
CA ALA D 13 -50.20 18.86 -12.30
C ALA D 13 -49.80 17.86 -11.22
N LEU D 14 -50.75 17.39 -10.42
CA LEU D 14 -50.46 16.35 -9.45
C LEU D 14 -50.87 14.96 -9.95
N LEU D 15 -51.92 14.86 -10.76
CA LEU D 15 -52.28 13.59 -11.37
C LEU D 15 -51.20 13.15 -12.35
N ASN D 16 -50.69 14.10 -13.14
CA ASN D 16 -49.59 13.87 -14.08
C ASN D 16 -48.44 14.76 -13.64
N ASP D 17 -47.21 14.24 -13.72
CA ASP D 17 -46.06 14.87 -13.09
C ASP D 17 -45.85 16.30 -13.56
N ARG D 18 -45.50 16.49 -14.83
CA ARG D 18 -45.18 17.79 -15.41
C ARG D 18 -44.49 18.75 -14.43
N PRO D 19 -43.24 18.45 -14.05
CA PRO D 19 -42.58 19.23 -13.00
C PRO D 19 -42.44 20.71 -13.32
N GLU D 20 -42.26 21.07 -14.58
CA GLU D 20 -42.17 22.48 -14.95
C GLU D 20 -43.47 23.20 -14.65
N PHE D 21 -44.61 22.57 -14.99
CA PHE D 21 -45.91 23.16 -14.68
C PHE D 21 -46.14 23.23 -13.18
N VAL D 22 -45.72 22.20 -12.45
CA VAL D 22 -45.84 22.24 -10.99
C VAL D 22 -45.05 23.41 -10.42
N ARG D 23 -43.81 23.57 -10.89
CA ARG D 23 -42.95 24.66 -10.45
C ARG D 23 -43.62 25.99 -10.74
N LEU D 24 -44.14 26.16 -11.94
CA LEU D 24 -44.82 27.39 -12.32
C LEU D 24 -46.03 27.68 -11.43
N LEU D 25 -46.85 26.66 -11.17
CA LEU D 25 -48.06 26.86 -10.39
C LEU D 25 -47.73 27.27 -8.96
N ILE D 26 -46.90 26.48 -8.27
CA ILE D 26 -46.65 26.75 -6.85
C ILE D 26 -45.64 27.89 -6.70
N SER D 27 -45.04 28.33 -7.80
CA SER D 27 -44.32 29.59 -7.80
C SER D 27 -45.22 30.80 -7.98
N HIS D 28 -46.31 30.67 -8.72
CA HIS D 28 -47.33 31.71 -8.77
C HIS D 28 -48.12 31.81 -7.47
N GLY D 29 -48.11 30.76 -6.66
CA GLY D 29 -48.78 30.76 -5.37
C GLY D 29 -50.12 30.07 -5.40
N LEU D 30 -50.32 29.19 -4.43
CA LEU D 30 -51.57 28.47 -4.25
C LEU D 30 -52.03 28.61 -2.82
N SER D 31 -53.34 28.44 -2.62
CA SER D 31 -53.93 28.47 -1.28
C SER D 31 -53.34 27.35 -0.43
N LEU D 32 -53.36 26.12 -0.95
CA LEU D 32 -52.80 24.94 -0.30
C LEU D 32 -53.59 24.55 0.94
N GLY D 33 -54.57 25.39 1.31
CA GLY D 33 -55.49 25.05 2.37
C GLY D 33 -56.84 24.66 1.79
N HIS D 34 -57.29 25.41 0.79
CA HIS D 34 -58.48 25.08 0.04
C HIS D 34 -58.20 24.14 -1.13
N PHE D 35 -56.93 23.92 -1.46
CA PHE D 35 -56.59 22.90 -2.44
C PHE D 35 -56.53 21.51 -1.80
N LEU D 36 -56.52 21.46 -0.47
CA LEU D 36 -56.38 20.20 0.24
C LEU D 36 -57.65 19.79 0.98
N THR D 37 -58.81 19.98 0.37
CA THR D 37 -60.07 19.50 0.91
C THR D 37 -60.06 17.98 0.90
N PRO D 38 -60.84 17.33 1.76
CA PRO D 38 -60.86 15.86 1.79
C PRO D 38 -61.25 15.21 0.47
N MET D 39 -62.14 15.83 -0.32
CA MET D 39 -62.47 15.33 -1.64
C MET D 39 -61.26 15.25 -2.57
N ARG D 40 -60.48 16.33 -2.68
CA ARG D 40 -59.28 16.33 -3.48
C ARG D 40 -58.19 15.43 -2.91
N LEU D 41 -58.06 15.36 -1.59
CA LEU D 41 -57.15 14.39 -1.00
C LEU D 41 -57.51 12.94 -1.31
N ALA D 42 -58.78 12.56 -1.24
CA ALA D 42 -59.22 11.25 -1.69
C ALA D 42 -58.99 11.03 -3.18
N GLN D 43 -59.24 12.04 -4.01
CA GLN D 43 -58.96 11.92 -5.44
C GLN D 43 -57.49 11.70 -5.74
N LEU D 44 -56.59 12.40 -5.06
CA LEU D 44 -55.16 12.18 -5.21
C LEU D 44 -54.69 10.86 -4.63
N TYR D 45 -55.30 10.39 -3.54
CA TYR D 45 -54.91 9.10 -2.97
C TYR D 45 -55.42 7.94 -3.80
N SER D 46 -56.55 8.11 -4.50
CA SER D 46 -57.07 7.11 -5.43
C SER D 46 -56.46 7.24 -6.80
N ALA D 47 -55.63 8.26 -7.02
CA ALA D 47 -54.90 8.42 -8.27
C ALA D 47 -53.80 7.37 -8.44
N ALA D 48 -53.53 6.60 -7.40
CA ALA D 48 -52.52 5.57 -7.44
C ALA D 48 -52.88 4.51 -8.48
N PRO D 49 -51.92 4.14 -9.34
CA PRO D 49 -52.13 2.99 -10.23
C PRO D 49 -52.31 1.72 -9.41
N SER D 50 -53.20 0.85 -9.88
CA SER D 50 -53.65 -0.27 -9.06
C SER D 50 -52.59 -1.36 -8.97
N ASN D 51 -51.38 -0.98 -8.58
CA ASN D 51 -50.24 -1.87 -8.38
C ASN D 51 -49.10 -1.07 -7.75
N SER D 52 -47.96 -1.73 -7.52
CA SER D 52 -46.75 -1.10 -7.02
C SER D 52 -46.92 -0.74 -5.55
N LEU D 53 -45.85 -0.25 -4.92
CA LEU D 53 -45.81 -0.07 -3.47
C LEU D 53 -46.73 1.03 -2.99
N ILE D 54 -47.59 1.58 -3.85
CA ILE D 54 -48.54 2.59 -3.43
C ILE D 54 -49.91 1.95 -3.22
N ARG D 55 -50.51 1.44 -4.29
CA ARG D 55 -51.91 1.05 -4.22
C ARG D 55 -52.10 -0.39 -3.79
N ASN D 56 -51.13 -1.27 -4.03
CA ASN D 56 -51.24 -2.59 -3.42
C ASN D 56 -51.18 -2.48 -1.90
N LEU D 57 -50.27 -1.64 -1.39
CA LEU D 57 -50.17 -1.37 0.03
C LEU D 57 -51.42 -0.68 0.54
N LEU D 58 -51.97 0.25 -0.26
CA LEU D 58 -53.21 0.94 0.10
C LEU D 58 -54.40 0.00 0.17
N ASP D 59 -54.52 -0.95 -0.77
CA ASP D 59 -55.57 -1.95 -0.71
C ASP D 59 -55.40 -2.83 0.52
N GLN D 60 -54.16 -3.22 0.81
CA GLN D 60 -53.88 -4.01 2.01
C GLN D 60 -54.32 -3.26 3.27
N ALA D 61 -53.98 -1.98 3.35
CA ALA D 61 -54.32 -1.15 4.50
C ALA D 61 -55.82 -0.94 4.61
N SER D 62 -56.50 -0.72 3.48
CA SER D 62 -57.94 -0.49 3.51
C SER D 62 -58.68 -1.77 3.92
N HIS D 63 -58.23 -2.92 3.42
CA HIS D 63 -58.87 -4.18 3.80
C HIS D 63 -58.47 -4.58 5.21
N SER D 64 -57.39 -3.99 5.74
CA SER D 64 -56.95 -4.27 7.10
C SER D 64 -57.59 -3.31 8.09
N VAL D 84 -42.70 1.89 12.08
CA VAL D 84 -43.14 2.60 10.89
C VAL D 84 -44.41 1.94 10.37
N GLY D 85 -44.70 0.75 10.87
CA GLY D 85 -45.91 0.04 10.52
C GLY D 85 -47.16 0.82 10.93
N HIS D 86 -47.06 1.53 12.05
CA HIS D 86 -48.17 2.37 12.50
C HIS D 86 -48.43 3.52 11.54
N VAL D 87 -47.43 3.97 10.79
CA VAL D 87 -47.59 5.06 9.84
C VAL D 87 -48.55 4.64 8.74
N LEU D 88 -48.40 3.40 8.27
CA LEU D 88 -49.26 2.87 7.22
C LEU D 88 -50.71 2.79 7.70
N ARG D 89 -50.89 2.37 8.96
CA ARG D 89 -52.23 2.33 9.56
C ARG D 89 -52.81 3.74 9.63
N MET D 90 -51.99 4.71 10.04
CA MET D 90 -52.43 6.09 10.19
C MET D 90 -52.88 6.66 8.86
N LEU D 91 -52.09 6.48 7.80
CA LEU D 91 -52.42 7.03 6.51
C LEU D 91 -53.59 6.26 5.87
N LEU D 92 -54.45 7.00 5.21
CA LEU D 92 -55.64 6.43 4.56
C LEU D 92 -55.82 7.13 3.21
N GLY D 93 -56.98 6.92 2.60
CA GLY D 93 -57.28 7.53 1.32
C GLY D 93 -58.66 8.16 1.26
N PRO D 139 -50.12 19.89 5.28
CA PRO D 139 -50.19 20.47 3.93
C PRO D 139 -49.06 20.00 3.03
N TRP D 140 -47.93 20.71 3.07
CA TRP D 140 -46.73 20.27 2.38
C TRP D 140 -46.29 18.91 2.90
N SER D 141 -46.60 18.62 4.16
CA SER D 141 -46.29 17.32 4.76
C SER D 141 -47.17 16.22 4.17
N ASP D 142 -48.45 16.55 3.95
CA ASP D 142 -49.36 15.58 3.35
C ASP D 142 -48.93 15.21 1.94
N LEU D 143 -48.69 16.23 1.11
CA LEU D 143 -48.19 15.97 -0.23
C LEU D 143 -46.81 15.36 -0.21
N LEU D 144 -46.03 15.67 0.82
CA LEU D 144 -44.70 15.06 0.97
C LEU D 144 -44.82 13.57 1.18
N LEU D 145 -45.68 13.14 2.10
CA LEU D 145 -45.94 11.72 2.31
C LEU D 145 -46.54 11.06 1.08
N TRP D 146 -47.42 11.76 0.36
CA TRP D 146 -47.98 11.23 -0.87
C TRP D 146 -46.90 11.00 -1.92
N ALA D 147 -45.97 11.94 -2.08
CA ALA D 147 -44.90 11.81 -3.05
C ALA D 147 -43.76 10.92 -2.57
N LEU D 148 -43.71 10.62 -1.27
CA LEU D 148 -42.78 9.64 -0.74
C LEU D 148 -43.26 8.21 -0.96
N LEU D 149 -44.53 7.94 -0.66
CA LEU D 149 -45.07 6.65 -1.06
C LEU D 149 -45.09 6.51 -2.57
N LEU D 150 -45.38 7.60 -3.29
CA LEU D 150 -45.39 7.61 -4.74
C LEU D 150 -44.01 7.84 -5.35
N ASN D 151 -42.98 8.00 -4.50
CA ASN D 151 -41.56 8.13 -4.84
C ASN D 151 -41.27 9.29 -5.80
N ARG D 152 -42.21 10.23 -5.94
CA ARG D 152 -41.96 11.40 -6.76
C ARG D 152 -40.85 12.24 -6.16
N ALA D 153 -39.66 12.19 -6.78
CA ALA D 153 -38.49 12.84 -6.20
C ALA D 153 -38.58 14.36 -6.34
N GLN D 154 -38.76 14.82 -7.58
CA GLN D 154 -38.86 16.25 -7.85
C GLN D 154 -40.00 16.85 -7.04
N MET D 155 -41.14 16.17 -7.06
CA MET D 155 -42.31 16.64 -6.34
C MET D 155 -42.05 16.73 -4.84
N ALA D 156 -41.50 15.68 -4.23
CA ALA D 156 -41.31 15.65 -2.78
C ALA D 156 -40.28 16.67 -2.32
N MET D 157 -39.26 16.91 -3.15
CA MET D 157 -38.23 17.87 -2.81
C MET D 157 -38.73 19.31 -2.98
N TYR D 158 -39.39 19.59 -4.11
CA TYR D 158 -40.06 20.88 -4.32
C TYR D 158 -41.06 21.14 -3.21
N PHE D 159 -41.67 20.05 -2.73
CA PHE D 159 -42.22 19.98 -1.39
C PHE D 159 -41.04 20.16 -0.47
N TRP D 160 -41.04 19.50 0.68
CA TRP D 160 -39.85 19.43 1.54
C TRP D 160 -39.05 20.74 1.68
N GLU D 161 -39.02 21.57 0.61
CA GLU D 161 -38.36 22.87 0.55
C GLU D 161 -39.39 24.00 0.53
N MET D 162 -40.55 23.81 -0.13
CA MET D 162 -41.71 24.52 0.40
C MET D 162 -42.31 23.72 1.54
N GLY D 163 -41.77 22.51 1.77
CA GLY D 163 -42.04 21.79 2.99
C GLY D 163 -41.38 22.46 4.20
N SER D 164 -42.03 22.34 5.35
CA SER D 164 -41.57 23.01 6.56
C SER D 164 -40.70 22.06 7.39
N ASN D 165 -40.38 22.48 8.62
CA ASN D 165 -39.60 21.77 9.63
C ASN D 165 -38.52 20.90 9.00
N ALA D 166 -37.64 21.55 8.22
CA ALA D 166 -36.88 20.84 7.20
C ALA D 166 -36.00 19.73 7.77
N VAL D 167 -35.30 19.96 8.87
CA VAL D 167 -34.38 18.93 9.38
C VAL D 167 -35.17 17.71 9.85
N SER D 168 -36.19 17.95 10.67
CA SER D 168 -37.01 16.88 11.22
C SER D 168 -37.72 16.13 10.12
N SER D 169 -38.29 16.86 9.15
CA SER D 169 -38.96 16.26 8.02
C SER D 169 -38.00 15.52 7.11
N ALA D 170 -36.77 16.01 6.96
CA ALA D 170 -35.78 15.30 6.17
C ALA D 170 -35.45 13.96 6.81
N LEU D 171 -35.18 13.97 8.11
CA LEU D 171 -34.80 12.70 8.75
C LEU D 171 -35.99 11.77 8.88
N GLY D 172 -37.21 12.30 8.98
CA GLY D 172 -38.40 11.44 8.98
C GLY D 172 -38.73 10.88 7.61
N ALA D 173 -38.64 11.71 6.58
CA ALA D 173 -38.81 11.21 5.22
C ALA D 173 -37.71 10.24 4.85
N CYS D 174 -36.51 10.38 5.44
CA CYS D 174 -35.45 9.42 5.19
C CYS D 174 -35.66 8.15 6.02
N LEU D 175 -36.32 8.28 7.18
CA LEU D 175 -36.85 7.09 7.83
C LEU D 175 -37.76 6.33 6.89
N LEU D 176 -38.71 7.03 6.28
CA LEU D 176 -39.57 6.41 5.29
C LEU D 176 -38.76 5.81 4.15
N LEU D 177 -37.87 6.59 3.55
CA LEU D 177 -36.97 6.14 2.51
C LEU D 177 -36.26 4.84 2.86
N ARG D 178 -35.40 4.85 3.88
CA ARG D 178 -34.63 3.67 4.25
C ARG D 178 -35.46 2.49 4.74
N VAL D 179 -36.41 2.69 5.67
CA VAL D 179 -37.20 1.61 6.22
C VAL D 179 -38.17 1.04 5.20
N MET D 180 -39.02 1.89 4.62
CA MET D 180 -39.91 1.43 3.56
C MET D 180 -39.15 1.09 2.29
N ALA D 181 -37.82 1.27 2.29
CA ALA D 181 -37.00 0.81 1.18
C ALA D 181 -36.45 -0.58 1.45
N ARG D 182 -36.17 -0.88 2.72
CA ARG D 182 -35.90 -2.24 3.13
C ARG D 182 -37.19 -3.02 2.91
N LEU D 183 -38.31 -2.31 2.94
CA LEU D 183 -39.60 -2.85 2.49
C LEU D 183 -39.77 -2.79 0.98
N GLU D 184 -39.04 -1.92 0.28
CA GLU D 184 -39.08 -1.92 -1.18
C GLU D 184 -38.41 -3.19 -1.71
N PRO D 185 -39.10 -4.00 -2.49
CA PRO D 185 -38.50 -5.23 -3.01
C PRO D 185 -37.90 -5.04 -4.39
N ASP D 186 -37.84 -3.79 -4.85
CA ASP D 186 -37.57 -3.49 -6.26
C ASP D 186 -36.27 -2.70 -6.40
N ALA D 187 -35.42 -3.14 -7.33
CA ALA D 187 -34.06 -2.63 -7.42
C ALA D 187 -34.04 -1.16 -7.83
N GLU D 188 -34.74 -0.81 -8.91
CA GLU D 188 -34.61 0.55 -9.45
C GLU D 188 -35.34 1.57 -8.60
N GLU D 189 -36.54 1.25 -8.12
CA GLU D 189 -37.26 2.19 -7.27
C GLU D 189 -36.60 2.28 -5.91
N ALA D 190 -36.13 1.14 -5.38
CA ALA D 190 -35.41 1.18 -4.11
C ALA D 190 -34.09 1.91 -4.29
N ALA D 191 -33.56 1.93 -5.51
CA ALA D 191 -32.30 2.62 -5.76
C ALA D 191 -32.53 4.13 -5.83
N ARG D 192 -33.60 4.55 -6.49
CA ARG D 192 -33.93 5.97 -6.49
C ARG D 192 -34.27 6.36 -5.05
N ARG D 193 -34.92 5.47 -4.32
CA ARG D 193 -35.27 5.75 -2.93
C ARG D 193 -34.04 5.85 -2.06
N LYS D 194 -33.00 5.06 -2.35
CA LYS D 194 -31.85 5.01 -1.46
C LYS D 194 -30.81 6.06 -1.83
N ASP D 195 -30.74 6.47 -3.09
CA ASP D 195 -29.85 7.60 -3.37
C ASP D 195 -30.58 8.91 -3.08
N LEU D 196 -31.92 8.88 -3.00
CA LEU D 196 -32.62 9.98 -2.37
C LEU D 196 -32.44 9.95 -0.86
N ALA D 197 -32.33 8.75 -0.28
CA ALA D 197 -31.97 8.67 1.13
C ALA D 197 -30.61 9.30 1.34
N PHE D 198 -29.64 8.92 0.52
CA PHE D 198 -28.30 9.49 0.58
C PHE D 198 -28.32 10.99 0.32
N LYS D 199 -29.04 11.46 -0.70
CA LYS D 199 -28.92 12.88 -1.04
C LYS D 199 -29.75 13.75 -0.11
N PHE D 200 -30.97 13.34 0.26
CA PHE D 200 -31.74 14.07 1.26
C PHE D 200 -31.03 14.05 2.61
N GLU D 201 -30.53 12.89 3.03
CA GLU D 201 -29.76 12.81 4.26
C GLU D 201 -28.54 13.71 4.17
N GLY D 202 -27.91 13.76 3.00
CA GLY D 202 -26.73 14.57 2.79
C GLY D 202 -26.97 16.06 2.73
N MET D 203 -28.04 16.49 2.05
CA MET D 203 -28.30 17.92 1.98
C MET D 203 -29.03 18.39 3.23
N GLY D 204 -29.61 17.47 3.99
CA GLY D 204 -30.15 17.85 5.29
C GLY D 204 -29.10 17.81 6.38
N VAL D 205 -28.06 17.00 6.19
CA VAL D 205 -26.93 17.02 7.11
C VAL D 205 -25.99 18.14 6.72
N ASP D 206 -26.06 18.58 5.47
CA ASP D 206 -25.48 19.85 5.07
C ASP D 206 -26.29 21.00 5.69
N LEU D 207 -27.61 20.87 5.66
CA LEU D 207 -28.54 21.72 6.39
C LEU D 207 -28.21 21.65 7.88
N PHE D 208 -27.92 20.45 8.36
CA PHE D 208 -27.63 20.26 9.76
C PHE D 208 -26.31 20.92 10.14
N GLY D 209 -25.32 20.81 9.26
CA GLY D 209 -24.01 21.39 9.54
C GLY D 209 -24.00 22.89 9.36
N GLU D 210 -24.90 23.41 8.51
CA GLU D 210 -24.97 24.85 8.33
C GLU D 210 -25.84 25.49 9.41
N CYS D 211 -26.76 24.73 10.00
CA CYS D 211 -27.43 25.22 11.20
C CYS D 211 -26.54 25.07 12.43
N TYR D 212 -25.66 24.06 12.44
CA TYR D 212 -24.67 23.90 13.50
C TYR D 212 -23.57 24.95 13.46
N ARG D 213 -22.98 25.20 12.28
CA ARG D 213 -21.99 26.26 12.15
C ARG D 213 -22.61 27.63 12.31
N SER D 214 -23.94 27.72 12.30
CA SER D 214 -24.66 28.95 12.59
C SER D 214 -25.01 29.07 14.07
N SER D 215 -25.69 28.07 14.62
CA SER D 215 -26.08 28.09 16.03
C SER D 215 -26.03 26.66 16.56
N GLU D 216 -24.94 26.33 17.25
CA GLU D 216 -24.76 25.00 17.82
C GLU D 216 -25.86 24.68 18.83
N VAL D 217 -26.21 25.64 19.69
CA VAL D 217 -27.24 25.42 20.69
C VAL D 217 -28.62 25.28 20.06
N ARG D 218 -28.93 26.08 19.04
CA ARG D 218 -30.20 25.93 18.34
C ARG D 218 -30.29 24.58 17.65
N ALA D 219 -29.21 24.13 17.03
CA ALA D 219 -29.21 22.79 16.44
C ALA D 219 -29.39 21.72 17.51
N ALA D 220 -28.72 21.87 18.65
CA ALA D 220 -28.84 20.90 19.73
C ALA D 220 -30.27 20.78 20.21
N ARG D 221 -30.95 21.92 20.37
CA ARG D 221 -32.36 21.83 20.74
C ARG D 221 -33.26 21.45 19.58
N LEU D 222 -32.80 21.54 18.34
CA LEU D 222 -33.52 20.92 17.22
C LEU D 222 -33.50 19.41 17.31
N LEU D 223 -32.37 18.81 17.72
CA LEU D 223 -32.31 17.35 17.83
C LEU D 223 -33.38 16.82 18.76
N LEU D 224 -33.29 17.19 20.04
CA LEU D 224 -34.23 16.70 21.04
C LEU D 224 -35.50 17.54 21.00
N ARG D 225 -36.10 17.67 19.82
CA ARG D 225 -37.32 18.44 19.63
C ARG D 225 -38.42 17.47 19.21
N ARG D 226 -39.62 17.66 19.76
CA ARG D 226 -40.71 16.72 19.55
C ARG D 226 -41.43 16.96 18.23
N CYS D 227 -41.22 16.06 17.26
CA CYS D 227 -41.93 16.12 15.98
C CYS D 227 -43.29 15.46 16.13
N PRO D 228 -44.34 16.04 15.54
CA PRO D 228 -45.69 15.51 15.74
C PRO D 228 -46.12 14.54 14.64
N LEU D 229 -45.25 14.26 13.68
CA LEU D 229 -45.67 13.54 12.49
C LEU D 229 -45.09 12.13 12.42
N TRP D 230 -43.77 12.00 12.49
CA TRP D 230 -43.13 10.73 12.21
C TRP D 230 -43.18 9.78 13.39
N GLY D 231 -44.38 9.32 13.74
CA GLY D 231 -44.55 8.28 14.73
C GLY D 231 -44.18 8.66 16.14
N ASP D 232 -44.04 9.96 16.40
CA ASP D 232 -43.72 10.49 17.72
C ASP D 232 -42.46 9.83 18.26
N ALA D 233 -41.40 9.83 17.46
CA ALA D 233 -40.10 9.33 17.91
C ALA D 233 -39.07 10.41 17.62
N THR D 234 -38.11 10.57 18.53
CA THR D 234 -37.12 11.64 18.39
C THR D 234 -36.24 11.44 17.17
N CYS D 235 -35.54 12.49 16.76
CA CYS D 235 -34.69 12.43 15.58
C CYS D 235 -33.66 11.30 15.69
N LEU D 236 -33.10 11.13 16.89
CA LEU D 236 -32.04 10.15 17.08
C LEU D 236 -32.53 8.73 16.86
N GLN D 237 -33.69 8.39 17.43
CA GLN D 237 -34.24 7.05 17.27
C GLN D 237 -34.65 6.81 15.82
N LEU D 238 -35.21 7.83 15.18
CA LEU D 238 -35.56 7.72 13.76
C LEU D 238 -34.30 7.43 12.95
N ALA D 239 -33.21 8.10 13.30
CA ALA D 239 -31.96 7.93 12.57
C ALA D 239 -31.37 6.53 12.79
N MET D 240 -31.39 6.04 14.04
CA MET D 240 -30.86 4.70 14.26
C MET D 240 -31.70 3.66 13.53
N GLN D 241 -33.03 3.84 13.52
CA GLN D 241 -33.89 2.89 12.83
C GLN D 241 -33.60 2.89 11.34
N ALA D 242 -33.52 4.07 10.73
CA ALA D 242 -33.24 4.12 9.30
C ALA D 242 -31.74 4.27 9.01
N ASP D 243 -30.92 3.46 9.68
CA ASP D 243 -29.50 3.26 9.41
C ASP D 243 -28.88 4.56 8.90
N ALA D 244 -28.97 5.63 9.69
CA ALA D 244 -28.46 6.93 9.26
C ALA D 244 -27.00 7.09 9.64
N ARG D 245 -26.14 6.22 9.08
CA ARG D 245 -24.75 6.18 9.52
C ARG D 245 -24.01 7.47 9.16
N ALA D 246 -24.29 8.05 7.99
CA ALA D 246 -23.68 9.31 7.62
C ALA D 246 -24.14 10.42 8.56
N PHE D 247 -25.44 10.43 8.85
CA PHE D 247 -26.02 11.43 9.74
C PHE D 247 -25.35 11.35 11.11
N PHE D 248 -25.06 10.14 11.58
CA PHE D 248 -24.39 9.98 12.87
C PHE D 248 -22.91 10.36 12.78
N ALA D 249 -22.27 10.03 11.66
CA ALA D 249 -20.85 10.32 11.49
C ALA D 249 -20.60 11.81 11.37
N GLN D 250 -21.65 12.58 11.10
CA GLN D 250 -21.54 14.04 11.07
C GLN D 250 -20.86 14.58 12.33
N ASP D 251 -20.00 15.60 12.15
CA ASP D 251 -19.17 16.09 13.24
C ASP D 251 -19.99 16.71 14.38
N GLY D 252 -21.00 17.50 14.04
CA GLY D 252 -21.80 18.18 15.04
C GLY D 252 -22.55 17.21 15.94
N VAL D 253 -23.19 16.21 15.33
CA VAL D 253 -23.91 15.22 16.13
C VAL D 253 -22.94 14.36 16.91
N GLN D 254 -21.74 14.13 16.34
CA GLN D 254 -20.70 13.43 17.09
C GLN D 254 -20.36 14.18 18.37
N SER D 255 -20.17 15.50 18.23
CA SER D 255 -19.85 16.34 19.38
C SER D 255 -21.00 16.36 20.38
N LEU D 256 -22.24 16.41 19.88
CA LEU D 256 -23.40 16.41 20.77
C LEU D 256 -23.48 15.14 21.58
N LEU D 257 -23.29 13.99 20.93
CA LEU D 257 -23.35 12.72 21.64
C LEU D 257 -22.17 12.57 22.59
N THR D 258 -21.01 13.13 22.23
CA THR D 258 -19.90 13.17 23.16
C THR D 258 -20.27 13.95 24.43
N GLN D 259 -20.90 15.11 24.23
CA GLN D 259 -21.34 15.93 25.35
C GLN D 259 -22.34 15.18 26.22
N LYS D 260 -23.24 14.45 25.59
CA LYS D 260 -24.21 13.67 26.36
C LYS D 260 -23.52 12.54 27.13
N TRP D 261 -22.50 11.92 26.53
CA TRP D 261 -21.73 10.93 27.26
C TRP D 261 -21.05 11.52 28.48
N TRP D 262 -20.47 12.70 28.34
CA TRP D 262 -19.98 13.46 29.50
C TRP D 262 -21.04 14.45 29.97
N GLY D 263 -22.25 13.95 30.20
CA GLY D 263 -23.38 14.81 30.53
C GLY D 263 -23.18 15.61 31.80
N ASP D 264 -23.23 16.94 31.69
CA ASP D 264 -23.04 17.85 32.81
C ASP D 264 -21.65 17.66 33.41
N MET D 265 -20.73 17.08 32.65
CA MET D 265 -19.42 16.72 33.19
C MET D 265 -18.26 17.53 32.62
N ALA D 266 -18.49 18.73 32.07
CA ALA D 266 -17.41 19.53 31.49
C ALA D 266 -16.68 18.74 30.42
N SER D 267 -17.37 18.49 29.29
CA SER D 267 -16.90 17.54 28.29
C SER D 267 -15.46 17.76 27.85
N THR D 268 -14.87 18.90 28.15
CA THR D 268 -13.48 19.19 27.79
C THR D 268 -12.49 18.80 28.87
N THR D 269 -12.95 18.17 29.94
CA THR D 269 -12.06 17.82 31.04
C THR D 269 -11.05 16.76 30.61
N PRO D 270 -9.84 16.74 31.17
CA PRO D 270 -8.90 15.67 30.85
C PRO D 270 -9.31 14.34 31.47
N ILE D 271 -8.80 13.26 30.89
CA ILE D 271 -9.18 11.91 31.33
C ILE D 271 -8.58 11.61 32.70
N TRP D 272 -7.33 12.00 32.92
CA TRP D 272 -6.68 11.72 34.20
C TRP D 272 -7.42 12.43 35.33
N ALA D 273 -7.88 13.65 35.07
CA ALA D 273 -8.69 14.38 36.03
C ALA D 273 -9.96 13.58 36.32
N LEU D 274 -10.55 12.99 35.28
CA LEU D 274 -11.77 12.21 35.47
C LEU D 274 -11.52 11.00 36.36
N VAL D 275 -10.42 10.28 36.14
CA VAL D 275 -10.19 9.06 36.93
C VAL D 275 -9.85 9.41 38.37
N LEU D 276 -9.05 10.46 38.59
CA LEU D 276 -8.79 10.88 39.96
C LEU D 276 -10.04 11.40 40.65
N ALA D 277 -10.92 12.09 39.92
CA ALA D 277 -12.21 12.51 40.47
C ALA D 277 -13.07 11.31 40.86
N PHE D 278 -13.09 10.28 40.02
CA PHE D 278 -13.81 9.06 40.37
C PHE D 278 -13.25 8.42 41.62
N PHE D 279 -11.92 8.40 41.75
CA PHE D 279 -11.31 7.75 42.90
C PHE D 279 -11.41 8.60 44.16
N CYS D 280 -11.70 9.89 44.01
CA CYS D 280 -11.73 10.74 45.21
C CYS D 280 -13.03 11.51 45.37
N PRO D 281 -14.03 10.90 46.01
CA PRO D 281 -15.28 11.61 46.33
C PRO D 281 -15.07 12.83 47.21
N PRO D 282 -14.08 12.85 48.12
CA PRO D 282 -13.74 14.14 48.74
C PRO D 282 -13.27 15.17 47.74
N LEU D 283 -12.54 14.76 46.71
CA LEU D 283 -11.97 15.66 45.72
C LEU D 283 -12.99 16.13 44.68
N ILE D 284 -14.15 15.47 44.56
CA ILE D 284 -15.11 15.95 43.57
C ILE D 284 -15.61 17.35 43.89
N TYR D 285 -15.35 17.87 45.09
CA TYR D 285 -15.70 19.23 45.45
C TYR D 285 -14.45 20.10 45.64
N THR D 286 -13.37 19.76 44.94
CA THR D 286 -12.19 20.61 44.92
C THR D 286 -12.26 21.56 43.73
N ARG D 287 -11.17 22.27 43.45
CA ARG D 287 -11.13 23.24 42.37
C ARG D 287 -11.16 22.61 40.97
N LEU D 288 -10.83 21.32 40.85
CA LEU D 288 -10.82 20.67 39.55
C LEU D 288 -12.22 20.18 39.17
N ILE D 289 -12.27 19.47 38.03
CA ILE D 289 -13.45 18.82 37.47
C ILE D 289 -14.71 19.68 37.61
N THR D 290 -14.75 20.79 36.88
CA THR D 290 -15.93 21.64 36.89
C THR D 290 -17.11 20.93 36.22
N PHE D 291 -18.25 21.62 36.22
CA PHE D 291 -19.45 21.10 35.58
C PHE D 291 -20.27 22.24 35.00
N ARG D 292 -21.46 21.94 34.50
CA ARG D 292 -22.34 22.97 33.95
C ARG D 292 -23.20 23.57 35.05
N ARG D 347 -29.15 21.91 49.16
CA ARG D 347 -27.93 21.12 49.10
C ARG D 347 -27.49 20.88 47.67
N ARG D 348 -26.58 21.73 47.18
CA ARG D 348 -26.00 21.55 45.86
C ARG D 348 -25.22 20.25 45.80
N CYS D 349 -24.78 19.77 46.97
CA CYS D 349 -24.02 18.54 47.07
C CYS D 349 -24.82 17.35 46.55
N LEU D 350 -26.12 17.30 46.87
CA LEU D 350 -26.97 16.21 46.44
C LEU D 350 -27.05 16.13 44.91
N ARG D 351 -27.35 17.26 44.27
CA ARG D 351 -27.45 17.32 42.82
C ARG D 351 -26.11 17.00 42.17
N ARG D 352 -25.02 17.54 42.74
CA ARG D 352 -23.70 17.28 42.20
C ARG D 352 -23.38 15.79 42.24
N TRP D 353 -23.64 15.17 43.39
CA TRP D 353 -23.43 13.74 43.59
C TRP D 353 -24.24 12.92 42.60
N PHE D 354 -25.53 13.24 42.48
CA PHE D 354 -26.40 12.48 41.61
C PHE D 354 -25.96 12.60 40.15
N HIS D 355 -25.64 13.81 39.71
CA HIS D 355 -25.21 14.02 38.33
C HIS D 355 -23.90 13.31 38.04
N PHE D 356 -22.93 13.41 38.96
CA PHE D 356 -21.65 12.77 38.77
C PHE D 356 -21.82 11.26 38.68
N TRP D 357 -22.62 10.68 39.58
CA TRP D 357 -22.76 9.23 39.60
C TRP D 357 -23.72 8.72 38.53
N GLY D 358 -24.51 9.59 37.93
CA GLY D 358 -25.43 9.16 36.88
C GLY D 358 -24.98 9.50 35.48
N ALA D 359 -23.88 10.25 35.36
CA ALA D 359 -23.34 10.53 34.03
C ALA D 359 -22.96 9.22 33.33
N PRO D 360 -23.23 9.10 32.03
CA PRO D 360 -22.93 7.84 31.33
C PRO D 360 -21.47 7.44 31.39
N VAL D 361 -20.54 8.39 31.31
CA VAL D 361 -19.13 8.04 31.40
C VAL D 361 -18.77 7.49 32.77
N THR D 362 -19.32 8.07 33.84
CA THR D 362 -19.10 7.53 35.18
C THR D 362 -19.76 6.17 35.37
N ILE D 363 -20.94 5.97 34.76
CA ILE D 363 -21.55 4.65 34.76
C ILE D 363 -20.62 3.64 34.12
N PHE D 364 -20.05 3.99 32.96
CA PHE D 364 -19.12 3.08 32.29
C PHE D 364 -17.90 2.83 33.16
N MET D 365 -17.37 3.87 33.82
CA MET D 365 -16.20 3.69 34.65
C MET D 365 -16.47 2.76 35.82
N GLY D 366 -17.59 2.96 36.52
CA GLY D 366 -17.95 2.06 37.60
C GLY D 366 -18.17 0.64 37.10
N ASN D 367 -18.81 0.50 35.94
CA ASN D 367 -19.04 -0.81 35.35
C ASN D 367 -17.73 -1.52 35.07
N VAL D 368 -16.77 -0.81 34.47
CA VAL D 368 -15.52 -1.45 34.11
C VAL D 368 -14.71 -1.79 35.36
N VAL D 369 -14.70 -0.92 36.37
CA VAL D 369 -13.96 -1.27 37.58
C VAL D 369 -14.62 -2.47 38.28
N SER D 370 -15.95 -2.58 38.17
CA SER D 370 -16.64 -3.74 38.72
C SER D 370 -16.23 -5.03 38.01
N TYR D 371 -16.18 -5.00 36.68
CA TYR D 371 -15.74 -6.20 35.97
C TYR D 371 -14.27 -6.53 36.24
N LEU D 372 -13.42 -5.51 36.42
CA LEU D 372 -12.04 -5.79 36.82
C LEU D 372 -11.98 -6.44 38.20
N LEU D 373 -12.82 -5.98 39.13
CA LEU D 373 -12.85 -6.66 40.44
C LEU D 373 -13.34 -8.10 40.30
N PHE D 374 -14.36 -8.33 39.45
CA PHE D 374 -14.81 -9.70 39.23
C PHE D 374 -13.74 -10.58 38.61
N LEU D 375 -13.03 -10.10 37.60
CA LEU D 375 -12.07 -10.99 36.95
C LEU D 375 -10.97 -11.41 37.93
N LEU D 376 -10.49 -10.48 38.75
CA LEU D 376 -9.46 -10.86 39.72
C LEU D 376 -10.03 -11.77 40.79
N LEU D 377 -11.27 -11.53 41.24
CA LEU D 377 -11.85 -12.43 42.24
C LEU D 377 -12.04 -13.83 41.69
N PHE D 378 -12.53 -13.94 40.46
CA PHE D 378 -12.74 -15.24 39.85
C PHE D 378 -11.43 -15.96 39.61
N SER D 379 -10.40 -15.24 39.18
CA SER D 379 -9.07 -15.84 39.07
C SER D 379 -8.53 -16.32 40.40
N ARG D 380 -8.67 -15.52 41.47
CA ARG D 380 -8.21 -15.93 42.79
C ARG D 380 -8.95 -17.14 43.32
N VAL D 381 -10.26 -17.22 43.10
CA VAL D 381 -11.03 -18.39 43.50
C VAL D 381 -10.68 -19.62 42.67
N LEU D 382 -10.49 -19.47 41.36
CA LEU D 382 -10.12 -20.59 40.50
C LEU D 382 -8.71 -21.11 40.72
N LEU D 383 -7.77 -20.22 41.04
CA LEU D 383 -6.36 -20.58 41.11
C LEU D 383 -5.90 -21.08 42.47
N VAL D 384 -6.26 -20.39 43.54
CA VAL D 384 -5.68 -20.69 44.85
C VAL D 384 -6.63 -21.53 45.68
N ASP D 385 -7.87 -21.06 45.84
CA ASP D 385 -8.85 -21.72 46.69
C ASP D 385 -9.96 -22.29 45.83
N PHE D 386 -9.71 -23.47 45.27
CA PHE D 386 -10.76 -24.20 44.56
C PHE D 386 -10.63 -25.69 44.88
N GLN D 387 -10.43 -26.01 46.15
CA GLN D 387 -10.18 -27.38 46.57
C GLN D 387 -11.47 -28.19 46.44
N PRO D 388 -11.38 -29.53 46.38
CA PRO D 388 -12.60 -30.35 46.28
C PRO D 388 -13.54 -30.19 47.47
N ALA D 389 -13.10 -29.46 48.49
CA ALA D 389 -13.94 -29.19 49.65
C ALA D 389 -15.13 -28.33 49.23
N PRO D 390 -16.21 -28.35 50.02
CA PRO D 390 -17.36 -27.51 49.69
C PRO D 390 -16.97 -26.05 49.67
N PRO D 391 -17.70 -25.23 48.91
CA PRO D 391 -17.26 -23.85 48.68
C PRO D 391 -17.17 -23.04 49.97
N GLY D 392 -16.20 -22.13 50.00
CA GLY D 392 -15.99 -21.25 51.13
C GLY D 392 -16.60 -19.88 50.92
N SER D 393 -16.17 -18.94 51.77
CA SER D 393 -16.74 -17.60 51.73
C SER D 393 -16.45 -16.91 50.40
N LEU D 394 -15.23 -17.05 49.89
CA LEU D 394 -14.88 -16.41 48.62
C LEU D 394 -15.73 -16.96 47.48
N GLU D 395 -15.90 -18.28 47.45
CA GLU D 395 -16.69 -18.89 46.39
C GLU D 395 -18.16 -18.50 46.49
N LEU D 396 -18.67 -18.38 47.73
CA LEU D 396 -20.06 -17.96 47.91
C LEU D 396 -20.26 -16.51 47.47
N LEU D 397 -19.32 -15.63 47.79
CA LEU D 397 -19.42 -14.24 47.34
C LEU D 397 -19.30 -14.17 45.82
N LEU D 398 -18.48 -15.02 45.22
CA LEU D 398 -18.43 -15.11 43.76
C LEU D 398 -19.77 -15.54 43.18
N TYR D 399 -20.41 -16.53 43.81
CA TYR D 399 -21.73 -16.98 43.38
C TYR D 399 -22.76 -15.85 43.46
N PHE D 400 -22.74 -15.08 44.54
CA PHE D 400 -23.63 -13.94 44.67
C PHE D 400 -23.35 -12.87 43.62
N TRP D 401 -22.07 -12.59 43.35
CA TRP D 401 -21.73 -11.67 42.29
C TRP D 401 -22.36 -12.10 40.98
N ALA D 402 -22.17 -13.38 40.64
CA ALA D 402 -22.64 -13.94 39.39
C ALA D 402 -24.15 -13.96 39.31
N PHE D 403 -24.82 -14.25 40.42
CA PHE D 403 -26.26 -14.12 40.46
C PHE D 403 -26.73 -12.70 40.19
N THR D 404 -26.04 -11.69 40.76
CA THR D 404 -26.35 -10.30 40.43
C THR D 404 -26.10 -9.96 38.97
N LEU D 405 -25.00 -10.44 38.37
CA LEU D 405 -24.77 -10.13 36.96
C LEU D 405 -25.73 -10.87 36.04
N LEU D 406 -26.12 -12.10 36.37
CA LEU D 406 -27.18 -12.77 35.66
C LEU D 406 -28.49 -11.99 35.76
N CYS D 407 -28.79 -11.47 36.95
CA CYS D 407 -29.95 -10.62 37.14
C CYS D 407 -29.90 -9.37 36.27
N GLU D 408 -28.76 -8.68 36.20
CA GLU D 408 -28.68 -7.49 35.36
C GLU D 408 -28.73 -7.79 33.87
N GLU D 409 -28.18 -8.93 33.43
CA GLU D 409 -28.30 -9.28 32.03
C GLU D 409 -29.74 -9.66 31.66
N LEU D 410 -30.41 -10.44 32.51
CA LEU D 410 -31.80 -10.80 32.23
C LEU D 410 -32.68 -9.56 32.31
N ARG D 411 -32.35 -8.64 33.22
CA ARG D 411 -33.02 -7.35 33.29
C ARG D 411 -32.79 -6.48 32.06
N GLN D 412 -31.59 -6.47 31.50
CA GLN D 412 -31.35 -5.85 30.20
C GLN D 412 -32.19 -6.46 29.10
N GLY D 413 -32.31 -7.78 29.08
CA GLY D 413 -33.18 -8.45 28.13
C GLY D 413 -34.63 -8.06 28.31
N LEU D 414 -35.06 -7.94 29.56
CA LEU D 414 -36.43 -7.59 29.92
C LEU D 414 -36.76 -6.13 29.65
N SER D 415 -35.77 -5.24 29.70
CA SER D 415 -36.03 -3.81 29.57
C SER D 415 -35.62 -3.21 28.22
N GLY D 416 -34.79 -3.88 27.42
CA GLY D 416 -34.38 -3.34 26.14
C GLY D 416 -34.78 -4.22 24.97
N SER D 432 -45.24 -6.81 24.92
CA SER D 432 -44.09 -6.80 24.01
C SER D 432 -42.93 -7.58 24.59
N LEU D 433 -43.23 -8.42 25.59
CA LEU D 433 -42.21 -9.24 26.25
C LEU D 433 -41.60 -10.23 25.27
N SER D 434 -42.42 -10.84 24.42
CA SER D 434 -41.93 -11.79 23.42
C SER D 434 -41.06 -11.07 22.40
N GLN D 435 -41.47 -9.86 22.00
CA GLN D 435 -40.72 -9.05 21.04
C GLN D 435 -39.35 -8.70 21.58
N ARG D 436 -39.29 -8.37 22.89
CA ARG D 436 -38.02 -8.00 23.50
C ARG D 436 -37.03 -9.15 23.50
N LEU D 437 -37.51 -10.37 23.77
CA LEU D 437 -36.65 -11.53 23.74
C LEU D 437 -36.08 -11.77 22.34
N ARG D 438 -36.93 -11.65 21.32
CA ARG D 438 -36.48 -11.87 19.95
C ARG D 438 -35.47 -10.82 19.54
N LEU D 439 -35.71 -9.55 19.89
CA LEU D 439 -34.74 -8.52 19.55
C LEU D 439 -33.45 -8.68 20.34
N TYR D 440 -33.53 -9.21 21.55
CA TYR D 440 -32.34 -9.49 22.35
C TYR D 440 -31.54 -10.67 21.82
N LEU D 441 -32.20 -11.62 21.13
CA LEU D 441 -31.48 -12.71 20.49
C LEU D 441 -30.47 -12.20 19.46
N ALA D 442 -30.71 -11.02 18.90
CA ALA D 442 -29.76 -10.38 18.00
C ALA D 442 -28.63 -9.77 18.82
N ASP D 443 -27.84 -8.89 18.19
CA ASP D 443 -26.71 -8.25 18.86
C ASP D 443 -25.74 -9.32 19.36
N SER D 444 -25.11 -10.03 18.42
CA SER D 444 -24.43 -11.29 18.71
C SER D 444 -23.52 -11.25 19.93
N TRP D 445 -22.99 -10.08 20.29
CA TRP D 445 -22.18 -10.03 21.51
C TRP D 445 -23.01 -10.15 22.76
N ASN D 446 -24.27 -9.70 22.75
CA ASN D 446 -25.17 -10.03 23.84
C ASN D 446 -25.44 -11.53 23.90
N GLN D 447 -25.49 -12.19 22.73
CA GLN D 447 -25.59 -13.64 22.71
C GLN D 447 -24.35 -14.28 23.34
N CYS D 448 -23.18 -13.70 23.08
CA CYS D 448 -21.95 -14.17 23.73
C CYS D 448 -22.05 -13.99 25.24
N ASP D 449 -22.59 -12.86 25.69
CA ASP D 449 -22.77 -12.63 27.11
C ASP D 449 -23.67 -13.70 27.72
N LEU D 450 -24.83 -13.95 27.10
CA LEU D 450 -25.77 -14.90 27.68
C LEU D 450 -25.22 -16.33 27.64
N VAL D 451 -24.52 -16.71 26.57
CA VAL D 451 -23.95 -18.05 26.55
C VAL D 451 -22.83 -18.18 27.59
N ALA D 452 -22.06 -17.11 27.80
CA ALA D 452 -21.07 -17.12 28.88
C ALA D 452 -21.71 -17.32 30.23
N LEU D 453 -22.82 -16.62 30.50
CA LEU D 453 -23.55 -16.79 31.75
C LEU D 453 -24.14 -18.18 31.91
N THR D 454 -24.71 -18.73 30.85
CA THR D 454 -25.28 -20.07 30.92
C THR D 454 -24.20 -21.12 31.14
N CYS D 455 -23.03 -20.94 30.53
CA CYS D 455 -21.94 -21.85 30.78
C CYS D 455 -21.46 -21.74 32.23
N PHE D 456 -21.46 -20.54 32.79
CA PHE D 456 -21.03 -20.37 34.18
C PHE D 456 -22.01 -21.04 35.14
N LEU D 457 -23.30 -20.90 34.88
CA LEU D 457 -24.29 -21.52 35.77
C LEU D 457 -24.19 -23.04 35.68
N LEU D 458 -23.98 -23.57 34.48
CA LEU D 458 -23.71 -25.00 34.33
C LEU D 458 -22.46 -25.39 35.11
N GLY D 459 -21.44 -24.53 35.08
CA GLY D 459 -20.22 -24.82 35.81
C GLY D 459 -20.42 -24.89 37.31
N VAL D 460 -21.17 -23.94 37.87
CA VAL D 460 -21.39 -23.95 39.31
C VAL D 460 -22.28 -25.12 39.71
N GLY D 461 -23.25 -25.46 38.87
CA GLY D 461 -24.06 -26.64 39.12
C GLY D 461 -23.22 -27.90 39.12
N CYS D 462 -22.27 -27.97 38.18
CA CYS D 462 -21.34 -29.09 38.07
C CYS D 462 -20.43 -29.17 39.29
N ARG D 463 -19.97 -28.01 39.76
CA ARG D 463 -19.13 -27.91 40.95
C ARG D 463 -19.89 -28.39 42.18
N LEU D 464 -21.18 -28.07 42.26
CA LEU D 464 -22.01 -28.49 43.37
C LEU D 464 -22.02 -30.00 43.48
N THR D 465 -22.07 -30.69 42.34
CA THR D 465 -21.99 -32.15 42.31
C THR D 465 -20.61 -32.59 42.77
N PRO D 466 -20.52 -33.47 43.78
CA PRO D 466 -19.20 -33.91 44.26
C PRO D 466 -18.41 -34.65 43.20
N GLY D 467 -19.07 -35.54 42.48
CA GLY D 467 -18.42 -36.36 41.47
C GLY D 467 -17.87 -35.57 40.30
N LEU D 468 -18.60 -34.55 39.85
CA LEU D 468 -18.24 -33.82 38.64
C LEU D 468 -17.32 -32.65 39.00
N TYR D 469 -16.32 -32.95 39.82
CA TYR D 469 -15.40 -31.92 40.30
C TYR D 469 -14.38 -31.52 39.26
N HIS D 470 -13.77 -32.49 38.57
CA HIS D 470 -12.84 -32.17 37.50
C HIS D 470 -13.56 -31.47 36.35
N LEU D 471 -14.78 -31.91 36.04
CA LEU D 471 -15.56 -31.24 35.01
C LEU D 471 -15.88 -29.80 35.41
N GLY D 472 -16.22 -29.59 36.68
CA GLY D 472 -16.40 -28.22 37.16
C GLY D 472 -15.14 -27.39 37.02
N ARG D 473 -14.00 -27.98 37.37
CA ARG D 473 -12.70 -27.34 37.14
C ARG D 473 -12.60 -26.85 35.70
N THR D 474 -12.72 -27.77 34.74
CA THR D 474 -12.51 -27.41 33.34
C THR D 474 -13.52 -26.37 32.87
N VAL D 475 -14.77 -26.51 33.27
CA VAL D 475 -15.79 -25.59 32.76
C VAL D 475 -15.60 -24.19 33.33
N LEU D 476 -15.22 -24.07 34.60
CA LEU D 476 -14.90 -22.74 35.13
C LEU D 476 -13.68 -22.15 34.44
N CYS D 477 -12.67 -22.97 34.19
CA CYS D 477 -11.48 -22.49 33.51
C CYS D 477 -11.80 -21.96 32.12
N ILE D 478 -12.65 -22.67 31.37
CA ILE D 478 -13.01 -22.20 30.04
C ILE D 478 -13.96 -21.01 30.13
N ASP D 479 -14.76 -20.91 31.21
CA ASP D 479 -15.61 -19.74 31.40
C ASP D 479 -14.77 -18.48 31.60
N PHE D 480 -13.59 -18.62 32.20
CA PHE D 480 -12.69 -17.48 32.27
C PHE D 480 -12.45 -16.88 30.90
N MET D 481 -12.36 -17.71 29.85
CA MET D 481 -12.13 -17.22 28.50
C MET D 481 -13.26 -16.35 27.98
N VAL D 482 -14.50 -16.80 28.10
CA VAL D 482 -15.62 -16.01 27.65
C VAL D 482 -15.77 -14.73 28.49
N PHE D 483 -15.47 -14.79 29.79
CA PHE D 483 -15.50 -13.56 30.56
C PHE D 483 -14.45 -12.56 30.08
N THR D 484 -13.23 -13.03 29.80
CA THR D 484 -12.20 -12.15 29.27
C THR D 484 -12.56 -11.57 27.91
N VAL D 485 -13.13 -12.36 27.00
CA VAL D 485 -13.53 -11.78 25.71
C VAL D 485 -14.70 -10.81 25.86
N ARG D 486 -15.60 -11.04 26.82
CA ARG D 486 -16.63 -10.05 27.12
C ARG D 486 -16.04 -8.73 27.62
N LEU D 487 -15.04 -8.79 28.51
CA LEU D 487 -14.32 -7.56 28.85
C LEU D 487 -13.65 -6.91 27.66
N LEU D 488 -12.99 -7.71 26.82
CA LEU D 488 -12.35 -7.18 25.63
C LEU D 488 -13.32 -6.44 24.73
N HIS D 489 -14.52 -6.99 24.54
CA HIS D 489 -15.53 -6.33 23.72
C HIS D 489 -16.12 -5.11 24.41
N ILE D 490 -16.37 -5.18 25.72
CA ILE D 490 -16.95 -4.05 26.43
C ILE D 490 -15.98 -2.89 26.57
N PHE D 491 -14.68 -3.14 26.41
CA PHE D 491 -13.70 -2.07 26.38
C PHE D 491 -13.38 -1.65 24.95
N THR D 492 -14.28 -0.92 24.30
CA THR D 492 -14.07 -0.44 22.94
C THR D 492 -14.53 0.99 22.70
N VAL D 493 -14.91 1.73 23.76
CA VAL D 493 -15.44 3.07 23.59
C VAL D 493 -14.29 4.01 23.27
N ASN D 494 -13.07 3.58 23.59
CA ASN D 494 -11.89 4.43 23.42
C ASN D 494 -11.78 4.88 21.96
N LYS D 495 -11.63 6.19 21.77
CA LYS D 495 -11.70 6.77 20.43
C LYS D 495 -10.54 6.34 19.55
N GLN D 496 -9.42 5.92 20.16
CA GLN D 496 -8.28 5.44 19.40
C GLN D 496 -8.28 3.92 19.26
N LEU D 497 -9.36 3.26 19.62
CA LEU D 497 -9.41 1.81 19.73
C LEU D 497 -10.48 1.16 18.85
N GLY D 498 -11.65 1.78 18.75
CA GLY D 498 -12.81 1.19 18.13
C GLY D 498 -12.65 0.77 16.67
N PRO D 499 -12.09 1.65 15.83
CA PRO D 499 -11.85 1.24 14.44
C PRO D 499 -10.97 0.01 14.32
N LYS D 500 -9.93 -0.08 15.15
CA LYS D 500 -9.06 -1.24 15.11
C LYS D 500 -9.75 -2.48 15.65
N ILE D 501 -10.65 -2.30 16.62
CA ILE D 501 -11.47 -3.40 17.11
C ILE D 501 -12.33 -3.93 15.97
N VAL D 502 -12.92 -3.00 15.20
CA VAL D 502 -13.72 -3.41 14.05
C VAL D 502 -12.87 -4.15 13.04
N ILE D 503 -11.63 -3.70 12.83
CA ILE D 503 -10.75 -4.39 11.89
C ILE D 503 -10.43 -5.81 12.36
N VAL D 504 -10.12 -5.98 13.64
CA VAL D 504 -9.71 -7.29 14.13
C VAL D 504 -10.93 -8.20 14.12
N SER D 505 -12.12 -7.61 14.23
CA SER D 505 -13.34 -8.37 14.03
C SER D 505 -13.57 -8.77 12.57
N LYS D 506 -13.17 -7.92 11.63
CA LYS D 506 -13.36 -8.18 10.21
C LYS D 506 -12.33 -9.12 9.62
N MET D 507 -11.18 -9.30 10.27
CA MET D 507 -10.13 -10.17 9.73
C MET D 507 -10.48 -11.65 9.83
N MET D 508 -11.71 -11.97 10.20
CA MET D 508 -12.06 -13.34 10.56
C MET D 508 -12.08 -14.23 9.32
N LYS D 509 -12.50 -13.66 8.18
CA LYS D 509 -12.47 -14.42 6.93
C LYS D 509 -11.05 -14.81 6.57
N ASP D 510 -10.11 -13.88 6.74
CA ASP D 510 -8.72 -14.15 6.43
C ASP D 510 -8.14 -15.23 7.34
N VAL D 511 -8.48 -15.15 8.63
CA VAL D 511 -7.95 -16.17 9.54
C VAL D 511 -8.56 -17.53 9.23
N PHE D 512 -9.83 -17.56 8.81
CA PHE D 512 -10.42 -18.79 8.29
C PHE D 512 -9.65 -19.34 7.11
N PHE D 513 -9.33 -18.46 6.14
CA PHE D 513 -8.57 -18.85 4.97
C PHE D 513 -7.27 -19.54 5.33
N PHE D 514 -6.49 -18.87 6.19
CA PHE D 514 -5.21 -19.42 6.60
C PHE D 514 -5.41 -20.72 7.37
N LEU D 515 -6.46 -20.79 8.18
CA LEU D 515 -6.73 -22.00 8.95
C LEU D 515 -6.97 -23.19 8.03
N PHE D 516 -7.80 -23.01 7.01
CA PHE D 516 -8.09 -24.11 6.10
C PHE D 516 -6.84 -24.56 5.34
N PHE D 517 -6.08 -23.60 4.81
CA PHE D 517 -4.88 -23.97 4.07
C PHE D 517 -3.87 -24.68 4.96
N LEU D 518 -3.64 -24.14 6.16
CA LEU D 518 -2.72 -24.76 7.08
C LEU D 518 -3.19 -26.17 7.44
N GLY D 519 -4.48 -26.34 7.68
CA GLY D 519 -4.98 -27.65 8.06
C GLY D 519 -4.76 -28.69 6.98
N VAL D 520 -5.08 -28.34 5.74
CA VAL D 520 -4.95 -29.32 4.66
C VAL D 520 -3.48 -29.66 4.48
N TRP D 521 -2.60 -28.65 4.51
CA TRP D 521 -1.20 -28.93 4.25
C TRP D 521 -0.57 -29.72 5.40
N LEU D 522 -0.96 -29.43 6.64
CA LEU D 522 -0.42 -30.16 7.78
C LEU D 522 -0.90 -31.59 7.82
N VAL D 523 -2.18 -31.84 7.53
CA VAL D 523 -2.64 -33.23 7.50
C VAL D 523 -1.91 -34.00 6.40
N ALA D 524 -1.73 -33.36 5.24
CA ALA D 524 -0.92 -33.97 4.19
C ALA D 524 0.44 -34.40 4.71
N TYR D 525 1.23 -33.44 5.20
CA TYR D 525 2.60 -33.72 5.59
C TYR D 525 2.66 -34.71 6.75
N GLY D 526 1.76 -34.58 7.71
CA GLY D 526 1.74 -35.51 8.83
C GLY D 526 1.49 -36.94 8.40
N VAL D 527 0.47 -37.16 7.56
CA VAL D 527 0.23 -38.51 7.06
C VAL D 527 1.43 -39.03 6.28
N ALA D 528 2.02 -38.19 5.43
CA ALA D 528 3.20 -38.63 4.68
C ALA D 528 4.33 -39.04 5.61
N THR D 529 4.61 -38.25 6.65
CA THR D 529 5.64 -38.59 7.60
C THR D 529 5.35 -39.88 8.34
N GLU D 530 4.14 -40.04 8.87
CA GLU D 530 3.82 -41.27 9.58
C GLU D 530 3.80 -42.48 8.66
N GLY D 531 3.67 -42.30 7.36
CA GLY D 531 3.79 -43.41 6.45
C GLY D 531 5.24 -43.76 6.17
N LEU D 532 6.02 -42.75 5.79
CA LEU D 532 7.43 -42.96 5.47
C LEU D 532 8.23 -43.48 6.66
N LEU D 533 7.88 -43.12 7.88
CA LEU D 533 8.57 -43.62 9.06
C LEU D 533 7.60 -44.44 9.88
N ARG D 534 8.07 -45.59 10.40
CA ARG D 534 7.20 -46.59 11.01
C ARG D 534 7.58 -46.81 12.46
N PRO D 535 7.02 -46.05 13.39
CA PRO D 535 7.18 -46.37 14.81
C PRO D 535 6.43 -47.65 15.17
N ARG D 536 6.95 -48.35 16.17
CA ARG D 536 6.26 -49.53 16.69
C ARG D 536 5.24 -49.18 17.76
N ASP D 537 5.05 -47.90 18.05
CA ASP D 537 4.02 -47.43 18.97
C ASP D 537 2.76 -46.95 18.25
N SER D 538 2.35 -47.63 17.19
CA SER D 538 1.24 -47.15 16.38
C SER D 538 -0.09 -47.32 17.12
N ASP D 539 -0.23 -46.60 18.22
CA ASP D 539 -1.50 -46.52 18.93
C ASP D 539 -2.34 -45.40 18.30
N PHE D 540 -3.65 -45.48 18.47
CA PHE D 540 -4.52 -44.44 17.92
C PHE D 540 -4.21 -43.06 18.51
N PRO D 541 -4.14 -42.86 19.85
CA PRO D 541 -3.80 -41.53 20.36
C PRO D 541 -2.40 -41.08 19.97
N SER D 542 -1.44 -42.02 19.97
CA SER D 542 -0.07 -41.67 19.64
C SER D 542 0.03 -41.20 18.19
N ILE D 543 -0.63 -41.91 17.28
CA ILE D 543 -0.66 -41.50 15.88
C ILE D 543 -1.36 -40.15 15.73
N LEU D 544 -2.49 -39.98 16.41
CA LEU D 544 -3.23 -38.72 16.32
C LEU D 544 -2.38 -37.54 16.79
N ARG D 545 -1.64 -37.73 17.88
CA ARG D 545 -0.71 -36.72 18.37
C ARG D 545 0.36 -36.43 17.32
N ARG D 546 1.11 -37.47 16.94
CA ARG D 546 2.27 -37.29 16.08
C ARG D 546 1.92 -36.69 14.73
N VAL D 547 0.69 -36.88 14.24
CA VAL D 547 0.32 -36.42 12.91
C VAL D 547 -0.12 -34.96 12.86
N PHE D 548 -0.78 -34.45 13.90
CA PHE D 548 -1.18 -33.05 13.87
C PHE D 548 -0.41 -32.18 14.86
N TYR D 549 -0.35 -32.60 16.13
CA TYR D 549 0.19 -31.75 17.18
C TYR D 549 1.61 -31.31 16.89
N ARG D 550 2.53 -32.28 16.85
CA ARG D 550 3.94 -31.99 16.58
C ARG D 550 4.17 -31.22 15.29
N PRO D 551 3.59 -31.63 14.13
CA PRO D 551 3.81 -30.82 12.92
C PRO D 551 3.25 -29.42 13.04
N TYR D 552 2.29 -29.22 13.94
CA TYR D 552 1.80 -27.87 14.20
C TYR D 552 2.87 -27.04 14.91
N LEU D 553 3.53 -27.61 15.91
CA LEU D 553 4.63 -26.90 16.58
C LEU D 553 5.87 -26.83 15.71
N GLN D 554 5.90 -27.55 14.60
CA GLN D 554 6.99 -27.43 13.64
C GLN D 554 7.09 -26.05 13.03
N ILE D 555 6.05 -25.23 13.14
CA ILE D 555 5.99 -23.93 12.47
C ILE D 555 6.56 -22.85 13.38
N PHE D 556 6.69 -23.14 14.67
CA PHE D 556 7.00 -22.12 15.66
C PHE D 556 8.31 -22.40 16.40
N GLY D 557 9.31 -22.94 15.71
CA GLY D 557 10.61 -23.17 16.30
C GLY D 557 10.74 -24.46 17.06
N GLN D 558 9.66 -25.23 17.22
CA GLN D 558 9.71 -26.51 17.89
C GLN D 558 9.92 -27.62 16.84
N ILE D 559 11.16 -27.76 16.40
CA ILE D 559 11.52 -28.73 15.38
C ILE D 559 12.13 -29.95 16.07
N PRO D 560 11.48 -31.11 16.03
CA PRO D 560 12.09 -32.33 16.56
C PRO D 560 13.10 -32.95 15.59
N GLN D 561 14.15 -32.20 15.28
CA GLN D 561 15.19 -32.71 14.39
C GLN D 561 15.88 -33.94 14.97
N GLU D 562 16.18 -33.90 16.26
CA GLU D 562 16.75 -35.05 16.95
C GLU D 562 15.78 -36.21 17.07
N ASP D 563 14.50 -35.98 16.77
CA ASP D 563 13.51 -37.05 16.73
C ASP D 563 13.19 -37.53 15.33
N MET D 564 13.66 -36.84 14.29
CA MET D 564 13.34 -37.24 12.92
C MET D 564 14.50 -37.39 11.95
N ASP D 565 15.72 -37.05 12.33
CA ASP D 565 16.83 -37.24 11.42
C ASP D 565 17.72 -38.40 11.86
N VAL D 566 18.11 -39.22 10.89
CA VAL D 566 18.93 -40.41 11.15
C VAL D 566 20.32 -40.05 11.66
N ALA D 567 20.85 -38.89 11.28
CA ALA D 567 22.19 -38.49 11.69
C ALA D 567 22.29 -38.17 13.18
N LEU D 568 21.16 -37.97 13.86
CA LEU D 568 21.18 -37.60 15.27
C LEU D 568 20.68 -38.71 16.18
N MET D 569 20.31 -39.87 15.65
CA MET D 569 19.83 -40.99 16.45
C MET D 569 20.88 -42.09 16.51
N GLU D 570 20.67 -43.01 17.46
CA GLU D 570 21.58 -44.13 17.68
C GLU D 570 20.95 -45.41 17.15
N HIS D 571 21.75 -46.20 16.43
CA HIS D 571 21.24 -47.36 15.71
C HIS D 571 21.11 -48.57 16.64
N SER D 572 19.97 -49.24 16.55
CA SER D 572 19.71 -50.44 17.35
C SER D 572 18.65 -51.28 16.66
N ASN D 573 18.63 -52.57 17.02
CA ASN D 573 17.65 -53.52 16.49
C ASN D 573 16.40 -53.61 17.35
N CYS D 574 15.64 -52.52 17.46
CA CYS D 574 14.49 -52.45 18.35
C CYS D 574 13.23 -53.10 17.77
N SER D 575 13.29 -53.56 16.52
CA SER D 575 12.15 -54.24 15.92
C SER D 575 12.65 -55.49 15.19
N SER D 576 11.76 -56.48 15.09
CA SER D 576 12.11 -57.75 14.47
C SER D 576 11.99 -57.69 12.95
N GLU D 577 11.28 -56.71 12.41
CA GLU D 577 11.13 -56.62 10.96
C GLU D 577 12.48 -56.26 10.33
N PRO D 578 12.87 -56.93 9.25
CA PRO D 578 14.19 -56.67 8.66
C PRO D 578 14.31 -55.23 8.17
N GLY D 579 15.42 -54.60 8.50
CA GLY D 579 15.67 -53.20 8.17
C GLY D 579 16.20 -52.50 9.40
N PHE D 580 16.93 -51.41 9.17
CA PHE D 580 17.49 -50.64 10.27
C PHE D 580 16.44 -49.75 10.90
N TRP D 581 16.50 -49.63 12.23
CA TRP D 581 15.46 -48.90 12.94
C TRP D 581 16.01 -47.70 13.73
N ALA D 582 17.06 -47.92 14.52
CA ALA D 582 17.71 -46.84 15.25
C ALA D 582 16.77 -46.09 16.19
N HIS D 583 16.25 -46.79 17.21
CA HIS D 583 15.34 -46.29 18.23
C HIS D 583 15.64 -44.87 18.66
N PRO D 584 14.64 -43.99 18.73
CA PRO D 584 14.88 -42.58 19.02
C PRO D 584 14.99 -42.33 20.51
N PRO D 585 15.52 -41.17 20.91
CA PRO D 585 15.61 -40.87 22.34
C PRO D 585 14.39 -40.13 22.87
N GLY D 586 13.38 -39.95 22.02
CA GLY D 586 12.22 -39.18 22.39
C GLY D 586 11.25 -39.91 23.30
N ALA D 587 10.13 -39.26 23.62
CA ALA D 587 9.13 -39.83 24.51
C ALA D 587 7.85 -40.29 23.82
N GLN D 588 7.37 -39.53 22.83
CA GLN D 588 6.15 -39.89 22.12
C GLN D 588 6.36 -40.01 20.61
N ALA D 589 7.60 -39.94 20.13
CA ALA D 589 7.89 -40.12 18.72
C ALA D 589 7.93 -41.58 18.31
N GLY D 590 7.47 -42.49 19.18
CA GLY D 590 7.56 -43.91 18.91
C GLY D 590 8.79 -44.52 19.57
N THR D 591 8.74 -45.82 19.84
CA THR D 591 9.88 -46.48 20.46
C THR D 591 10.85 -47.05 19.43
N CYS D 592 10.42 -47.22 18.19
CA CYS D 592 11.25 -47.87 17.18
C CYS D 592 10.88 -47.30 15.81
N VAL D 593 11.61 -46.27 15.37
CA VAL D 593 11.33 -45.60 14.10
C VAL D 593 12.02 -46.33 12.97
N SER D 594 11.64 -46.01 11.72
CA SER D 594 12.21 -46.62 10.54
C SER D 594 13.04 -45.59 9.79
N GLN D 595 14.13 -46.03 9.16
CA GLN D 595 15.09 -45.12 8.56
C GLN D 595 15.39 -45.42 7.09
N TYR D 596 14.61 -46.28 6.44
CA TYR D 596 14.91 -46.76 5.10
C TYR D 596 15.18 -45.62 4.11
N ALA D 597 14.26 -44.66 4.05
CA ALA D 597 14.40 -43.52 3.15
C ALA D 597 14.62 -42.21 3.90
N ASN D 598 15.45 -42.21 4.95
CA ASN D 598 15.55 -41.06 5.82
C ASN D 598 16.09 -39.84 5.07
N TRP D 599 16.79 -40.06 3.96
CA TRP D 599 17.16 -38.97 3.08
C TRP D 599 15.91 -38.30 2.49
N LEU D 600 14.97 -39.11 2.02
CA LEU D 600 13.70 -38.57 1.53
C LEU D 600 12.91 -37.93 2.67
N VAL D 601 13.07 -38.47 3.88
CA VAL D 601 12.41 -37.92 5.06
C VAL D 601 12.89 -36.49 5.27
N VAL D 602 14.21 -36.31 5.23
CA VAL D 602 14.80 -34.99 5.40
C VAL D 602 14.35 -34.06 4.28
N LEU D 603 14.32 -34.56 3.04
CA LEU D 603 13.91 -33.73 1.92
C LEU D 603 12.46 -33.26 2.08
N LEU D 604 11.56 -34.17 2.49
CA LEU D 604 10.17 -33.79 2.68
C LEU D 604 10.03 -32.81 3.84
N LEU D 605 10.84 -32.98 4.89
CA LEU D 605 10.83 -32.02 5.99
C LEU D 605 11.25 -30.63 5.50
N VAL D 606 12.27 -30.59 4.64
CA VAL D 606 12.69 -29.31 4.06
C VAL D 606 11.58 -28.69 3.23
N ILE D 607 10.89 -29.51 2.44
CA ILE D 607 9.78 -29.00 1.63
C ILE D 607 8.68 -28.44 2.52
N PHE D 608 8.35 -29.14 3.61
CA PHE D 608 7.37 -28.64 4.57
C PHE D 608 7.80 -27.31 5.16
N LEU D 609 9.06 -27.21 5.58
CA LEU D 609 9.52 -25.96 6.19
C LEU D 609 9.48 -24.83 5.18
N LEU D 610 9.81 -25.12 3.91
CA LEU D 610 9.75 -24.11 2.88
C LEU D 610 8.32 -23.63 2.62
N VAL D 611 7.38 -24.56 2.50
CA VAL D 611 6.01 -24.18 2.16
C VAL D 611 5.34 -23.47 3.33
N ALA D 612 5.49 -24.01 4.53
CA ALA D 612 4.69 -23.53 5.66
C ALA D 612 5.21 -22.20 6.20
N ASN D 613 6.49 -22.15 6.56
CA ASN D 613 6.99 -20.99 7.29
C ASN D 613 7.30 -19.82 6.36
N ILE D 614 7.22 -20.03 5.06
CA ILE D 614 7.44 -18.93 4.11
C ILE D 614 6.15 -18.58 3.39
N LEU D 615 5.60 -19.54 2.64
CA LEU D 615 4.53 -19.21 1.71
C LEU D 615 3.26 -18.78 2.44
N LEU D 616 2.71 -19.68 3.26
CA LEU D 616 1.38 -19.48 3.81
C LEU D 616 1.34 -18.26 4.72
N VAL D 617 2.28 -18.17 5.65
CA VAL D 617 2.24 -17.10 6.66
C VAL D 617 2.39 -15.74 5.99
N ASN D 618 3.30 -15.63 5.02
CA ASN D 618 3.58 -14.35 4.41
C ASN D 618 2.46 -13.93 3.45
N LEU D 619 1.89 -14.90 2.74
CA LEU D 619 0.71 -14.59 1.94
C LEU D 619 -0.42 -14.11 2.84
N LEU D 620 -0.57 -14.71 4.02
CA LEU D 620 -1.57 -14.23 4.96
C LEU D 620 -1.24 -12.83 5.45
N ILE D 621 0.05 -12.52 5.61
CA ILE D 621 0.47 -11.17 5.98
C ILE D 621 -0.02 -10.17 4.96
N ALA D 622 0.23 -10.46 3.68
CA ALA D 622 -0.28 -9.61 2.61
C ALA D 622 -1.79 -9.50 2.63
N MET D 623 -2.47 -10.62 2.94
CA MET D 623 -3.92 -10.63 3.03
C MET D 623 -4.45 -9.69 4.11
N PHE D 624 -3.88 -9.74 5.32
CA PHE D 624 -4.20 -8.74 6.33
C PHE D 624 -3.89 -7.32 5.89
N SER D 625 -2.73 -7.08 5.27
CA SER D 625 -2.42 -5.72 4.86
C SER D 625 -3.46 -5.17 3.90
N TYR D 626 -3.84 -5.97 2.89
CA TYR D 626 -4.87 -5.58 1.95
C TYR D 626 -6.22 -5.33 2.63
N THR D 627 -6.70 -6.28 3.43
CA THR D 627 -8.01 -6.16 4.04
C THR D 627 -8.06 -5.09 5.12
N PHE D 628 -6.91 -4.72 5.69
CA PHE D 628 -6.82 -3.56 6.55
C PHE D 628 -6.86 -2.25 5.79
N GLY D 629 -6.19 -2.19 4.65
CA GLY D 629 -6.24 -0.98 3.86
C GLY D 629 -7.58 -0.72 3.21
N LYS D 630 -8.39 -1.75 2.96
CA LYS D 630 -9.62 -1.54 2.20
C LYS D 630 -10.89 -1.32 3.03
N VAL D 631 -10.84 -1.41 4.36
CA VAL D 631 -12.10 -1.33 5.10
C VAL D 631 -11.99 -0.38 6.29
N GLN D 632 -10.89 0.38 6.37
CA GLN D 632 -10.65 1.18 7.57
C GLN D 632 -11.65 2.33 7.71
N GLY D 633 -12.01 2.99 6.61
CA GLY D 633 -12.97 4.08 6.67
C GLY D 633 -14.36 3.63 7.06
N ASN D 634 -14.79 2.52 6.45
CA ASN D 634 -16.07 1.92 6.82
C ASN D 634 -16.06 1.49 8.28
N SER D 635 -14.93 0.97 8.75
CA SER D 635 -14.78 0.65 10.16
C SER D 635 -14.92 1.89 11.04
N ASP D 636 -14.33 3.01 10.64
CA ASP D 636 -14.47 4.24 11.41
C ASP D 636 -15.92 4.72 11.48
N LEU D 637 -16.63 4.72 10.36
CA LEU D 637 -18.02 5.19 10.39
C LEU D 637 -18.89 4.23 11.19
N TYR D 638 -18.67 2.92 11.01
CA TYR D 638 -19.42 1.95 11.81
C TYR D 638 -19.08 2.09 13.28
N TRP D 639 -17.85 2.49 13.59
CA TRP D 639 -17.49 2.79 14.97
C TRP D 639 -18.24 3.98 15.51
N LYS D 640 -18.40 5.04 14.70
CA LYS D 640 -19.23 6.16 15.13
C LYS D 640 -20.62 5.65 15.51
N ALA D 641 -21.21 4.87 14.61
CA ALA D 641 -22.55 4.35 14.84
C ALA D 641 -22.60 3.47 16.10
N GLN D 642 -21.63 2.58 16.24
CA GLN D 642 -21.61 1.62 17.34
C GLN D 642 -21.36 2.33 18.67
N ARG D 643 -20.54 3.37 18.66
CA ARG D 643 -20.29 4.18 19.83
C ARG D 643 -21.58 4.88 20.25
N TYR D 644 -22.33 5.37 19.27
CA TYR D 644 -23.60 6.01 19.59
C TYR D 644 -24.56 5.00 20.22
N ARG D 645 -24.60 3.78 19.68
CA ARG D 645 -25.43 2.72 20.21
C ARG D 645 -25.01 2.37 21.64
N LEU D 646 -23.70 2.32 21.86
CA LEU D 646 -23.13 1.94 23.14
C LEU D 646 -23.45 2.97 24.22
N ILE D 647 -23.26 4.24 23.91
CA ILE D 647 -23.62 5.28 24.88
C ILE D 647 -25.12 5.32 25.08
N ARG D 648 -25.90 4.92 24.05
CA ARG D 648 -27.33 4.80 24.26
C ARG D 648 -27.66 3.76 25.33
N GLU D 649 -27.01 2.58 25.27
CA GLU D 649 -27.28 1.61 26.33
C GLU D 649 -26.79 2.10 27.68
N PHE D 650 -25.59 2.69 27.74
CA PHE D 650 -25.10 3.18 29.02
C PHE D 650 -25.90 4.35 29.58
N HIS D 651 -26.64 5.08 28.76
CA HIS D 651 -27.56 6.06 29.30
C HIS D 651 -28.77 5.42 29.95
N SER D 652 -29.18 4.24 29.48
CA SER D 652 -30.30 3.50 30.07
C SER D 652 -29.86 2.56 31.18
N ARG D 653 -28.56 2.37 31.36
CA ARG D 653 -28.06 1.49 32.39
C ARG D 653 -28.33 2.06 33.79
N PRO D 654 -28.55 1.19 34.77
CA PRO D 654 -28.79 1.67 36.14
C PRO D 654 -27.56 2.32 36.75
N ALA D 655 -27.80 3.21 37.71
CA ALA D 655 -26.73 4.01 38.29
C ALA D 655 -25.73 3.14 39.04
N LEU D 656 -26.22 2.14 39.77
CA LEU D 656 -25.35 1.40 40.66
C LEU D 656 -24.47 0.42 39.88
N ALA D 657 -23.51 -0.16 40.58
CA ALA D 657 -22.48 -1.02 40.02
C ALA D 657 -22.75 -2.48 40.36
N PRO D 658 -22.24 -3.40 39.54
CA PRO D 658 -22.55 -4.85 39.71
C PRO D 658 -22.33 -5.39 41.11
N PRO D 659 -21.31 -4.95 41.87
CA PRO D 659 -21.25 -5.42 43.26
C PRO D 659 -22.45 -5.03 44.09
N PHE D 660 -22.90 -3.78 44.00
CA PHE D 660 -24.05 -3.33 44.78
C PHE D 660 -25.26 -3.08 43.92
N ILE D 661 -25.27 -3.68 42.72
CA ILE D 661 -26.35 -3.56 41.75
C ILE D 661 -27.64 -4.18 42.29
N VAL D 662 -27.56 -4.94 43.38
CA VAL D 662 -28.71 -5.62 43.97
C VAL D 662 -29.70 -4.59 44.50
N ILE D 663 -29.18 -3.46 45.00
CA ILE D 663 -30.05 -2.36 45.44
C ILE D 663 -30.85 -1.77 44.29
N SER D 664 -30.23 -1.53 43.13
CA SER D 664 -30.95 -1.10 41.95
C SER D 664 -31.90 -2.15 41.40
N HIS D 665 -31.54 -3.44 41.46
CA HIS D 665 -32.50 -4.48 41.12
C HIS D 665 -33.71 -4.51 42.03
N LEU D 666 -33.52 -4.40 43.34
CA LEU D 666 -34.66 -4.35 44.24
C LEU D 666 -35.46 -3.07 44.09
N ARG D 667 -34.83 -1.99 43.65
CA ARG D 667 -35.55 -0.79 43.26
C ARG D 667 -36.40 -0.97 42.02
N LEU D 668 -35.84 -1.51 40.93
CA LEU D 668 -36.60 -1.68 39.70
C LEU D 668 -37.68 -2.75 39.85
N LEU D 669 -37.35 -3.85 40.54
CA LEU D 669 -38.38 -4.80 40.91
C LEU D 669 -39.43 -4.15 41.78
N LEU D 670 -39.02 -3.35 42.76
CA LEU D 670 -39.96 -2.49 43.46
C LEU D 670 -40.65 -1.51 42.54
N ARG D 671 -39.92 -0.90 41.60
CA ARG D 671 -40.57 -0.11 40.56
C ARG D 671 -41.56 -0.92 39.74
N GLN D 672 -41.40 -2.25 39.73
CA GLN D 672 -42.42 -3.14 39.20
C GLN D 672 -43.30 -3.71 40.30
N LEU D 673 -42.84 -3.69 41.55
CA LEU D 673 -43.67 -4.13 42.67
C LEU D 673 -44.34 -2.98 43.39
N CYS D 674 -43.99 -1.73 43.07
CA CYS D 674 -44.73 -0.56 43.55
C CYS D 674 -45.66 0.00 42.50
N ARG D 675 -45.50 -0.40 41.24
CA ARG D 675 -46.47 -0.07 40.20
C ARG D 675 -47.72 -0.92 40.27
N ARG D 676 -47.63 -2.10 40.87
CA ARG D 676 -48.84 -2.89 41.14
C ARG D 676 -49.78 -2.20 42.13
N PRO D 677 -49.32 -1.68 43.28
CA PRO D 677 -50.23 -0.90 44.14
C PRO D 677 -50.52 0.51 43.64
N ARG D 678 -49.65 1.08 42.81
CA ARG D 678 -49.94 2.38 42.22
C ARG D 678 -50.78 2.24 40.96
N HIS D 689 -35.25 9.36 25.26
CA HIS D 689 -34.51 9.02 26.47
C HIS D 689 -33.83 10.25 27.08
N PHE D 690 -33.40 11.18 26.23
CA PHE D 690 -32.96 12.49 26.72
C PHE D 690 -34.16 13.40 26.98
N ARG D 691 -34.92 13.70 25.92
CA ARG D 691 -36.18 14.41 26.02
C ARG D 691 -36.05 15.76 26.73
N VAL D 692 -35.30 16.68 26.14
CA VAL D 692 -35.21 18.04 26.67
C VAL D 692 -36.37 18.87 26.11
N TYR D 693 -37.11 19.52 27.01
CA TYR D 693 -38.32 20.22 26.64
C TYR D 693 -37.98 21.49 25.87
N LEU D 694 -38.79 21.80 24.85
CA LEU D 694 -38.69 23.03 24.09
C LEU D 694 -39.97 23.85 24.27
N SER D 695 -39.90 25.12 23.89
CA SER D 695 -40.95 26.08 24.24
C SER D 695 -41.78 26.43 23.00
N LYS D 696 -43.03 26.82 23.23
CA LYS D 696 -43.87 27.42 22.19
C LYS D 696 -43.29 28.78 21.83
N GLU D 697 -43.46 29.16 20.56
CA GLU D 697 -43.02 30.39 19.89
C GLU D 697 -41.50 30.44 19.85
N ALA D 698 -40.87 29.52 20.57
CA ALA D 698 -39.51 29.08 20.27
C ALA D 698 -39.63 28.04 19.18
N GLU D 699 -40.76 27.33 19.17
CA GLU D 699 -41.14 26.46 18.06
C GLU D 699 -41.07 27.23 16.75
N ARG D 700 -41.83 28.31 16.64
CA ARG D 700 -41.84 29.11 15.40
C ARG D 700 -40.48 29.76 15.19
N LYS D 701 -39.80 30.14 16.27
CA LYS D 701 -38.48 30.75 16.13
C LYS D 701 -37.52 29.79 15.43
N LEU D 702 -37.41 28.57 15.93
CA LEU D 702 -36.51 27.58 15.35
C LEU D 702 -37.00 27.18 13.97
N LEU D 703 -38.33 27.11 13.77
CA LEU D 703 -38.90 26.77 12.47
C LEU D 703 -38.47 27.79 11.42
N THR D 704 -38.68 29.06 11.72
CA THR D 704 -38.33 30.13 10.78
C THR D 704 -36.82 30.23 10.62
N TRP D 705 -36.08 29.97 11.69
CA TRP D 705 -34.62 30.02 11.63
C TRP D 705 -34.08 28.95 10.68
N GLU D 706 -34.52 27.71 10.88
CA GLU D 706 -34.10 26.61 10.04
C GLU D 706 -34.64 26.78 8.62
N SER D 707 -35.79 27.43 8.47
CA SER D 707 -36.34 27.67 7.14
C SER D 707 -35.55 28.73 6.40
N VAL D 708 -35.14 29.79 7.10
CA VAL D 708 -34.30 30.82 6.51
C VAL D 708 -32.97 30.20 6.12
N HIS D 709 -32.41 29.39 7.00
CA HIS D 709 -31.13 28.75 6.71
C HIS D 709 -31.29 27.76 5.56
N LYS D 710 -32.43 27.08 5.47
CA LYS D 710 -32.68 26.14 4.40
C LYS D 710 -32.85 26.87 3.07
N GLU D 711 -33.45 28.06 3.09
CA GLU D 711 -33.61 28.78 1.83
C GLU D 711 -32.29 29.43 1.41
N ASN D 712 -31.46 29.82 2.39
CA ASN D 712 -30.10 30.21 2.06
C ASN D 712 -29.31 29.04 1.49
N PHE D 713 -29.56 27.84 2.00
CA PHE D 713 -28.90 26.65 1.47
C PHE D 713 -29.37 26.34 0.06
N LEU D 714 -30.67 26.45 -0.19
CA LEU D 714 -31.19 26.29 -1.54
C LEU D 714 -30.64 27.34 -2.50
N LEU D 715 -30.52 28.59 -2.05
CA LEU D 715 -29.91 29.60 -2.89
C LEU D 715 -28.42 29.36 -3.10
N ALA D 716 -27.71 28.84 -2.10
CA ALA D 716 -26.31 28.49 -2.27
C ALA D 716 -26.14 27.38 -3.29
N ARG D 717 -26.95 26.33 -3.20
CA ARG D 717 -26.93 25.28 -4.21
C ARG D 717 -27.39 25.76 -5.58
N ALA D 718 -28.41 26.61 -5.64
CA ALA D 718 -28.86 27.16 -6.90
C ALA D 718 -27.76 27.97 -7.57
N ARG D 719 -27.07 28.82 -6.82
CA ARG D 719 -25.94 29.52 -7.41
C ARG D 719 -24.77 28.58 -7.65
N ASP D 720 -24.52 27.60 -6.79
CA ASP D 720 -23.43 26.66 -7.07
C ASP D 720 -23.62 25.95 -8.40
N LYS D 721 -24.85 25.50 -8.69
CA LYS D 721 -25.19 25.13 -10.06
C LYS D 721 -25.44 26.33 -10.96
N ARG D 722 -24.94 27.51 -10.58
CA ARG D 722 -24.92 28.64 -11.50
C ARG D 722 -23.49 29.15 -11.74
N GLU D 723 -22.50 28.60 -11.03
CA GLU D 723 -21.13 28.73 -11.54
C GLU D 723 -20.46 27.38 -11.78
N SER D 724 -21.17 26.26 -11.60
CA SER D 724 -20.57 24.97 -11.92
C SER D 724 -20.22 24.92 -13.40
N ASP D 725 -19.12 24.26 -13.76
CA ASP D 725 -18.62 24.34 -15.13
C ASP D 725 -19.56 23.66 -16.12
N SER D 726 -20.10 22.50 -15.75
CA SER D 726 -21.00 21.79 -16.67
C SER D 726 -22.27 22.59 -16.93
N GLU D 727 -22.91 23.11 -15.88
CA GLU D 727 -24.09 23.93 -16.07
C GLU D 727 -23.76 25.27 -16.73
N ARG D 728 -22.54 25.77 -16.57
CA ARG D 728 -22.16 26.99 -17.28
C ARG D 728 -22.01 26.72 -18.77
N LEU D 729 -21.47 25.56 -19.14
CA LEU D 729 -21.51 25.14 -20.54
C LEU D 729 -22.95 24.99 -21.02
N LYS D 730 -23.82 24.48 -20.15
CA LYS D 730 -25.24 24.35 -20.50
C LYS D 730 -25.86 25.71 -20.78
N ARG D 731 -25.69 26.68 -19.87
CA ARG D 731 -26.25 28.00 -20.06
C ARG D 731 -25.59 28.75 -21.22
N THR D 732 -24.30 28.52 -21.46
CA THR D 732 -23.63 29.14 -22.59
C THR D 732 -24.14 28.56 -23.90
N SER D 733 -24.42 27.25 -23.93
CA SER D 733 -25.04 26.65 -25.10
C SER D 733 -26.44 27.21 -25.32
N GLN D 734 -27.19 27.40 -24.24
CA GLN D 734 -28.50 28.02 -24.35
C GLN D 734 -28.40 29.44 -24.89
N LYS D 735 -27.44 30.22 -24.40
CA LYS D 735 -27.24 31.56 -24.92
C LYS D 735 -26.82 31.56 -26.38
N VAL D 736 -25.92 30.65 -26.78
CA VAL D 736 -25.42 30.67 -28.15
C VAL D 736 -26.49 30.20 -29.13
N ASP D 737 -27.28 29.17 -28.79
CA ASP D 737 -28.31 28.79 -29.74
C ASP D 737 -29.53 29.70 -29.68
N LEU D 738 -29.73 30.41 -28.56
CA LEU D 738 -30.69 31.52 -28.58
C LEU D 738 -30.21 32.63 -29.50
N ALA D 739 -28.90 32.90 -29.50
CA ALA D 739 -28.35 33.85 -30.44
C ALA D 739 -28.54 33.38 -31.88
N LEU D 740 -28.37 32.09 -32.11
CA LEU D 740 -28.62 31.51 -33.43
C LEU D 740 -30.07 31.72 -33.85
N LYS D 741 -31.00 31.46 -32.94
CA LYS D 741 -32.42 31.65 -33.21
C LYS D 741 -32.75 33.10 -33.51
N GLN D 742 -32.19 34.03 -32.73
CA GLN D 742 -32.51 35.44 -32.93
C GLN D 742 -31.85 35.99 -34.19
N LEU D 743 -30.69 35.45 -34.56
CA LEU D 743 -30.08 35.75 -35.84
C LEU D 743 -30.93 35.15 -36.97
N GLY D 744 -31.55 34.01 -36.69
CA GLY D 744 -32.51 33.43 -37.61
C GLY D 744 -33.72 34.33 -37.76
N HIS D 745 -34.09 35.03 -36.67
CA HIS D 745 -35.23 35.93 -36.72
C HIS D 745 -34.90 37.21 -37.48
N ILE D 746 -33.63 37.45 -37.80
CA ILE D 746 -33.24 38.65 -38.53
C ILE D 746 -32.62 38.29 -39.88
N ARG D 747 -32.57 37.01 -40.23
CA ARG D 747 -32.00 36.56 -41.50
C ARG D 747 -32.76 37.12 -42.69
N GLU D 748 -34.07 37.36 -42.51
CA GLU D 748 -34.89 37.82 -43.62
C GLU D 748 -34.49 39.20 -44.12
N TYR D 749 -33.70 39.94 -43.33
CA TYR D 749 -33.25 41.27 -43.72
C TYR D 749 -32.40 41.21 -44.99
#